data_3B2F
# 
_entry.id   3B2F 
# 
_audit_conform.dict_name       mmcif_pdbx.dic 
_audit_conform.dict_version    5.388 
_audit_conform.dict_location   http://mmcif.pdb.org/dictionaries/ascii/mmcif_pdbx.dic 
# 
loop_
_database_2.database_id 
_database_2.database_code 
_database_2.pdbx_database_accession 
_database_2.pdbx_DOI 
PDB   3B2F         pdb_00003b2f 10.2210/pdb3b2f/pdb 
RCSB  RCSB029993   ?            ?                   
WWPDB D_1000029993 ?            ?                   
# 
loop_
_pdbx_audit_revision_history.ordinal 
_pdbx_audit_revision_history.data_content_type 
_pdbx_audit_revision_history.major_revision 
_pdbx_audit_revision_history.minor_revision 
_pdbx_audit_revision_history.revision_date 
1 'Structure model' 1 0 2012-06-13 
2 'Structure model' 1 1 2024-03-13 
# 
_pdbx_audit_revision_details.ordinal             1 
_pdbx_audit_revision_details.revision_ordinal    1 
_pdbx_audit_revision_details.data_content_type   'Structure model' 
_pdbx_audit_revision_details.provider            repository 
_pdbx_audit_revision_details.type                'Initial release' 
_pdbx_audit_revision_details.description         ? 
_pdbx_audit_revision_details.details             ? 
# 
loop_
_pdbx_audit_revision_group.ordinal 
_pdbx_audit_revision_group.revision_ordinal 
_pdbx_audit_revision_group.data_content_type 
_pdbx_audit_revision_group.group 
1 2 'Structure model' 'Data collection'      
2 2 'Structure model' 'Database references'  
3 2 'Structure model' 'Derived calculations' 
# 
loop_
_pdbx_audit_revision_category.ordinal 
_pdbx_audit_revision_category.revision_ordinal 
_pdbx_audit_revision_category.data_content_type 
_pdbx_audit_revision_category.category 
1 2 'Structure model' chem_comp_atom         
2 2 'Structure model' chem_comp_bond         
3 2 'Structure model' database_2             
4 2 'Structure model' pdbx_struct_conn_angle 
5 2 'Structure model' struct_conn            
6 2 'Structure model' struct_site            
# 
loop_
_pdbx_audit_revision_item.ordinal 
_pdbx_audit_revision_item.revision_ordinal 
_pdbx_audit_revision_item.data_content_type 
_pdbx_audit_revision_item.item 
1  2 'Structure model' '_database_2.pdbx_DOI'                        
2  2 'Structure model' '_database_2.pdbx_database_accession'         
3  2 'Structure model' '_pdbx_struct_conn_angle.ptnr1_auth_asym_id'  
4  2 'Structure model' '_pdbx_struct_conn_angle.ptnr1_auth_seq_id'   
5  2 'Structure model' '_pdbx_struct_conn_angle.ptnr1_label_asym_id' 
6  2 'Structure model' '_pdbx_struct_conn_angle.ptnr1_label_seq_id'  
7  2 'Structure model' '_pdbx_struct_conn_angle.ptnr2_auth_asym_id'  
8  2 'Structure model' '_pdbx_struct_conn_angle.ptnr2_label_asym_id' 
9  2 'Structure model' '_pdbx_struct_conn_angle.ptnr2_label_atom_id' 
10 2 'Structure model' '_pdbx_struct_conn_angle.ptnr3_auth_asym_id'  
11 2 'Structure model' '_pdbx_struct_conn_angle.ptnr3_auth_seq_id'   
12 2 'Structure model' '_pdbx_struct_conn_angle.ptnr3_label_asym_id' 
13 2 'Structure model' '_pdbx_struct_conn_angle.ptnr3_label_seq_id'  
14 2 'Structure model' '_pdbx_struct_conn_angle.value'               
15 2 'Structure model' '_struct_conn.pdbx_dist_value'                
16 2 'Structure model' '_struct_conn.ptnr1_auth_asym_id'             
17 2 'Structure model' '_struct_conn.ptnr1_auth_seq_id'              
18 2 'Structure model' '_struct_conn.ptnr1_label_asym_id'            
19 2 'Structure model' '_struct_conn.ptnr1_label_seq_id'             
20 2 'Structure model' '_struct_conn.ptnr2_auth_asym_id'             
21 2 'Structure model' '_struct_conn.ptnr2_label_asym_id'            
22 2 'Structure model' '_struct_conn.ptnr2_label_atom_id'            
23 2 'Structure model' '_struct_site.pdbx_auth_asym_id'              
24 2 'Structure model' '_struct_site.pdbx_auth_comp_id'              
25 2 'Structure model' '_struct_site.pdbx_auth_seq_id'               
# 
_pdbx_database_status.status_code                     REL 
_pdbx_database_status.entry_id                        3B2F 
_pdbx_database_status.recvd_initial_deposition_date   2011-08-01 
_pdbx_database_status.deposit_site                    PDBJ 
_pdbx_database_status.process_site                    PDBJ 
_pdbx_database_status.status_code_sf                  REL 
_pdbx_database_status.status_code_mr                  ? 
_pdbx_database_status.SG_entry                        ? 
_pdbx_database_status.status_code_cs                  ? 
_pdbx_database_status.pdb_format_compatible           Y 
_pdbx_database_status.status_code_nmr_data            ? 
_pdbx_database_status.methods_development_category    ? 
# 
loop_
_pdbx_database_related.db_name 
_pdbx_database_related.db_id 
_pdbx_database_related.details 
_pdbx_database_related.content_type 
PDB 1GAQ 'complex between maize Fd1 and Fd-NADP+ reductase' unspecified 
PDB 3B2G .                                                  unspecified 
# 
loop_
_audit_author.name 
_audit_author.pdbx_ordinal 
'Kurisu, G.' 1 
'Hase, T.'   2 
# 
_citation.id                        primary 
_citation.title                     
;A new structural insight into differential interaction of cyanobacterial and plant ferredoxins with nitrite reductase as revealed by NMR and X-ray crystallographic studies
;
_citation.journal_abbrev            J.Biochem. 
_citation.journal_volume            151 
_citation.page_first                483 
_citation.page_last                 492 
_citation.year                      2012 
_citation.journal_id_ASTM           ? 
_citation.country                   JP 
_citation.journal_id_ISSN           0021-924X 
_citation.journal_id_CSD            ? 
_citation.book_publisher            ? 
_citation.pdbx_database_id_PubMed   22427434 
_citation.pdbx_database_id_DOI      10.1093/jb/mvs028 
# 
loop_
_citation_author.citation_id 
_citation_author.name 
_citation_author.ordinal 
_citation_author.identifier_ORCID 
primary 'Sakakibara, Y.' 1 ? 
primary 'Kimura, H.'     2 ? 
primary 'Iwamura, A.'    3 ? 
primary 'Saitoh, T.'     4 ? 
primary 'Ikegami, T.'    5 ? 
primary 'Kurisu, G.'     6 ? 
primary 'Hase, T.'       7 ? 
# 
loop_
_entity.id 
_entity.type 
_entity.src_method 
_entity.pdbx_description 
_entity.formula_weight 
_entity.pdbx_number_of_molecules 
_entity.pdbx_ec 
_entity.pdbx_mutation 
_entity.pdbx_fragment 
_entity.details 
1 polymer     man 'Ferredoxin-1, chloroplastic' 10518.369 2   ? ? ? ? 
2 non-polymer syn 'FE2/S2 (INORGANIC) CLUSTER'  175.820   2   ? ? ? ? 
3 water       nat water                         18.015    129 ? ? ? ? 
# 
_entity_name_com.entity_id   1 
_entity_name_com.name        'Ferredoxin I, Fd I' 
# 
_entity_poly.entity_id                      1 
_entity_poly.type                           'polypeptide(L)' 
_entity_poly.nstd_linkage                   no 
_entity_poly.nstd_monomer                   no 
_entity_poly.pdbx_seq_one_letter_code       
;ATYNVKLITPEGEVELQVPDDVYILDQAEEDGIDLPYSCRAGSCSSCAGKVVSGSVDQSDQSYLDDGQIADGWVLTCHAY
PTSDVVIETHKEEELTGA
;
_entity_poly.pdbx_seq_one_letter_code_can   
;ATYNVKLITPEGEVELQVPDDVYILDQAEEDGIDLPYSCRAGSCSSCAGKVVSGSVDQSDQSYLDDGQIADGWVLTCHAY
PTSDVVIETHKEEELTGA
;
_entity_poly.pdbx_strand_id                 A,B 
_entity_poly.pdbx_target_identifier         ? 
# 
loop_
_pdbx_entity_nonpoly.entity_id 
_pdbx_entity_nonpoly.name 
_pdbx_entity_nonpoly.comp_id 
2 'FE2/S2 (INORGANIC) CLUSTER' FES 
3 water                        HOH 
# 
loop_
_entity_poly_seq.entity_id 
_entity_poly_seq.num 
_entity_poly_seq.mon_id 
_entity_poly_seq.hetero 
1 1  ALA n 
1 2  THR n 
1 3  TYR n 
1 4  ASN n 
1 5  VAL n 
1 6  LYS n 
1 7  LEU n 
1 8  ILE n 
1 9  THR n 
1 10 PRO n 
1 11 GLU n 
1 12 GLY n 
1 13 GLU n 
1 14 VAL n 
1 15 GLU n 
1 16 LEU n 
1 17 GLN n 
1 18 VAL n 
1 19 PRO n 
1 20 ASP n 
1 21 ASP n 
1 22 VAL n 
1 23 TYR n 
1 24 ILE n 
1 25 LEU n 
1 26 ASP n 
1 27 GLN n 
1 28 ALA n 
1 29 GLU n 
1 30 GLU n 
1 31 ASP n 
1 32 GLY n 
1 33 ILE n 
1 34 ASP n 
1 35 LEU n 
1 36 PRO n 
1 37 TYR n 
1 38 SER n 
1 39 CYS n 
1 40 ARG n 
1 41 ALA n 
1 42 GLY n 
1 43 SER n 
1 44 CYS n 
1 45 SER n 
1 46 SER n 
1 47 CYS n 
1 48 ALA n 
1 49 GLY n 
1 50 LYS n 
1 51 VAL n 
1 52 VAL n 
1 53 SER n 
1 54 GLY n 
1 55 SER n 
1 56 VAL n 
1 57 ASP n 
1 58 GLN n 
1 59 SER n 
1 60 ASP n 
1 61 GLN n 
1 62 SER n 
1 63 TYR n 
1 64 LEU n 
1 65 ASP n 
1 66 ASP n 
1 67 GLY n 
1 68 GLN n 
1 69 ILE n 
1 70 ALA n 
1 71 ASP n 
1 72 GLY n 
1 73 TRP n 
1 74 VAL n 
1 75 LEU n 
1 76 THR n 
1 77 CYS n 
1 78 HIS n 
1 79 ALA n 
1 80 TYR n 
1 81 PRO n 
1 82 THR n 
1 83 SER n 
1 84 ASP n 
1 85 VAL n 
1 86 VAL n 
1 87 ILE n 
1 88 GLU n 
1 89 THR n 
1 90 HIS n 
1 91 LYS n 
1 92 GLU n 
1 93 GLU n 
1 94 GLU n 
1 95 LEU n 
1 96 THR n 
1 97 GLY n 
1 98 ALA n 
# 
_entity_src_gen.entity_id                          1 
_entity_src_gen.pdbx_src_id                        1 
_entity_src_gen.pdbx_alt_source_flag               sample 
_entity_src_gen.pdbx_seq_type                      ? 
_entity_src_gen.pdbx_beg_seq_num                   ? 
_entity_src_gen.pdbx_end_seq_num                   ? 
_entity_src_gen.gene_src_common_name               maize 
_entity_src_gen.gene_src_genus                     ? 
_entity_src_gen.pdbx_gene_src_gene                 'FDX1, PFD1' 
_entity_src_gen.gene_src_species                   ? 
_entity_src_gen.gene_src_strain                    ? 
_entity_src_gen.gene_src_tissue                    ? 
_entity_src_gen.gene_src_tissue_fraction           ? 
_entity_src_gen.gene_src_details                   ? 
_entity_src_gen.pdbx_gene_src_fragment             ? 
_entity_src_gen.pdbx_gene_src_scientific_name      'Zea mays' 
_entity_src_gen.pdbx_gene_src_ncbi_taxonomy_id     4577 
_entity_src_gen.pdbx_gene_src_variant              ? 
_entity_src_gen.pdbx_gene_src_cell_line            ? 
_entity_src_gen.pdbx_gene_src_atcc                 ? 
_entity_src_gen.pdbx_gene_src_organ                ? 
_entity_src_gen.pdbx_gene_src_organelle            ? 
_entity_src_gen.pdbx_gene_src_cell                 ? 
_entity_src_gen.pdbx_gene_src_cellular_location    ? 
_entity_src_gen.host_org_common_name               ? 
_entity_src_gen.pdbx_host_org_scientific_name      'Escherichia coli' 
_entity_src_gen.pdbx_host_org_ncbi_taxonomy_id     562 
_entity_src_gen.host_org_genus                     ? 
_entity_src_gen.pdbx_host_org_gene                 ? 
_entity_src_gen.pdbx_host_org_organ                ? 
_entity_src_gen.host_org_species                   ? 
_entity_src_gen.pdbx_host_org_tissue               ? 
_entity_src_gen.pdbx_host_org_tissue_fraction      ? 
_entity_src_gen.pdbx_host_org_strain               ? 
_entity_src_gen.pdbx_host_org_variant              ? 
_entity_src_gen.pdbx_host_org_cell_line            ? 
_entity_src_gen.pdbx_host_org_atcc                 ? 
_entity_src_gen.pdbx_host_org_culture_collection   ? 
_entity_src_gen.pdbx_host_org_cell                 ? 
_entity_src_gen.pdbx_host_org_organelle            ? 
_entity_src_gen.pdbx_host_org_cellular_location    ? 
_entity_src_gen.pdbx_host_org_vector_type          plasmid 
_entity_src_gen.pdbx_host_org_vector               ? 
_entity_src_gen.host_org_details                   ? 
_entity_src_gen.expression_system_id               ? 
_entity_src_gen.plasmid_name                       ? 
_entity_src_gen.plasmid_details                    ? 
_entity_src_gen.pdbx_description                   ? 
# 
loop_
_chem_comp.id 
_chem_comp.type 
_chem_comp.mon_nstd_flag 
_chem_comp.name 
_chem_comp.pdbx_synonyms 
_chem_comp.formula 
_chem_comp.formula_weight 
ALA 'L-peptide linking' y ALANINE                      ? 'C3 H7 N O2'     89.093  
ARG 'L-peptide linking' y ARGININE                     ? 'C6 H15 N4 O2 1' 175.209 
ASN 'L-peptide linking' y ASPARAGINE                   ? 'C4 H8 N2 O3'    132.118 
ASP 'L-peptide linking' y 'ASPARTIC ACID'              ? 'C4 H7 N O4'     133.103 
CYS 'L-peptide linking' y CYSTEINE                     ? 'C3 H7 N O2 S'   121.158 
FES non-polymer         . 'FE2/S2 (INORGANIC) CLUSTER' ? 'Fe2 S2'         175.820 
GLN 'L-peptide linking' y GLUTAMINE                    ? 'C5 H10 N2 O3'   146.144 
GLU 'L-peptide linking' y 'GLUTAMIC ACID'              ? 'C5 H9 N O4'     147.129 
GLY 'peptide linking'   y GLYCINE                      ? 'C2 H5 N O2'     75.067  
HIS 'L-peptide linking' y HISTIDINE                    ? 'C6 H10 N3 O2 1' 156.162 
HOH non-polymer         . WATER                        ? 'H2 O'           18.015  
ILE 'L-peptide linking' y ISOLEUCINE                   ? 'C6 H13 N O2'    131.173 
LEU 'L-peptide linking' y LEUCINE                      ? 'C6 H13 N O2'    131.173 
LYS 'L-peptide linking' y LYSINE                       ? 'C6 H15 N2 O2 1' 147.195 
PRO 'L-peptide linking' y PROLINE                      ? 'C5 H9 N O2'     115.130 
SER 'L-peptide linking' y SERINE                       ? 'C3 H7 N O3'     105.093 
THR 'L-peptide linking' y THREONINE                    ? 'C4 H9 N O3'     119.119 
TRP 'L-peptide linking' y TRYPTOPHAN                   ? 'C11 H12 N2 O2'  204.225 
TYR 'L-peptide linking' y TYROSINE                     ? 'C9 H11 N O3'    181.189 
VAL 'L-peptide linking' y VALINE                       ? 'C5 H11 N O2'    117.146 
# 
loop_
_pdbx_poly_seq_scheme.asym_id 
_pdbx_poly_seq_scheme.entity_id 
_pdbx_poly_seq_scheme.seq_id 
_pdbx_poly_seq_scheme.mon_id 
_pdbx_poly_seq_scheme.ndb_seq_num 
_pdbx_poly_seq_scheme.pdb_seq_num 
_pdbx_poly_seq_scheme.auth_seq_num 
_pdbx_poly_seq_scheme.pdb_mon_id 
_pdbx_poly_seq_scheme.auth_mon_id 
_pdbx_poly_seq_scheme.pdb_strand_id 
_pdbx_poly_seq_scheme.pdb_ins_code 
_pdbx_poly_seq_scheme.hetero 
A 1 1  ALA 1  1  1  ALA ALA A . n 
A 1 2  THR 2  2  2  THR THR A . n 
A 1 3  TYR 3  3  3  TYR TYR A . n 
A 1 4  ASN 4  4  4  ASN ASN A . n 
A 1 5  VAL 5  5  5  VAL VAL A . n 
A 1 6  LYS 6  6  6  LYS LYS A . n 
A 1 7  LEU 7  7  7  LEU LEU A . n 
A 1 8  ILE 8  8  8  ILE ILE A . n 
A 1 9  THR 9  9  9  THR THR A . n 
A 1 10 PRO 10 10 10 PRO PRO A . n 
A 1 11 GLU 11 11 11 GLU GLU A . n 
A 1 12 GLY 12 12 12 GLY GLY A . n 
A 1 13 GLU 13 13 13 GLU GLU A . n 
A 1 14 VAL 14 14 14 VAL VAL A . n 
A 1 15 GLU 15 15 15 GLU GLU A . n 
A 1 16 LEU 16 16 16 LEU LEU A . n 
A 1 17 GLN 17 17 17 GLN GLN A . n 
A 1 18 VAL 18 18 18 VAL VAL A . n 
A 1 19 PRO 19 19 19 PRO PRO A . n 
A 1 20 ASP 20 20 20 ASP ASP A . n 
A 1 21 ASP 21 21 21 ASP ASP A . n 
A 1 22 VAL 22 22 22 VAL VAL A . n 
A 1 23 TYR 23 23 23 TYR TYR A . n 
A 1 24 ILE 24 24 24 ILE ILE A . n 
A 1 25 LEU 25 25 25 LEU LEU A . n 
A 1 26 ASP 26 26 26 ASP ASP A . n 
A 1 27 GLN 27 27 27 GLN GLN A . n 
A 1 28 ALA 28 28 28 ALA ALA A . n 
A 1 29 GLU 29 29 29 GLU GLU A . n 
A 1 30 GLU 30 30 30 GLU GLU A . n 
A 1 31 ASP 31 31 31 ASP ASP A . n 
A 1 32 GLY 32 32 32 GLY GLY A . n 
A 1 33 ILE 33 33 33 ILE ILE A . n 
A 1 34 ASP 34 34 34 ASP ASP A . n 
A 1 35 LEU 35 35 35 LEU LEU A . n 
A 1 36 PRO 36 36 36 PRO PRO A . n 
A 1 37 TYR 37 37 37 TYR TYR A . n 
A 1 38 SER 38 38 38 SER SER A . n 
A 1 39 CYS 39 39 39 CYS CYS A . n 
A 1 40 ARG 40 40 40 ARG ARG A . n 
A 1 41 ALA 41 41 41 ALA ALA A . n 
A 1 42 GLY 42 42 42 GLY GLY A . n 
A 1 43 SER 43 43 43 SER SER A . n 
A 1 44 CYS 44 44 44 CYS CYS A . n 
A 1 45 SER 45 45 45 SER SER A . n 
A 1 46 SER 46 46 46 SER SER A . n 
A 1 47 CYS 47 47 47 CYS CYS A . n 
A 1 48 ALA 48 48 48 ALA ALA A . n 
A 1 49 GLY 49 49 49 GLY GLY A . n 
A 1 50 LYS 50 50 50 LYS LYS A . n 
A 1 51 VAL 51 51 51 VAL VAL A . n 
A 1 52 VAL 52 52 52 VAL VAL A . n 
A 1 53 SER 53 53 53 SER SER A . n 
A 1 54 GLY 54 54 54 GLY GLY A . n 
A 1 55 SER 55 55 55 SER SER A . n 
A 1 56 VAL 56 56 56 VAL VAL A . n 
A 1 57 ASP 57 57 57 ASP ASP A . n 
A 1 58 GLN 58 58 58 GLN GLN A . n 
A 1 59 SER 59 59 59 SER SER A . n 
A 1 60 ASP 60 60 60 ASP ASP A . n 
A 1 61 GLN 61 61 61 GLN GLN A . n 
A 1 62 SER 62 62 62 SER SER A . n 
A 1 63 TYR 63 63 63 TYR TYR A . n 
A 1 64 LEU 64 64 64 LEU LEU A . n 
A 1 65 ASP 65 65 65 ASP ASP A . n 
A 1 66 ASP 66 66 66 ASP ASP A . n 
A 1 67 GLY 67 67 67 GLY GLY A . n 
A 1 68 GLN 68 68 68 GLN GLN A . n 
A 1 69 ILE 69 69 69 ILE ILE A . n 
A 1 70 ALA 70 70 70 ALA ALA A . n 
A 1 71 ASP 71 71 71 ASP ASP A . n 
A 1 72 GLY 72 72 72 GLY GLY A . n 
A 1 73 TRP 73 73 73 TRP TRP A . n 
A 1 74 VAL 74 74 74 VAL VAL A . n 
A 1 75 LEU 75 75 75 LEU LEU A . n 
A 1 76 THR 76 76 76 THR THR A . n 
A 1 77 CYS 77 77 77 CYS CYS A . n 
A 1 78 HIS 78 78 78 HIS HIS A . n 
A 1 79 ALA 79 79 79 ALA ALA A . n 
A 1 80 TYR 80 80 80 TYR TYR A . n 
A 1 81 PRO 81 81 81 PRO PRO A . n 
A 1 82 THR 82 82 82 THR THR A . n 
A 1 83 SER 83 83 83 SER SER A . n 
A 1 84 ASP 84 84 84 ASP ASP A . n 
A 1 85 VAL 85 85 85 VAL VAL A . n 
A 1 86 VAL 86 86 86 VAL VAL A . n 
A 1 87 ILE 87 87 87 ILE ILE A . n 
A 1 88 GLU 88 88 88 GLU GLU A . n 
A 1 89 THR 89 89 89 THR THR A . n 
A 1 90 HIS 90 90 90 HIS HIS A . n 
A 1 91 LYS 91 91 91 LYS LYS A . n 
A 1 92 GLU 92 92 92 GLU GLU A . n 
A 1 93 GLU 93 93 93 GLU GLU A . n 
A 1 94 GLU 94 94 94 GLU GLU A . n 
A 1 95 LEU 95 95 95 LEU LEU A . n 
A 1 96 THR 96 96 96 THR THR A . n 
A 1 97 GLY 97 97 ?  ?   ?   A . n 
A 1 98 ALA 98 98 ?  ?   ?   A . n 
B 1 1  ALA 1  1  1  ALA ALA B . n 
B 1 2  THR 2  2  2  THR THR B . n 
B 1 3  TYR 3  3  3  TYR TYR B . n 
B 1 4  ASN 4  4  4  ASN ASN B . n 
B 1 5  VAL 5  5  5  VAL VAL B . n 
B 1 6  LYS 6  6  6  LYS LYS B . n 
B 1 7  LEU 7  7  7  LEU LEU B . n 
B 1 8  ILE 8  8  8  ILE ILE B . n 
B 1 9  THR 9  9  9  THR THR B . n 
B 1 10 PRO 10 10 10 PRO PRO B . n 
B 1 11 GLU 11 11 11 GLU GLU B . n 
B 1 12 GLY 12 12 12 GLY GLY B . n 
B 1 13 GLU 13 13 13 GLU GLU B . n 
B 1 14 VAL 14 14 14 VAL VAL B . n 
B 1 15 GLU 15 15 15 GLU GLU B . n 
B 1 16 LEU 16 16 16 LEU LEU B . n 
B 1 17 GLN 17 17 17 GLN GLN B . n 
B 1 18 VAL 18 18 18 VAL VAL B . n 
B 1 19 PRO 19 19 19 PRO PRO B . n 
B 1 20 ASP 20 20 20 ASP ASP B . n 
B 1 21 ASP 21 21 21 ASP ASP B . n 
B 1 22 VAL 22 22 22 VAL VAL B . n 
B 1 23 TYR 23 23 23 TYR TYR B . n 
B 1 24 ILE 24 24 24 ILE ILE B . n 
B 1 25 LEU 25 25 25 LEU LEU B . n 
B 1 26 ASP 26 26 26 ASP ASP B . n 
B 1 27 GLN 27 27 27 GLN GLN B . n 
B 1 28 ALA 28 28 28 ALA ALA B . n 
B 1 29 GLU 29 29 29 GLU GLU B . n 
B 1 30 GLU 30 30 30 GLU GLU B . n 
B 1 31 ASP 31 31 31 ASP ASP B . n 
B 1 32 GLY 32 32 32 GLY GLY B . n 
B 1 33 ILE 33 33 33 ILE ILE B . n 
B 1 34 ASP 34 34 34 ASP ASP B . n 
B 1 35 LEU 35 35 35 LEU LEU B . n 
B 1 36 PRO 36 36 36 PRO PRO B . n 
B 1 37 TYR 37 37 37 TYR TYR B . n 
B 1 38 SER 38 38 38 SER SER B . n 
B 1 39 CYS 39 39 39 CYS CYS B . n 
B 1 40 ARG 40 40 40 ARG ARG B . n 
B 1 41 ALA 41 41 41 ALA ALA B . n 
B 1 42 GLY 42 42 42 GLY GLY B . n 
B 1 43 SER 43 43 43 SER SER B . n 
B 1 44 CYS 44 44 44 CYS CYS B . n 
B 1 45 SER 45 45 45 SER SER B . n 
B 1 46 SER 46 46 46 SER SER B . n 
B 1 47 CYS 47 47 47 CYS CYS B . n 
B 1 48 ALA 48 48 48 ALA ALA B . n 
B 1 49 GLY 49 49 49 GLY GLY B . n 
B 1 50 LYS 50 50 50 LYS LYS B . n 
B 1 51 VAL 51 51 51 VAL VAL B . n 
B 1 52 VAL 52 52 52 VAL VAL B . n 
B 1 53 SER 53 53 53 SER SER B . n 
B 1 54 GLY 54 54 54 GLY GLY B . n 
B 1 55 SER 55 55 55 SER SER B . n 
B 1 56 VAL 56 56 56 VAL VAL B . n 
B 1 57 ASP 57 57 57 ASP ASP B . n 
B 1 58 GLN 58 58 58 GLN GLN B . n 
B 1 59 SER 59 59 59 SER SER B . n 
B 1 60 ASP 60 60 60 ASP ASP B . n 
B 1 61 GLN 61 61 61 GLN GLN B . n 
B 1 62 SER 62 62 62 SER SER B . n 
B 1 63 TYR 63 63 63 TYR TYR B . n 
B 1 64 LEU 64 64 64 LEU LEU B . n 
B 1 65 ASP 65 65 65 ASP ASP B . n 
B 1 66 ASP 66 66 66 ASP ASP B . n 
B 1 67 GLY 67 67 67 GLY GLY B . n 
B 1 68 GLN 68 68 68 GLN GLN B . n 
B 1 69 ILE 69 69 69 ILE ILE B . n 
B 1 70 ALA 70 70 70 ALA ALA B . n 
B 1 71 ASP 71 71 71 ASP ASP B . n 
B 1 72 GLY 72 72 72 GLY GLY B . n 
B 1 73 TRP 73 73 73 TRP TRP B . n 
B 1 74 VAL 74 74 74 VAL VAL B . n 
B 1 75 LEU 75 75 75 LEU LEU B . n 
B 1 76 THR 76 76 76 THR THR B . n 
B 1 77 CYS 77 77 77 CYS CYS B . n 
B 1 78 HIS 78 78 78 HIS HIS B . n 
B 1 79 ALA 79 79 79 ALA ALA B . n 
B 1 80 TYR 80 80 80 TYR TYR B . n 
B 1 81 PRO 81 81 81 PRO PRO B . n 
B 1 82 THR 82 82 82 THR THR B . n 
B 1 83 SER 83 83 83 SER SER B . n 
B 1 84 ASP 84 84 84 ASP ASP B . n 
B 1 85 VAL 85 85 85 VAL VAL B . n 
B 1 86 VAL 86 86 86 VAL VAL B . n 
B 1 87 ILE 87 87 87 ILE ILE B . n 
B 1 88 GLU 88 88 88 GLU GLU B . n 
B 1 89 THR 89 89 89 THR THR B . n 
B 1 90 HIS 90 90 90 HIS HIS B . n 
B 1 91 LYS 91 91 91 LYS LYS B . n 
B 1 92 GLU 92 92 92 GLU GLU B . n 
B 1 93 GLU 93 93 93 GLU GLU B . n 
B 1 94 GLU 94 94 94 GLU GLU B . n 
B 1 95 LEU 95 95 95 LEU LEU B . n 
B 1 96 THR 96 96 96 THR THR B . n 
B 1 97 GLY 97 97 ?  ?   ?   B . n 
B 1 98 ALA 98 98 ?  ?   ?   B . n 
# 
loop_
_pdbx_nonpoly_scheme.asym_id 
_pdbx_nonpoly_scheme.entity_id 
_pdbx_nonpoly_scheme.mon_id 
_pdbx_nonpoly_scheme.ndb_seq_num 
_pdbx_nonpoly_scheme.pdb_seq_num 
_pdbx_nonpoly_scheme.auth_seq_num 
_pdbx_nonpoly_scheme.pdb_mon_id 
_pdbx_nonpoly_scheme.auth_mon_id 
_pdbx_nonpoly_scheme.pdb_strand_id 
_pdbx_nonpoly_scheme.pdb_ins_code 
C 2 FES 1  99  99  FES FES A . 
D 2 FES 1  99  99  FES FES B . 
E 3 HOH 1  100 100 HOH HOH A . 
E 3 HOH 2  101 3   HOH HOH A . 
E 3 HOH 3  102 7   HOH HOH A . 
E 3 HOH 4  103 12  HOH HOH A . 
E 3 HOH 5  104 14  HOH HOH A . 
E 3 HOH 6  105 105 HOH HOH A . 
E 3 HOH 7  106 106 HOH HOH A . 
E 3 HOH 8  107 17  HOH HOH A . 
E 3 HOH 9  108 18  HOH HOH A . 
E 3 HOH 10 109 22  HOH HOH A . 
E 3 HOH 11 110 110 HOH HOH A . 
E 3 HOH 12 111 111 HOH HOH A . 
E 3 HOH 13 112 112 HOH HOH A . 
E 3 HOH 14 113 24  HOH HOH A . 
E 3 HOH 15 114 114 HOH HOH A . 
E 3 HOH 16 115 115 HOH HOH A . 
E 3 HOH 17 116 25  HOH HOH A . 
E 3 HOH 18 117 117 HOH HOH A . 
E 3 HOH 19 118 28  HOH HOH A . 
E 3 HOH 20 119 119 HOH HOH A . 
E 3 HOH 21 120 120 HOH HOH A . 
E 3 HOH 22 121 29  HOH HOH A . 
E 3 HOH 23 122 30  HOH HOH A . 
E 3 HOH 24 123 33  HOH HOH A . 
E 3 HOH 25 124 39  HOH HOH A . 
E 3 HOH 26 125 125 HOH HOH A . 
E 3 HOH 27 126 40  HOH HOH A . 
E 3 HOH 28 127 127 HOH HOH A . 
E 3 HOH 29 128 41  HOH HOH A . 
E 3 HOH 30 129 43  HOH HOH A . 
E 3 HOH 31 130 47  HOH HOH A . 
E 3 HOH 32 131 131 HOH HOH A . 
E 3 HOH 33 132 50  HOH HOH A . 
E 3 HOH 34 133 51  HOH HOH A . 
E 3 HOH 35 134 134 HOH HOH A . 
E 3 HOH 36 135 54  HOH HOH A . 
E 3 HOH 37 136 136 HOH HOH A . 
E 3 HOH 38 137 137 HOH HOH A . 
E 3 HOH 39 138 55  HOH HOH A . 
E 3 HOH 40 139 59  HOH HOH A . 
E 3 HOH 41 140 140 HOH HOH A . 
E 3 HOH 42 141 61  HOH HOH A . 
E 3 HOH 43 142 142 HOH HOH A . 
E 3 HOH 44 143 143 HOH HOH A . 
E 3 HOH 45 144 144 HOH HOH A . 
E 3 HOH 46 145 69  HOH HOH A . 
E 3 HOH 47 146 72  HOH HOH A . 
E 3 HOH 48 147 74  HOH HOH A . 
E 3 HOH 49 148 77  HOH HOH A . 
E 3 HOH 50 149 149 HOH HOH A . 
E 3 HOH 51 150 80  HOH HOH A . 
E 3 HOH 52 151 81  HOH HOH A . 
E 3 HOH 53 152 152 HOH HOH A . 
E 3 HOH 54 153 153 HOH HOH A . 
E 3 HOH 55 154 82  HOH HOH A . 
E 3 HOH 56 155 83  HOH HOH A . 
E 3 HOH 57 156 84  HOH HOH A . 
E 3 HOH 58 157 86  HOH HOH A . 
E 3 HOH 59 158 158 HOH HOH A . 
E 3 HOH 60 161 161 HOH HOH A . 
E 3 HOH 61 165 165 HOH HOH A . 
E 3 HOH 62 166 166 HOH HOH A . 
E 3 HOH 63 167 167 HOH HOH A . 
E 3 HOH 64 168 168 HOH HOH A . 
F 3 HOH 1  100 1   HOH HOH B . 
F 3 HOH 2  101 2   HOH HOH B . 
F 3 HOH 3  102 102 HOH HOH B . 
F 3 HOH 4  103 103 HOH HOH B . 
F 3 HOH 5  104 104 HOH HOH B . 
F 3 HOH 6  105 4   HOH HOH B . 
F 3 HOH 7  106 6   HOH HOH B . 
F 3 HOH 8  107 107 HOH HOH B . 
F 3 HOH 9  108 108 HOH HOH B . 
F 3 HOH 10 109 109 HOH HOH B . 
F 3 HOH 11 110 8   HOH HOH B . 
F 3 HOH 12 111 9   HOH HOH B . 
F 3 HOH 13 112 11  HOH HOH B . 
F 3 HOH 14 113 113 HOH HOH B . 
F 3 HOH 15 114 15  HOH HOH B . 
F 3 HOH 16 115 16  HOH HOH B . 
F 3 HOH 17 116 116 HOH HOH B . 
F 3 HOH 18 117 19  HOH HOH B . 
F 3 HOH 19 118 118 HOH HOH B . 
F 3 HOH 20 119 23  HOH HOH B . 
F 3 HOH 21 120 26  HOH HOH B . 
F 3 HOH 22 121 121 HOH HOH B . 
F 3 HOH 23 122 122 HOH HOH B . 
F 3 HOH 24 123 123 HOH HOH B . 
F 3 HOH 25 124 124 HOH HOH B . 
F 3 HOH 26 125 27  HOH HOH B . 
F 3 HOH 27 126 126 HOH HOH B . 
F 3 HOH 28 127 31  HOH HOH B . 
F 3 HOH 29 128 128 HOH HOH B . 
F 3 HOH 30 129 129 HOH HOH B . 
F 3 HOH 31 130 130 HOH HOH B . 
F 3 HOH 32 131 35  HOH HOH B . 
F 3 HOH 33 132 132 HOH HOH B . 
F 3 HOH 34 133 133 HOH HOH B . 
F 3 HOH 35 134 37  HOH HOH B . 
F 3 HOH 36 135 135 HOH HOH B . 
F 3 HOH 37 136 38  HOH HOH B . 
F 3 HOH 38 137 42  HOH HOH B . 
F 3 HOH 39 138 44  HOH HOH B . 
F 3 HOH 40 139 139 HOH HOH B . 
F 3 HOH 41 140 45  HOH HOH B . 
F 3 HOH 42 141 141 HOH HOH B . 
F 3 HOH 43 142 46  HOH HOH B . 
F 3 HOH 44 143 48  HOH HOH B . 
F 3 HOH 45 144 52  HOH HOH B . 
F 3 HOH 46 145 145 HOH HOH B . 
F 3 HOH 47 146 57  HOH HOH B . 
F 3 HOH 48 147 147 HOH HOH B . 
F 3 HOH 49 148 148 HOH HOH B . 
F 3 HOH 50 149 62  HOH HOH B . 
F 3 HOH 51 150 150 HOH HOH B . 
F 3 HOH 52 151 151 HOH HOH B . 
F 3 HOH 53 152 63  HOH HOH B . 
F 3 HOH 54 153 64  HOH HOH B . 
F 3 HOH 55 154 65  HOH HOH B . 
F 3 HOH 56 155 67  HOH HOH B . 
F 3 HOH 57 156 68  HOH HOH B . 
F 3 HOH 58 157 75  HOH HOH B . 
F 3 HOH 59 158 76  HOH HOH B . 
F 3 HOH 60 159 79  HOH HOH B . 
F 3 HOH 61 160 88  HOH HOH B . 
F 3 HOH 62 161 93  HOH HOH B . 
F 3 HOH 63 162 94  HOH HOH B . 
F 3 HOH 64 163 163 HOH HOH B . 
F 3 HOH 65 164 99  HOH HOH B . 
# 
loop_
_software.name 
_software.classification 
_software.version 
_software.citation_id 
_software.pdbx_ordinal 
SPring8  'data collection' .        ? 1 
MOLREP   phasing           .        ? 2 
REFMAC   refinement        5.5.0109 ? 3 
HKL-2000 'data reduction'  .        ? 4 
HKL-2000 'data scaling'    .        ? 5 
# 
_cell.entry_id           3B2F 
_cell.length_a           39.485 
_cell.length_b           62.939 
_cell.length_c           65.060 
_cell.angle_alpha        90.00 
_cell.angle_beta         90.00 
_cell.angle_gamma        90.00 
_cell.Z_PDB              8 
_cell.pdbx_unique_axis   ? 
_cell.length_a_esd       ? 
_cell.length_b_esd       ? 
_cell.length_c_esd       ? 
_cell.angle_alpha_esd    ? 
_cell.angle_beta_esd     ? 
_cell.angle_gamma_esd    ? 
# 
_symmetry.entry_id                         3B2F 
_symmetry.space_group_name_H-M             'P 21 21 21' 
_symmetry.pdbx_full_space_group_name_H-M   ? 
_symmetry.cell_setting                     ? 
_symmetry.Int_Tables_number                19 
_symmetry.space_group_name_Hall            ? 
# 
_exptl.entry_id          3B2F 
_exptl.method            'X-RAY DIFFRACTION' 
_exptl.crystals_number   1 
# 
_exptl_crystal.id                    1 
_exptl_crystal.density_meas          ? 
_exptl_crystal.density_Matthews      1.92 
_exptl_crystal.density_percent_sol   35.99 
_exptl_crystal.description           ? 
_exptl_crystal.F_000                 ? 
_exptl_crystal.preparation           ? 
# 
_exptl_crystal_grow.crystal_id      1 
_exptl_crystal_grow.method          'VAPOR DIFFUSION, HANGING DROP' 
_exptl_crystal_grow.temp            277 
_exptl_crystal_grow.temp_details    ? 
_exptl_crystal_grow.pH              5.5 
_exptl_crystal_grow.pdbx_details    
'2.9M Ammonium Sulfate, 0.1M sodium citrate, 0.2% benzamidine, pH 5.5, VAPOR DIFFUSION, HANGING DROP, temperature 277K' 
_exptl_crystal_grow.pdbx_pH_range   . 
# 
_diffrn.id                     1 
_diffrn.ambient_temp           ? 
_diffrn.ambient_temp_details   ? 
_diffrn.crystal_id             1 
# 
_diffrn_detector.diffrn_id              1 
_diffrn_detector.detector               'IMAGE PLATE' 
_diffrn_detector.type                   'MAC Science DIP-2030' 
_diffrn_detector.pdbx_collection_date   2006-12-18 
_diffrn_detector.details                ? 
# 
_diffrn_radiation.diffrn_id                        1 
_diffrn_radiation.wavelength_id                    1 
_diffrn_radiation.pdbx_monochromatic_or_laue_m_l   M 
_diffrn_radiation.monochromator                    'Si 111' 
_diffrn_radiation.pdbx_diffrn_protocol             'SINGLE WAVELENGTH' 
_diffrn_radiation.pdbx_scattering_type             x-ray 
# 
_diffrn_radiation_wavelength.id           1 
_diffrn_radiation_wavelength.wavelength   0.9 
_diffrn_radiation_wavelength.wt           1.0 
# 
_diffrn_source.diffrn_id                   1 
_diffrn_source.source                      SYNCHROTRON 
_diffrn_source.type                        'SPRING-8 BEAMLINE BL44XU' 
_diffrn_source.pdbx_synchrotron_site       SPring-8 
_diffrn_source.pdbx_synchrotron_beamline   BL44XU 
_diffrn_source.pdbx_wavelength             ? 
_diffrn_source.pdbx_wavelength_list        0.9 
# 
_reflns.entry_id                     3B2F 
_reflns.observed_criterion_sigma_I   0 
_reflns.observed_criterion_sigma_F   0 
_reflns.d_resolution_low             50 
_reflns.d_resolution_high            1.7 
_reflns.number_obs                   18870 
_reflns.number_all                   20510 
_reflns.percent_possible_obs         92.0 
_reflns.pdbx_Rmerge_I_obs            ? 
_reflns.pdbx_Rsym_value              ? 
_reflns.pdbx_netI_over_sigmaI        ? 
_reflns.B_iso_Wilson_estimate        ? 
_reflns.pdbx_redundancy              ? 
_reflns.R_free_details               ? 
_reflns.limit_h_max                  ? 
_reflns.limit_h_min                  ? 
_reflns.limit_k_max                  ? 
_reflns.limit_k_min                  ? 
_reflns.limit_l_max                  ? 
_reflns.limit_l_min                  ? 
_reflns.observed_criterion_F_max     ? 
_reflns.observed_criterion_F_min     ? 
_reflns.pdbx_chi_squared             ? 
_reflns.pdbx_scaling_rejects         ? 
_reflns.pdbx_ordinal                 1 
_reflns.pdbx_diffrn_id               1 
# 
_refine.entry_id                                 3B2F 
_refine.ls_number_reflns_obs                     16848 
_refine.ls_number_reflns_all                     16848 
_refine.pdbx_ls_sigma_I                          ? 
_refine.pdbx_ls_sigma_F                          ? 
_refine.pdbx_data_cutoff_high_absF               ? 
_refine.pdbx_data_cutoff_low_absF                ? 
_refine.pdbx_data_cutoff_high_rms_absF           ? 
_refine.ls_d_res_low                             32.53 
_refine.ls_d_res_high                            1.70 
_refine.ls_percent_reflns_obs                    96.08 
_refine.ls_R_factor_obs                          0.22768 
_refine.ls_R_factor_all                          0.22768 
_refine.ls_R_factor_R_work                       0.22445 
_refine.ls_R_factor_R_free                       0.28806 
_refine.ls_R_factor_R_free_error                 ? 
_refine.ls_R_factor_R_free_error_details         ? 
_refine.ls_percent_reflns_R_free                 5.2 
_refine.ls_number_reflns_R_free                  915 
_refine.ls_number_parameters                     ? 
_refine.ls_number_restraints                     ? 
_refine.occupancy_min                            ? 
_refine.occupancy_max                            ? 
_refine.correlation_coeff_Fo_to_Fc               0.939 
_refine.correlation_coeff_Fo_to_Fc_free          0.896 
_refine.B_iso_mean                               11.861 
_refine.aniso_B[1][1]                            0.07 
_refine.aniso_B[2][2]                            0.02 
_refine.aniso_B[3][3]                            -0.09 
_refine.aniso_B[1][2]                            -0.00 
_refine.aniso_B[1][3]                            -0.00 
_refine.aniso_B[2][3]                            0.00 
_refine.solvent_model_details                    MASK 
_refine.solvent_model_param_ksol                 ? 
_refine.solvent_model_param_bsol                 ? 
_refine.pdbx_solvent_vdw_probe_radii             1.40 
_refine.pdbx_solvent_ion_probe_radii             0.80 
_refine.pdbx_solvent_shrinkage_radii             0.80 
_refine.pdbx_ls_cross_valid_method               THROUGHOUT 
_refine.details                                  ? 
_refine.pdbx_starting_model                      ? 
_refine.pdbx_method_to_determine_struct          SAD 
_refine.pdbx_isotropic_thermal_model             ? 
_refine.pdbx_stereochemistry_target_values       'MAXIMUM LIKELIHOOD' 
_refine.pdbx_stereochem_target_val_spec_case     ? 
_refine.pdbx_R_Free_selection_details            RANDOM 
_refine.pdbx_overall_ESU_R_Free                  0.155 
_refine.overall_SU_ML                            0.101 
_refine.pdbx_overall_phase_error                 ? 
_refine.overall_SU_B                             2.992 
_refine.overall_SU_R_Cruickshank_DPI             ? 
_refine.ls_redundancy_reflns_obs                 ? 
_refine.B_iso_min                                ? 
_refine.B_iso_max                                ? 
_refine.overall_SU_R_free                        ? 
_refine.ls_wR_factor_R_free                      ? 
_refine.ls_wR_factor_R_work                      ? 
_refine.overall_FOM_free_R_set                   ? 
_refine.overall_FOM_work_R_set                   ? 
_refine.pdbx_diffrn_id                           1 
_refine.pdbx_refine_id                           'X-RAY DIFFRACTION' 
_refine.pdbx_overall_ESU_R                       ? 
_refine.pdbx_TLS_residual_ADP_flag               ? 
_refine.pdbx_overall_SU_R_free_Cruickshank_DPI   ? 
_refine.pdbx_overall_SU_R_Blow_DPI               ? 
_refine.pdbx_overall_SU_R_free_Blow_DPI          ? 
# 
_refine_hist.pdbx_refine_id                   'X-RAY DIFFRACTION' 
_refine_hist.cycle_id                         LAST 
_refine_hist.pdbx_number_atoms_protein        1452 
_refine_hist.pdbx_number_atoms_nucleic_acid   0 
_refine_hist.pdbx_number_atoms_ligand         8 
_refine_hist.number_atoms_solvent             129 
_refine_hist.number_atoms_total               1589 
_refine_hist.d_res_high                       1.70 
_refine_hist.d_res_low                        32.53 
# 
loop_
_refine_ls_restr.type 
_refine_ls_restr.dev_ideal 
_refine_ls_restr.dev_ideal_target 
_refine_ls_restr.weight 
_refine_ls_restr.number 
_refine_ls_restr.pdbx_restraint_function 
_refine_ls_restr.pdbx_refine_id 
r_bond_refined_d       0.014  0.022  ? 1490 ? 'X-RAY DIFFRACTION' 
r_angle_refined_deg    1.682  1.971  ? 2034 ? 'X-RAY DIFFRACTION' 
r_dihedral_angle_1_deg 9.212  5.000  ? 192  ? 'X-RAY DIFFRACTION' 
r_dihedral_angle_2_deg 35.886 27.183 ? 71   ? 'X-RAY DIFFRACTION' 
r_dihedral_angle_3_deg 15.999 15.000 ? 233  ? 'X-RAY DIFFRACTION' 
r_dihedral_angle_4_deg 28.336 15.000 ? 2    ? 'X-RAY DIFFRACTION' 
r_chiral_restr         0.131  0.200  ? 235  ? 'X-RAY DIFFRACTION' 
r_gen_planes_refined   0.018  0.021  ? 1142 ? 'X-RAY DIFFRACTION' 
r_mcbond_it            1.764  1.500  ? 955  ? 'X-RAY DIFFRACTION' 
r_mcangle_it           2.603  2.000  ? 1548 ? 'X-RAY DIFFRACTION' 
r_scbond_it            4.213  3.000  ? 535  ? 'X-RAY DIFFRACTION' 
r_scangle_it           6.618  4.500  ? 481  ? 'X-RAY DIFFRACTION' 
# 
_refine_ls_shell.pdbx_refine_id                   'X-RAY DIFFRACTION' 
_refine_ls_shell.pdbx_total_number_of_bins_used   20 
_refine_ls_shell.d_res_high                       1.700 
_refine_ls_shell.d_res_low                        1.744 
_refine_ls_shell.number_reflns_R_work             1205 
_refine_ls_shell.R_factor_R_work                  0.250 
_refine_ls_shell.percent_reflns_obs               95.62 
_refine_ls_shell.R_factor_R_free                  0.246 
_refine_ls_shell.R_factor_R_free_error            ? 
_refine_ls_shell.percent_reflns_R_free            ? 
_refine_ls_shell.number_reflns_R_free             62 
_refine_ls_shell.number_reflns_all                ? 
_refine_ls_shell.R_factor_all                     ? 
_refine_ls_shell.number_reflns_obs                ? 
_refine_ls_shell.redundancy_reflns_obs            ? 
# 
_struct.entry_id                  3B2F 
_struct.title                     'Maize Ferredoxin 1' 
_struct.pdbx_model_details        ? 
_struct.pdbx_CASP_flag            ? 
_struct.pdbx_model_type_details   ? 
# 
_struct_keywords.entry_id        3B2F 
_struct_keywords.pdbx_keywords   'ELECTRON TRANSPORT' 
_struct_keywords.text            'electron transfer, FNR, NiR, SiR, Fd-GOGAT, ELECTRON TRANSPORT' 
# 
loop_
_struct_asym.id 
_struct_asym.pdbx_blank_PDB_chainid_flag 
_struct_asym.pdbx_modified 
_struct_asym.entity_id 
_struct_asym.details 
A N N 1 ? 
B N N 1 ? 
C N N 2 ? 
D N N 2 ? 
E N N 3 ? 
F N N 3 ? 
# 
_struct_ref.id                         1 
_struct_ref.db_name                    UNP 
_struct_ref.db_code                    FER1_MAIZE 
_struct_ref.pdbx_db_accession          P27787 
_struct_ref.entity_id                  1 
_struct_ref.pdbx_seq_one_letter_code   
;ATYNVKLITPEGEVELQVPDDVYILDQAEEDGIDLPYSCRAGSCSSCAGKVVSGSVDQSDQSYLDDGQIADGWVLTCHAY
PTSDVVIETHKEEELTGA
;
_struct_ref.pdbx_align_begin           53 
_struct_ref.pdbx_db_isoform            ? 
# 
loop_
_struct_ref_seq.align_id 
_struct_ref_seq.ref_id 
_struct_ref_seq.pdbx_PDB_id_code 
_struct_ref_seq.pdbx_strand_id 
_struct_ref_seq.seq_align_beg 
_struct_ref_seq.pdbx_seq_align_beg_ins_code 
_struct_ref_seq.seq_align_end 
_struct_ref_seq.pdbx_seq_align_end_ins_code 
_struct_ref_seq.pdbx_db_accession 
_struct_ref_seq.db_align_beg 
_struct_ref_seq.pdbx_db_align_beg_ins_code 
_struct_ref_seq.db_align_end 
_struct_ref_seq.pdbx_db_align_end_ins_code 
_struct_ref_seq.pdbx_auth_seq_align_beg 
_struct_ref_seq.pdbx_auth_seq_align_end 
1 1 3B2F A 1 ? 98 ? P27787 53 ? 150 ? 1 98 
2 1 3B2F B 1 ? 98 ? P27787 53 ? 150 ? 1 98 
# 
loop_
_pdbx_struct_assembly.id 
_pdbx_struct_assembly.details 
_pdbx_struct_assembly.method_details 
_pdbx_struct_assembly.oligomeric_details 
_pdbx_struct_assembly.oligomeric_count 
1 author_and_software_defined_assembly PISA monomeric 1 
2 author_and_software_defined_assembly PISA monomeric 1 
# 
loop_
_pdbx_struct_assembly_gen.assembly_id 
_pdbx_struct_assembly_gen.oper_expression 
_pdbx_struct_assembly_gen.asym_id_list 
1 1 A,C,E 
2 1 B,D,F 
# 
_pdbx_struct_oper_list.id                   1 
_pdbx_struct_oper_list.type                 'identity operation' 
_pdbx_struct_oper_list.name                 1_555 
_pdbx_struct_oper_list.symmetry_operation   x,y,z 
_pdbx_struct_oper_list.matrix[1][1]         1.0000000000 
_pdbx_struct_oper_list.matrix[1][2]         0.0000000000 
_pdbx_struct_oper_list.matrix[1][3]         0.0000000000 
_pdbx_struct_oper_list.vector[1]            0.0000000000 
_pdbx_struct_oper_list.matrix[2][1]         0.0000000000 
_pdbx_struct_oper_list.matrix[2][2]         1.0000000000 
_pdbx_struct_oper_list.matrix[2][3]         0.0000000000 
_pdbx_struct_oper_list.vector[2]            0.0000000000 
_pdbx_struct_oper_list.matrix[3][1]         0.0000000000 
_pdbx_struct_oper_list.matrix[3][2]         0.0000000000 
_pdbx_struct_oper_list.matrix[3][3]         1.0000000000 
_pdbx_struct_oper_list.vector[3]            0.0000000000 
# 
_struct_biol.id        1 
_struct_biol.details   ? 
# 
loop_
_struct_conf.conf_type_id 
_struct_conf.id 
_struct_conf.pdbx_PDB_helix_id 
_struct_conf.beg_label_comp_id 
_struct_conf.beg_label_asym_id 
_struct_conf.beg_label_seq_id 
_struct_conf.pdbx_beg_PDB_ins_code 
_struct_conf.end_label_comp_id 
_struct_conf.end_label_asym_id 
_struct_conf.end_label_seq_id 
_struct_conf.pdbx_end_PDB_ins_code 
_struct_conf.beg_auth_comp_id 
_struct_conf.beg_auth_asym_id 
_struct_conf.beg_auth_seq_id 
_struct_conf.end_auth_comp_id 
_struct_conf.end_auth_asym_id 
_struct_conf.end_auth_seq_id 
_struct_conf.pdbx_PDB_helix_class 
_struct_conf.details 
_struct_conf.pdbx_PDB_helix_length 
HELX_P HELX_P1 1 TYR A 23 ? ASP A 31 ? TYR A 23 ASP A 31 1 ? 9 
HELX_P HELX_P2 2 ASP A 65 ? ASP A 71 ? ASP A 65 ASP A 71 1 ? 7 
HELX_P HELX_P3 3 CYS A 77 ? ALA A 79 ? CYS A 77 ALA A 79 5 ? 3 
HELX_P HELX_P4 4 LYS A 91 ? THR A 96 ? LYS A 91 THR A 96 1 ? 6 
HELX_P HELX_P5 5 TYR B 23 ? ASP B 31 ? TYR B 23 ASP B 31 1 ? 9 
HELX_P HELX_P6 6 ASP B 65 ? ASP B 71 ? ASP B 65 ASP B 71 1 ? 7 
HELX_P HELX_P7 7 CYS B 77 ? ALA B 79 ? CYS B 77 ALA B 79 5 ? 3 
HELX_P HELX_P8 8 LYS B 91 ? THR B 96 ? LYS B 91 THR B 96 1 ? 6 
# 
_struct_conf_type.id          HELX_P 
_struct_conf_type.criteria    ? 
_struct_conf_type.reference   ? 
# 
loop_
_struct_conn.id 
_struct_conn.conn_type_id 
_struct_conn.pdbx_leaving_atom_flag 
_struct_conn.pdbx_PDB_id 
_struct_conn.ptnr1_label_asym_id 
_struct_conn.ptnr1_label_comp_id 
_struct_conn.ptnr1_label_seq_id 
_struct_conn.ptnr1_label_atom_id 
_struct_conn.pdbx_ptnr1_label_alt_id 
_struct_conn.pdbx_ptnr1_PDB_ins_code 
_struct_conn.pdbx_ptnr1_standard_comp_id 
_struct_conn.ptnr1_symmetry 
_struct_conn.ptnr2_label_asym_id 
_struct_conn.ptnr2_label_comp_id 
_struct_conn.ptnr2_label_seq_id 
_struct_conn.ptnr2_label_atom_id 
_struct_conn.pdbx_ptnr2_label_alt_id 
_struct_conn.pdbx_ptnr2_PDB_ins_code 
_struct_conn.ptnr1_auth_asym_id 
_struct_conn.ptnr1_auth_comp_id 
_struct_conn.ptnr1_auth_seq_id 
_struct_conn.ptnr2_auth_asym_id 
_struct_conn.ptnr2_auth_comp_id 
_struct_conn.ptnr2_auth_seq_id 
_struct_conn.ptnr2_symmetry 
_struct_conn.pdbx_ptnr3_label_atom_id 
_struct_conn.pdbx_ptnr3_label_seq_id 
_struct_conn.pdbx_ptnr3_label_comp_id 
_struct_conn.pdbx_ptnr3_label_asym_id 
_struct_conn.pdbx_ptnr3_label_alt_id 
_struct_conn.pdbx_ptnr3_PDB_ins_code 
_struct_conn.details 
_struct_conn.pdbx_dist_value 
_struct_conn.pdbx_value_order 
_struct_conn.pdbx_role 
metalc1 metalc ? ? A CYS 39 SG ? ? ? 1_555 C FES . FE2 ? ? A CYS 39 A FES 99 1_555 ? ? ? ? ? ? ? 2.420 ? ? 
metalc2 metalc ? ? A CYS 44 SG ? ? ? 1_555 C FES . FE2 ? ? A CYS 44 A FES 99 1_555 ? ? ? ? ? ? ? 2.360 ? ? 
metalc3 metalc ? ? A CYS 47 SG ? ? ? 1_555 C FES . FE1 ? ? A CYS 47 A FES 99 1_555 ? ? ? ? ? ? ? 2.293 ? ? 
metalc4 metalc ? ? A CYS 77 SG ? ? ? 1_555 C FES . FE1 ? ? A CYS 77 A FES 99 1_555 ? ? ? ? ? ? ? 2.376 ? ? 
metalc5 metalc ? ? B CYS 39 SG ? ? ? 1_555 D FES . FE2 ? ? B CYS 39 B FES 99 1_555 ? ? ? ? ? ? ? 2.361 ? ? 
metalc6 metalc ? ? B CYS 44 SG ? ? ? 1_555 D FES . FE2 ? ? B CYS 44 B FES 99 1_555 ? ? ? ? ? ? ? 2.344 ? ? 
metalc7 metalc ? ? B CYS 47 SG ? ? ? 1_555 D FES . FE1 ? ? B CYS 47 B FES 99 1_555 ? ? ? ? ? ? ? 2.279 ? ? 
metalc8 metalc ? ? B CYS 77 SG ? ? ? 1_555 D FES . FE1 ? ? B CYS 77 B FES 99 1_555 ? ? ? ? ? ? ? 2.396 ? ? 
# 
_struct_conn_type.id          metalc 
_struct_conn_type.criteria    ? 
_struct_conn_type.reference   ? 
# 
loop_
_pdbx_struct_conn_angle.id 
_pdbx_struct_conn_angle.ptnr1_label_atom_id 
_pdbx_struct_conn_angle.ptnr1_label_alt_id 
_pdbx_struct_conn_angle.ptnr1_label_asym_id 
_pdbx_struct_conn_angle.ptnr1_label_comp_id 
_pdbx_struct_conn_angle.ptnr1_label_seq_id 
_pdbx_struct_conn_angle.ptnr1_auth_atom_id 
_pdbx_struct_conn_angle.ptnr1_auth_asym_id 
_pdbx_struct_conn_angle.ptnr1_auth_comp_id 
_pdbx_struct_conn_angle.ptnr1_auth_seq_id 
_pdbx_struct_conn_angle.ptnr1_PDB_ins_code 
_pdbx_struct_conn_angle.ptnr1_symmetry 
_pdbx_struct_conn_angle.ptnr2_label_atom_id 
_pdbx_struct_conn_angle.ptnr2_label_alt_id 
_pdbx_struct_conn_angle.ptnr2_label_asym_id 
_pdbx_struct_conn_angle.ptnr2_label_comp_id 
_pdbx_struct_conn_angle.ptnr2_label_seq_id 
_pdbx_struct_conn_angle.ptnr2_auth_atom_id 
_pdbx_struct_conn_angle.ptnr2_auth_asym_id 
_pdbx_struct_conn_angle.ptnr2_auth_comp_id 
_pdbx_struct_conn_angle.ptnr2_auth_seq_id 
_pdbx_struct_conn_angle.ptnr2_PDB_ins_code 
_pdbx_struct_conn_angle.ptnr2_symmetry 
_pdbx_struct_conn_angle.ptnr3_label_atom_id 
_pdbx_struct_conn_angle.ptnr3_label_alt_id 
_pdbx_struct_conn_angle.ptnr3_label_asym_id 
_pdbx_struct_conn_angle.ptnr3_label_comp_id 
_pdbx_struct_conn_angle.ptnr3_label_seq_id 
_pdbx_struct_conn_angle.ptnr3_auth_atom_id 
_pdbx_struct_conn_angle.ptnr3_auth_asym_id 
_pdbx_struct_conn_angle.ptnr3_auth_comp_id 
_pdbx_struct_conn_angle.ptnr3_auth_seq_id 
_pdbx_struct_conn_angle.ptnr3_PDB_ins_code 
_pdbx_struct_conn_angle.ptnr3_symmetry 
_pdbx_struct_conn_angle.value 
_pdbx_struct_conn_angle.value_esd 
1  SG ? A CYS 39 ? A CYS 39 ? 1_555 FE2 ? C FES . ? A FES 99 ? 1_555 S1 ? C FES .  ? A FES 99 ? 1_555 99.8  ? 
2  SG ? A CYS 39 ? A CYS 39 ? 1_555 FE2 ? C FES . ? A FES 99 ? 1_555 S2 ? C FES .  ? A FES 99 ? 1_555 120.8 ? 
3  S1 ? C FES .  ? A FES 99 ? 1_555 FE2 ? C FES . ? A FES 99 ? 1_555 S2 ? C FES .  ? A FES 99 ? 1_555 100.7 ? 
4  SG ? A CYS 39 ? A CYS 39 ? 1_555 FE2 ? C FES . ? A FES 99 ? 1_555 SG ? A CYS 44 ? A CYS 44 ? 1_555 105.3 ? 
5  S1 ? C FES .  ? A FES 99 ? 1_555 FE2 ? C FES . ? A FES 99 ? 1_555 SG ? A CYS 44 ? A CYS 44 ? 1_555 119.9 ? 
6  S2 ? C FES .  ? A FES 99 ? 1_555 FE2 ? C FES . ? A FES 99 ? 1_555 SG ? A CYS 44 ? A CYS 44 ? 1_555 110.8 ? 
7  SG ? A CYS 47 ? A CYS 47 ? 1_555 FE1 ? C FES . ? A FES 99 ? 1_555 S1 ? C FES .  ? A FES 99 ? 1_555 111.9 ? 
8  SG ? A CYS 47 ? A CYS 47 ? 1_555 FE1 ? C FES . ? A FES 99 ? 1_555 S2 ? C FES .  ? A FES 99 ? 1_555 112.1 ? 
9  S1 ? C FES .  ? A FES 99 ? 1_555 FE1 ? C FES . ? A FES 99 ? 1_555 S2 ? C FES .  ? A FES 99 ? 1_555 104.5 ? 
10 SG ? A CYS 47 ? A CYS 47 ? 1_555 FE1 ? C FES . ? A FES 99 ? 1_555 SG ? A CYS 77 ? A CYS 77 ? 1_555 106.8 ? 
11 S1 ? C FES .  ? A FES 99 ? 1_555 FE1 ? C FES . ? A FES 99 ? 1_555 SG ? A CYS 77 ? A CYS 77 ? 1_555 106.3 ? 
12 S2 ? C FES .  ? A FES 99 ? 1_555 FE1 ? C FES . ? A FES 99 ? 1_555 SG ? A CYS 77 ? A CYS 77 ? 1_555 115.1 ? 
13 SG ? B CYS 39 ? B CYS 39 ? 1_555 FE2 ? D FES . ? B FES 99 ? 1_555 S1 ? D FES .  ? B FES 99 ? 1_555 100.0 ? 
14 SG ? B CYS 39 ? B CYS 39 ? 1_555 FE2 ? D FES . ? B FES 99 ? 1_555 S2 ? D FES .  ? B FES 99 ? 1_555 120.3 ? 
15 S1 ? D FES .  ? B FES 99 ? 1_555 FE2 ? D FES . ? B FES 99 ? 1_555 S2 ? D FES .  ? B FES 99 ? 1_555 100.2 ? 
16 SG ? B CYS 39 ? B CYS 39 ? 1_555 FE2 ? D FES . ? B FES 99 ? 1_555 SG ? B CYS 44 ? B CYS 44 ? 1_555 105.0 ? 
17 S1 ? D FES .  ? B FES 99 ? 1_555 FE2 ? D FES . ? B FES 99 ? 1_555 SG ? B CYS 44 ? B CYS 44 ? 1_555 117.6 ? 
18 S2 ? D FES .  ? B FES 99 ? 1_555 FE2 ? D FES . ? B FES 99 ? 1_555 SG ? B CYS 44 ? B CYS 44 ? 1_555 113.6 ? 
19 SG ? B CYS 47 ? B CYS 47 ? 1_555 FE1 ? D FES . ? B FES 99 ? 1_555 S1 ? D FES .  ? B FES 99 ? 1_555 112.0 ? 
20 SG ? B CYS 47 ? B CYS 47 ? 1_555 FE1 ? D FES . ? B FES 99 ? 1_555 S2 ? D FES .  ? B FES 99 ? 1_555 111.6 ? 
21 S1 ? D FES .  ? B FES 99 ? 1_555 FE1 ? D FES . ? B FES 99 ? 1_555 S2 ? D FES .  ? B FES 99 ? 1_555 102.9 ? 
22 SG ? B CYS 47 ? B CYS 47 ? 1_555 FE1 ? D FES . ? B FES 99 ? 1_555 SG ? B CYS 77 ? B CYS 77 ? 1_555 106.7 ? 
23 S1 ? D FES .  ? B FES 99 ? 1_555 FE1 ? D FES . ? B FES 99 ? 1_555 SG ? B CYS 77 ? B CYS 77 ? 1_555 107.8 ? 
24 S2 ? D FES .  ? B FES 99 ? 1_555 FE1 ? D FES . ? B FES 99 ? 1_555 SG ? B CYS 77 ? B CYS 77 ? 1_555 116.0 ? 
# 
loop_
_struct_sheet.id 
_struct_sheet.type 
_struct_sheet.number_strands 
_struct_sheet.details 
A ? 5 ? 
B ? 2 ? 
C ? 5 ? 
D ? 2 ? 
# 
loop_
_struct_sheet_order.sheet_id 
_struct_sheet_order.range_id_1 
_struct_sheet_order.range_id_2 
_struct_sheet_order.offset 
_struct_sheet_order.sense 
A 1 2 ? anti-parallel 
A 2 3 ? parallel      
A 3 4 ? anti-parallel 
A 4 5 ? anti-parallel 
B 1 2 ? anti-parallel 
C 1 2 ? anti-parallel 
C 2 3 ? parallel      
C 3 4 ? anti-parallel 
C 4 5 ? anti-parallel 
D 1 2 ? anti-parallel 
# 
loop_
_struct_sheet_range.sheet_id 
_struct_sheet_range.id 
_struct_sheet_range.beg_label_comp_id 
_struct_sheet_range.beg_label_asym_id 
_struct_sheet_range.beg_label_seq_id 
_struct_sheet_range.pdbx_beg_PDB_ins_code 
_struct_sheet_range.end_label_comp_id 
_struct_sheet_range.end_label_asym_id 
_struct_sheet_range.end_label_seq_id 
_struct_sheet_range.pdbx_end_PDB_ins_code 
_struct_sheet_range.beg_auth_comp_id 
_struct_sheet_range.beg_auth_asym_id 
_struct_sheet_range.beg_auth_seq_id 
_struct_sheet_range.end_auth_comp_id 
_struct_sheet_range.end_auth_asym_id 
_struct_sheet_range.end_auth_seq_id 
A 1 GLY A 12 ? PRO A 19 ? GLY A 12 PRO A 19 
A 2 THR A 2  ? THR A 9  ? THR A 2  THR A 9  
A 3 VAL A 85 ? GLU A 88 ? VAL A 85 GLU A 88 
A 4 ALA A 48 ? SER A 53 ? ALA A 48 SER A 53 
A 5 TRP A 73 ? LEU A 75 ? TRP A 73 LEU A 75 
B 1 VAL A 56 ? ASP A 57 ? VAL A 56 ASP A 57 
B 2 TYR A 80 ? PRO A 81 ? TYR A 80 PRO A 81 
C 1 GLY B 12 ? PRO B 19 ? GLY B 12 PRO B 19 
C 2 THR B 2  ? THR B 9  ? THR B 2  THR B 9  
C 3 VAL B 85 ? GLU B 88 ? VAL B 85 GLU B 88 
C 4 ALA B 48 ? SER B 53 ? ALA B 48 SER B 53 
C 5 TRP B 73 ? LEU B 75 ? TRP B 73 LEU B 75 
D 1 VAL B 56 ? ASP B 57 ? VAL B 56 ASP B 57 
D 2 TYR B 80 ? PRO B 81 ? TYR B 80 PRO B 81 
# 
loop_
_pdbx_struct_sheet_hbond.sheet_id 
_pdbx_struct_sheet_hbond.range_id_1 
_pdbx_struct_sheet_hbond.range_id_2 
_pdbx_struct_sheet_hbond.range_1_label_atom_id 
_pdbx_struct_sheet_hbond.range_1_label_comp_id 
_pdbx_struct_sheet_hbond.range_1_label_asym_id 
_pdbx_struct_sheet_hbond.range_1_label_seq_id 
_pdbx_struct_sheet_hbond.range_1_PDB_ins_code 
_pdbx_struct_sheet_hbond.range_1_auth_atom_id 
_pdbx_struct_sheet_hbond.range_1_auth_comp_id 
_pdbx_struct_sheet_hbond.range_1_auth_asym_id 
_pdbx_struct_sheet_hbond.range_1_auth_seq_id 
_pdbx_struct_sheet_hbond.range_2_label_atom_id 
_pdbx_struct_sheet_hbond.range_2_label_comp_id 
_pdbx_struct_sheet_hbond.range_2_label_asym_id 
_pdbx_struct_sheet_hbond.range_2_label_seq_id 
_pdbx_struct_sheet_hbond.range_2_PDB_ins_code 
_pdbx_struct_sheet_hbond.range_2_auth_atom_id 
_pdbx_struct_sheet_hbond.range_2_auth_comp_id 
_pdbx_struct_sheet_hbond.range_2_auth_asym_id 
_pdbx_struct_sheet_hbond.range_2_auth_seq_id 
A 1 2 O VAL A 14 ? O VAL A 14 N LEU A 7  ? N LEU A 7  
A 2 3 N LYS A 6  ? N LYS A 6  O VAL A 85 ? O VAL A 85 
A 3 4 O VAL A 86 ? O VAL A 86 N VAL A 52 ? N VAL A 52 
A 4 5 N GLY A 49 ? N GLY A 49 O VAL A 74 ? O VAL A 74 
B 1 2 N ASP A 57 ? N ASP A 57 O TYR A 80 ? O TYR A 80 
C 1 2 O VAL B 14 ? O VAL B 14 N LEU B 7  ? N LEU B 7  
C 2 3 N LYS B 6  ? N LYS B 6  O ILE B 87 ? O ILE B 87 
C 3 4 O VAL B 86 ? O VAL B 86 N VAL B 52 ? N VAL B 52 
C 4 5 N GLY B 49 ? N GLY B 49 O VAL B 74 ? O VAL B 74 
D 1 2 N ASP B 57 ? N ASP B 57 O TYR B 80 ? O TYR B 80 
# 
loop_
_struct_site.id 
_struct_site.pdbx_evidence_code 
_struct_site.pdbx_auth_asym_id 
_struct_site.pdbx_auth_comp_id 
_struct_site.pdbx_auth_seq_id 
_struct_site.pdbx_auth_ins_code 
_struct_site.pdbx_num_residues 
_struct_site.details 
AC1 Software A FES 99 ? 8 'BINDING SITE FOR RESIDUE FES A 99' 
AC2 Software B FES 99 ? 8 'BINDING SITE FOR RESIDUE FES B 99' 
# 
loop_
_struct_site_gen.id 
_struct_site_gen.site_id 
_struct_site_gen.pdbx_num_res 
_struct_site_gen.label_comp_id 
_struct_site_gen.label_asym_id 
_struct_site_gen.label_seq_id 
_struct_site_gen.pdbx_auth_ins_code 
_struct_site_gen.auth_comp_id 
_struct_site_gen.auth_asym_id 
_struct_site_gen.auth_seq_id 
_struct_site_gen.label_atom_id 
_struct_site_gen.label_alt_id 
_struct_site_gen.symmetry 
_struct_site_gen.details 
1  AC1 8 SER A 38 ? SER A 38 . ? 1_555 ? 
2  AC1 8 CYS A 39 ? CYS A 39 . ? 1_555 ? 
3  AC1 8 ARG A 40 ? ARG A 40 . ? 1_555 ? 
4  AC1 8 GLY A 42 ? GLY A 42 . ? 1_555 ? 
5  AC1 8 SER A 43 ? SER A 43 . ? 1_555 ? 
6  AC1 8 CYS A 44 ? CYS A 44 . ? 1_555 ? 
7  AC1 8 CYS A 47 ? CYS A 47 . ? 1_555 ? 
8  AC1 8 CYS A 77 ? CYS A 77 . ? 1_555 ? 
9  AC2 8 SER B 38 ? SER B 38 . ? 1_555 ? 
10 AC2 8 CYS B 39 ? CYS B 39 . ? 1_555 ? 
11 AC2 8 ARG B 40 ? ARG B 40 . ? 1_555 ? 
12 AC2 8 GLY B 42 ? GLY B 42 . ? 1_555 ? 
13 AC2 8 SER B 43 ? SER B 43 . ? 1_555 ? 
14 AC2 8 CYS B 44 ? CYS B 44 . ? 1_555 ? 
15 AC2 8 CYS B 47 ? CYS B 47 . ? 1_555 ? 
16 AC2 8 CYS B 77 ? CYS B 77 . ? 1_555 ? 
# 
loop_
_pdbx_validate_close_contact.id 
_pdbx_validate_close_contact.PDB_model_num 
_pdbx_validate_close_contact.auth_atom_id_1 
_pdbx_validate_close_contact.auth_asym_id_1 
_pdbx_validate_close_contact.auth_comp_id_1 
_pdbx_validate_close_contact.auth_seq_id_1 
_pdbx_validate_close_contact.PDB_ins_code_1 
_pdbx_validate_close_contact.label_alt_id_1 
_pdbx_validate_close_contact.auth_atom_id_2 
_pdbx_validate_close_contact.auth_asym_id_2 
_pdbx_validate_close_contact.auth_comp_id_2 
_pdbx_validate_close_contact.auth_seq_id_2 
_pdbx_validate_close_contact.PDB_ins_code_2 
_pdbx_validate_close_contact.label_alt_id_2 
_pdbx_validate_close_contact.dist 
1 1 OD2 A ASP 60 ? B O   A HOH 112 ? ? 1.89 
2 1 NE  A ARG 40 ? ? O   A HOH 104 ? ? 2.05 
3 1 ND2 B ASN 4  ? ? OE1 B GLN 17  ? ? 2.11 
4 1 NZ  B LYS 50 ? ? O   B ASP 71  ? ? 2.13 
5 1 OH  A TYR 37 ? ? O   A HOH 157 ? ? 2.19 
# 
loop_
_pdbx_validate_symm_contact.id 
_pdbx_validate_symm_contact.PDB_model_num 
_pdbx_validate_symm_contact.auth_atom_id_1 
_pdbx_validate_symm_contact.auth_asym_id_1 
_pdbx_validate_symm_contact.auth_comp_id_1 
_pdbx_validate_symm_contact.auth_seq_id_1 
_pdbx_validate_symm_contact.PDB_ins_code_1 
_pdbx_validate_symm_contact.label_alt_id_1 
_pdbx_validate_symm_contact.site_symmetry_1 
_pdbx_validate_symm_contact.auth_atom_id_2 
_pdbx_validate_symm_contact.auth_asym_id_2 
_pdbx_validate_symm_contact.auth_comp_id_2 
_pdbx_validate_symm_contact.auth_seq_id_2 
_pdbx_validate_symm_contact.PDB_ins_code_2 
_pdbx_validate_symm_contact.label_alt_id_2 
_pdbx_validate_symm_contact.site_symmetry_2 
_pdbx_validate_symm_contact.dist 
1 1 OE2 A GLU 94 ? ? 1_555 OD1 B ASP 34  ? ? 2_555 1.85 
2 1 OH  B TYR 37 ? ? 1_555 O   A HOH 144 ? ? 2_554 2.16 
# 
_pdbx_validate_rmsd_angle.id                         1 
_pdbx_validate_rmsd_angle.PDB_model_num              1 
_pdbx_validate_rmsd_angle.auth_atom_id_1             CB 
_pdbx_validate_rmsd_angle.auth_asym_id_1             A 
_pdbx_validate_rmsd_angle.auth_comp_id_1             ASP 
_pdbx_validate_rmsd_angle.auth_seq_id_1              60 
_pdbx_validate_rmsd_angle.PDB_ins_code_1             ? 
_pdbx_validate_rmsd_angle.label_alt_id_1             A 
_pdbx_validate_rmsd_angle.auth_atom_id_2             CG 
_pdbx_validate_rmsd_angle.auth_asym_id_2             A 
_pdbx_validate_rmsd_angle.auth_comp_id_2             ASP 
_pdbx_validate_rmsd_angle.auth_seq_id_2              60 
_pdbx_validate_rmsd_angle.PDB_ins_code_2             ? 
_pdbx_validate_rmsd_angle.label_alt_id_2             A 
_pdbx_validate_rmsd_angle.auth_atom_id_3             OD1 
_pdbx_validate_rmsd_angle.auth_asym_id_3             A 
_pdbx_validate_rmsd_angle.auth_comp_id_3             ASP 
_pdbx_validate_rmsd_angle.auth_seq_id_3              60 
_pdbx_validate_rmsd_angle.PDB_ins_code_3             ? 
_pdbx_validate_rmsd_angle.label_alt_id_3             A 
_pdbx_validate_rmsd_angle.angle_value                111.04 
_pdbx_validate_rmsd_angle.angle_target_value         118.30 
_pdbx_validate_rmsd_angle.angle_deviation            -7.26 
_pdbx_validate_rmsd_angle.angle_standard_deviation   0.90 
_pdbx_validate_rmsd_angle.linker_flag                N 
# 
loop_
_pdbx_validate_torsion.id 
_pdbx_validate_torsion.PDB_model_num 
_pdbx_validate_torsion.auth_comp_id 
_pdbx_validate_torsion.auth_asym_id 
_pdbx_validate_torsion.auth_seq_id 
_pdbx_validate_torsion.PDB_ins_code 
_pdbx_validate_torsion.label_alt_id 
_pdbx_validate_torsion.phi 
_pdbx_validate_torsion.psi 
1 1 ASP A 20 ? ? -67.90  0.38   
2 1 SER A 38 ? ? -149.82 -75.12 
3 1 ASP A 60 ? ? 86.35   11.84  
4 1 ASP A 60 ? ? 88.27   9.31   
5 1 LEU A 95 ? ? -69.93  -90.18 
6 1 SER B 38 ? ? -145.25 -71.37 
# 
loop_
_pdbx_validate_peptide_omega.id 
_pdbx_validate_peptide_omega.PDB_model_num 
_pdbx_validate_peptide_omega.auth_comp_id_1 
_pdbx_validate_peptide_omega.auth_asym_id_1 
_pdbx_validate_peptide_omega.auth_seq_id_1 
_pdbx_validate_peptide_omega.PDB_ins_code_1 
_pdbx_validate_peptide_omega.label_alt_id_1 
_pdbx_validate_peptide_omega.auth_comp_id_2 
_pdbx_validate_peptide_omega.auth_asym_id_2 
_pdbx_validate_peptide_omega.auth_seq_id_2 
_pdbx_validate_peptide_omega.PDB_ins_code_2 
_pdbx_validate_peptide_omega.label_alt_id_2 
_pdbx_validate_peptide_omega.omega 
1 1 LEU A 95 ? ? THR A 96 ? ? 137.62  
2 1 ASP B 60 ? ? GLN B 61 ? ? 130.84  
3 1 LEU B 95 ? ? THR B 96 ? ? -138.82 
# 
_pdbx_validate_planes.id              1 
_pdbx_validate_planes.PDB_model_num   1 
_pdbx_validate_planes.auth_comp_id    ASP 
_pdbx_validate_planes.auth_asym_id    A 
_pdbx_validate_planes.auth_seq_id     60 
_pdbx_validate_planes.PDB_ins_code    ? 
_pdbx_validate_planes.label_alt_id    ? 
_pdbx_validate_planes.rmsd            0.075 
_pdbx_validate_planes.type            'SIDE CHAIN' 
# 
_pdbx_validate_main_chain_plane.id                       1 
_pdbx_validate_main_chain_plane.PDB_model_num            1 
_pdbx_validate_main_chain_plane.auth_comp_id             LEU 
_pdbx_validate_main_chain_plane.auth_asym_id             A 
_pdbx_validate_main_chain_plane.auth_seq_id              95 
_pdbx_validate_main_chain_plane.PDB_ins_code             ? 
_pdbx_validate_main_chain_plane.label_alt_id             ? 
_pdbx_validate_main_chain_plane.improper_torsion_angle   11.81 
# 
loop_
_pdbx_unobs_or_zero_occ_residues.id 
_pdbx_unobs_or_zero_occ_residues.PDB_model_num 
_pdbx_unobs_or_zero_occ_residues.polymer_flag 
_pdbx_unobs_or_zero_occ_residues.occupancy_flag 
_pdbx_unobs_or_zero_occ_residues.auth_asym_id 
_pdbx_unobs_or_zero_occ_residues.auth_comp_id 
_pdbx_unobs_or_zero_occ_residues.auth_seq_id 
_pdbx_unobs_or_zero_occ_residues.PDB_ins_code 
_pdbx_unobs_or_zero_occ_residues.label_asym_id 
_pdbx_unobs_or_zero_occ_residues.label_comp_id 
_pdbx_unobs_or_zero_occ_residues.label_seq_id 
1 1 Y 1 A GLY 97 ? A GLY 97 
2 1 Y 1 A ALA 98 ? A ALA 98 
3 1 Y 1 B GLY 97 ? B GLY 97 
4 1 Y 1 B ALA 98 ? B ALA 98 
# 
loop_
_chem_comp_atom.comp_id 
_chem_comp_atom.atom_id 
_chem_comp_atom.type_symbol 
_chem_comp_atom.pdbx_aromatic_flag 
_chem_comp_atom.pdbx_stereo_config 
_chem_comp_atom.pdbx_ordinal 
ALA N    N  N N 1   
ALA CA   C  N S 2   
ALA C    C  N N 3   
ALA O    O  N N 4   
ALA CB   C  N N 5   
ALA OXT  O  N N 6   
ALA H    H  N N 7   
ALA H2   H  N N 8   
ALA HA   H  N N 9   
ALA HB1  H  N N 10  
ALA HB2  H  N N 11  
ALA HB3  H  N N 12  
ALA HXT  H  N N 13  
ARG N    N  N N 14  
ARG CA   C  N S 15  
ARG C    C  N N 16  
ARG O    O  N N 17  
ARG CB   C  N N 18  
ARG CG   C  N N 19  
ARG CD   C  N N 20  
ARG NE   N  N N 21  
ARG CZ   C  N N 22  
ARG NH1  N  N N 23  
ARG NH2  N  N N 24  
ARG OXT  O  N N 25  
ARG H    H  N N 26  
ARG H2   H  N N 27  
ARG HA   H  N N 28  
ARG HB2  H  N N 29  
ARG HB3  H  N N 30  
ARG HG2  H  N N 31  
ARG HG3  H  N N 32  
ARG HD2  H  N N 33  
ARG HD3  H  N N 34  
ARG HE   H  N N 35  
ARG HH11 H  N N 36  
ARG HH12 H  N N 37  
ARG HH21 H  N N 38  
ARG HH22 H  N N 39  
ARG HXT  H  N N 40  
ASN N    N  N N 41  
ASN CA   C  N S 42  
ASN C    C  N N 43  
ASN O    O  N N 44  
ASN CB   C  N N 45  
ASN CG   C  N N 46  
ASN OD1  O  N N 47  
ASN ND2  N  N N 48  
ASN OXT  O  N N 49  
ASN H    H  N N 50  
ASN H2   H  N N 51  
ASN HA   H  N N 52  
ASN HB2  H  N N 53  
ASN HB3  H  N N 54  
ASN HD21 H  N N 55  
ASN HD22 H  N N 56  
ASN HXT  H  N N 57  
ASP N    N  N N 58  
ASP CA   C  N S 59  
ASP C    C  N N 60  
ASP O    O  N N 61  
ASP CB   C  N N 62  
ASP CG   C  N N 63  
ASP OD1  O  N N 64  
ASP OD2  O  N N 65  
ASP OXT  O  N N 66  
ASP H    H  N N 67  
ASP H2   H  N N 68  
ASP HA   H  N N 69  
ASP HB2  H  N N 70  
ASP HB3  H  N N 71  
ASP HD2  H  N N 72  
ASP HXT  H  N N 73  
CYS N    N  N N 74  
CYS CA   C  N R 75  
CYS C    C  N N 76  
CYS O    O  N N 77  
CYS CB   C  N N 78  
CYS SG   S  N N 79  
CYS OXT  O  N N 80  
CYS H    H  N N 81  
CYS H2   H  N N 82  
CYS HA   H  N N 83  
CYS HB2  H  N N 84  
CYS HB3  H  N N 85  
CYS HG   H  N N 86  
CYS HXT  H  N N 87  
FES FE1  FE N N 88  
FES FE2  FE N N 89  
FES S1   S  N N 90  
FES S2   S  N N 91  
GLN N    N  N N 92  
GLN CA   C  N S 93  
GLN C    C  N N 94  
GLN O    O  N N 95  
GLN CB   C  N N 96  
GLN CG   C  N N 97  
GLN CD   C  N N 98  
GLN OE1  O  N N 99  
GLN NE2  N  N N 100 
GLN OXT  O  N N 101 
GLN H    H  N N 102 
GLN H2   H  N N 103 
GLN HA   H  N N 104 
GLN HB2  H  N N 105 
GLN HB3  H  N N 106 
GLN HG2  H  N N 107 
GLN HG3  H  N N 108 
GLN HE21 H  N N 109 
GLN HE22 H  N N 110 
GLN HXT  H  N N 111 
GLU N    N  N N 112 
GLU CA   C  N S 113 
GLU C    C  N N 114 
GLU O    O  N N 115 
GLU CB   C  N N 116 
GLU CG   C  N N 117 
GLU CD   C  N N 118 
GLU OE1  O  N N 119 
GLU OE2  O  N N 120 
GLU OXT  O  N N 121 
GLU H    H  N N 122 
GLU H2   H  N N 123 
GLU HA   H  N N 124 
GLU HB2  H  N N 125 
GLU HB3  H  N N 126 
GLU HG2  H  N N 127 
GLU HG3  H  N N 128 
GLU HE2  H  N N 129 
GLU HXT  H  N N 130 
GLY N    N  N N 131 
GLY CA   C  N N 132 
GLY C    C  N N 133 
GLY O    O  N N 134 
GLY OXT  O  N N 135 
GLY H    H  N N 136 
GLY H2   H  N N 137 
GLY HA2  H  N N 138 
GLY HA3  H  N N 139 
GLY HXT  H  N N 140 
HIS N    N  N N 141 
HIS CA   C  N S 142 
HIS C    C  N N 143 
HIS O    O  N N 144 
HIS CB   C  N N 145 
HIS CG   C  Y N 146 
HIS ND1  N  Y N 147 
HIS CD2  C  Y N 148 
HIS CE1  C  Y N 149 
HIS NE2  N  Y N 150 
HIS OXT  O  N N 151 
HIS H    H  N N 152 
HIS H2   H  N N 153 
HIS HA   H  N N 154 
HIS HB2  H  N N 155 
HIS HB3  H  N N 156 
HIS HD1  H  N N 157 
HIS HD2  H  N N 158 
HIS HE1  H  N N 159 
HIS HE2  H  N N 160 
HIS HXT  H  N N 161 
HOH O    O  N N 162 
HOH H1   H  N N 163 
HOH H2   H  N N 164 
ILE N    N  N N 165 
ILE CA   C  N S 166 
ILE C    C  N N 167 
ILE O    O  N N 168 
ILE CB   C  N S 169 
ILE CG1  C  N N 170 
ILE CG2  C  N N 171 
ILE CD1  C  N N 172 
ILE OXT  O  N N 173 
ILE H    H  N N 174 
ILE H2   H  N N 175 
ILE HA   H  N N 176 
ILE HB   H  N N 177 
ILE HG12 H  N N 178 
ILE HG13 H  N N 179 
ILE HG21 H  N N 180 
ILE HG22 H  N N 181 
ILE HG23 H  N N 182 
ILE HD11 H  N N 183 
ILE HD12 H  N N 184 
ILE HD13 H  N N 185 
ILE HXT  H  N N 186 
LEU N    N  N N 187 
LEU CA   C  N S 188 
LEU C    C  N N 189 
LEU O    O  N N 190 
LEU CB   C  N N 191 
LEU CG   C  N N 192 
LEU CD1  C  N N 193 
LEU CD2  C  N N 194 
LEU OXT  O  N N 195 
LEU H    H  N N 196 
LEU H2   H  N N 197 
LEU HA   H  N N 198 
LEU HB2  H  N N 199 
LEU HB3  H  N N 200 
LEU HG   H  N N 201 
LEU HD11 H  N N 202 
LEU HD12 H  N N 203 
LEU HD13 H  N N 204 
LEU HD21 H  N N 205 
LEU HD22 H  N N 206 
LEU HD23 H  N N 207 
LEU HXT  H  N N 208 
LYS N    N  N N 209 
LYS CA   C  N S 210 
LYS C    C  N N 211 
LYS O    O  N N 212 
LYS CB   C  N N 213 
LYS CG   C  N N 214 
LYS CD   C  N N 215 
LYS CE   C  N N 216 
LYS NZ   N  N N 217 
LYS OXT  O  N N 218 
LYS H    H  N N 219 
LYS H2   H  N N 220 
LYS HA   H  N N 221 
LYS HB2  H  N N 222 
LYS HB3  H  N N 223 
LYS HG2  H  N N 224 
LYS HG3  H  N N 225 
LYS HD2  H  N N 226 
LYS HD3  H  N N 227 
LYS HE2  H  N N 228 
LYS HE3  H  N N 229 
LYS HZ1  H  N N 230 
LYS HZ2  H  N N 231 
LYS HZ3  H  N N 232 
LYS HXT  H  N N 233 
PRO N    N  N N 234 
PRO CA   C  N S 235 
PRO C    C  N N 236 
PRO O    O  N N 237 
PRO CB   C  N N 238 
PRO CG   C  N N 239 
PRO CD   C  N N 240 
PRO OXT  O  N N 241 
PRO H    H  N N 242 
PRO HA   H  N N 243 
PRO HB2  H  N N 244 
PRO HB3  H  N N 245 
PRO HG2  H  N N 246 
PRO HG3  H  N N 247 
PRO HD2  H  N N 248 
PRO HD3  H  N N 249 
PRO HXT  H  N N 250 
SER N    N  N N 251 
SER CA   C  N S 252 
SER C    C  N N 253 
SER O    O  N N 254 
SER CB   C  N N 255 
SER OG   O  N N 256 
SER OXT  O  N N 257 
SER H    H  N N 258 
SER H2   H  N N 259 
SER HA   H  N N 260 
SER HB2  H  N N 261 
SER HB3  H  N N 262 
SER HG   H  N N 263 
SER HXT  H  N N 264 
THR N    N  N N 265 
THR CA   C  N S 266 
THR C    C  N N 267 
THR O    O  N N 268 
THR CB   C  N R 269 
THR OG1  O  N N 270 
THR CG2  C  N N 271 
THR OXT  O  N N 272 
THR H    H  N N 273 
THR H2   H  N N 274 
THR HA   H  N N 275 
THR HB   H  N N 276 
THR HG1  H  N N 277 
THR HG21 H  N N 278 
THR HG22 H  N N 279 
THR HG23 H  N N 280 
THR HXT  H  N N 281 
TRP N    N  N N 282 
TRP CA   C  N S 283 
TRP C    C  N N 284 
TRP O    O  N N 285 
TRP CB   C  N N 286 
TRP CG   C  Y N 287 
TRP CD1  C  Y N 288 
TRP CD2  C  Y N 289 
TRP NE1  N  Y N 290 
TRP CE2  C  Y N 291 
TRP CE3  C  Y N 292 
TRP CZ2  C  Y N 293 
TRP CZ3  C  Y N 294 
TRP CH2  C  Y N 295 
TRP OXT  O  N N 296 
TRP H    H  N N 297 
TRP H2   H  N N 298 
TRP HA   H  N N 299 
TRP HB2  H  N N 300 
TRP HB3  H  N N 301 
TRP HD1  H  N N 302 
TRP HE1  H  N N 303 
TRP HE3  H  N N 304 
TRP HZ2  H  N N 305 
TRP HZ3  H  N N 306 
TRP HH2  H  N N 307 
TRP HXT  H  N N 308 
TYR N    N  N N 309 
TYR CA   C  N S 310 
TYR C    C  N N 311 
TYR O    O  N N 312 
TYR CB   C  N N 313 
TYR CG   C  Y N 314 
TYR CD1  C  Y N 315 
TYR CD2  C  Y N 316 
TYR CE1  C  Y N 317 
TYR CE2  C  Y N 318 
TYR CZ   C  Y N 319 
TYR OH   O  N N 320 
TYR OXT  O  N N 321 
TYR H    H  N N 322 
TYR H2   H  N N 323 
TYR HA   H  N N 324 
TYR HB2  H  N N 325 
TYR HB3  H  N N 326 
TYR HD1  H  N N 327 
TYR HD2  H  N N 328 
TYR HE1  H  N N 329 
TYR HE2  H  N N 330 
TYR HH   H  N N 331 
TYR HXT  H  N N 332 
VAL N    N  N N 333 
VAL CA   C  N S 334 
VAL C    C  N N 335 
VAL O    O  N N 336 
VAL CB   C  N N 337 
VAL CG1  C  N N 338 
VAL CG2  C  N N 339 
VAL OXT  O  N N 340 
VAL H    H  N N 341 
VAL H2   H  N N 342 
VAL HA   H  N N 343 
VAL HB   H  N N 344 
VAL HG11 H  N N 345 
VAL HG12 H  N N 346 
VAL HG13 H  N N 347 
VAL HG21 H  N N 348 
VAL HG22 H  N N 349 
VAL HG23 H  N N 350 
VAL HXT  H  N N 351 
# 
loop_
_chem_comp_bond.comp_id 
_chem_comp_bond.atom_id_1 
_chem_comp_bond.atom_id_2 
_chem_comp_bond.value_order 
_chem_comp_bond.pdbx_aromatic_flag 
_chem_comp_bond.pdbx_stereo_config 
_chem_comp_bond.pdbx_ordinal 
ALA N   CA   sing N N 1   
ALA N   H    sing N N 2   
ALA N   H2   sing N N 3   
ALA CA  C    sing N N 4   
ALA CA  CB   sing N N 5   
ALA CA  HA   sing N N 6   
ALA C   O    doub N N 7   
ALA C   OXT  sing N N 8   
ALA CB  HB1  sing N N 9   
ALA CB  HB2  sing N N 10  
ALA CB  HB3  sing N N 11  
ALA OXT HXT  sing N N 12  
ARG N   CA   sing N N 13  
ARG N   H    sing N N 14  
ARG N   H2   sing N N 15  
ARG CA  C    sing N N 16  
ARG CA  CB   sing N N 17  
ARG CA  HA   sing N N 18  
ARG C   O    doub N N 19  
ARG C   OXT  sing N N 20  
ARG CB  CG   sing N N 21  
ARG CB  HB2  sing N N 22  
ARG CB  HB3  sing N N 23  
ARG CG  CD   sing N N 24  
ARG CG  HG2  sing N N 25  
ARG CG  HG3  sing N N 26  
ARG CD  NE   sing N N 27  
ARG CD  HD2  sing N N 28  
ARG CD  HD3  sing N N 29  
ARG NE  CZ   sing N N 30  
ARG NE  HE   sing N N 31  
ARG CZ  NH1  sing N N 32  
ARG CZ  NH2  doub N N 33  
ARG NH1 HH11 sing N N 34  
ARG NH1 HH12 sing N N 35  
ARG NH2 HH21 sing N N 36  
ARG NH2 HH22 sing N N 37  
ARG OXT HXT  sing N N 38  
ASN N   CA   sing N N 39  
ASN N   H    sing N N 40  
ASN N   H2   sing N N 41  
ASN CA  C    sing N N 42  
ASN CA  CB   sing N N 43  
ASN CA  HA   sing N N 44  
ASN C   O    doub N N 45  
ASN C   OXT  sing N N 46  
ASN CB  CG   sing N N 47  
ASN CB  HB2  sing N N 48  
ASN CB  HB3  sing N N 49  
ASN CG  OD1  doub N N 50  
ASN CG  ND2  sing N N 51  
ASN ND2 HD21 sing N N 52  
ASN ND2 HD22 sing N N 53  
ASN OXT HXT  sing N N 54  
ASP N   CA   sing N N 55  
ASP N   H    sing N N 56  
ASP N   H2   sing N N 57  
ASP CA  C    sing N N 58  
ASP CA  CB   sing N N 59  
ASP CA  HA   sing N N 60  
ASP C   O    doub N N 61  
ASP C   OXT  sing N N 62  
ASP CB  CG   sing N N 63  
ASP CB  HB2  sing N N 64  
ASP CB  HB3  sing N N 65  
ASP CG  OD1  doub N N 66  
ASP CG  OD2  sing N N 67  
ASP OD2 HD2  sing N N 68  
ASP OXT HXT  sing N N 69  
CYS N   CA   sing N N 70  
CYS N   H    sing N N 71  
CYS N   H2   sing N N 72  
CYS CA  C    sing N N 73  
CYS CA  CB   sing N N 74  
CYS CA  HA   sing N N 75  
CYS C   O    doub N N 76  
CYS C   OXT  sing N N 77  
CYS CB  SG   sing N N 78  
CYS CB  HB2  sing N N 79  
CYS CB  HB3  sing N N 80  
CYS SG  HG   sing N N 81  
CYS OXT HXT  sing N N 82  
FES FE1 S1   sing N N 83  
FES FE1 S2   sing N N 84  
FES FE2 S1   sing N N 85  
FES FE2 S2   sing N N 86  
GLN N   CA   sing N N 87  
GLN N   H    sing N N 88  
GLN N   H2   sing N N 89  
GLN CA  C    sing N N 90  
GLN CA  CB   sing N N 91  
GLN CA  HA   sing N N 92  
GLN C   O    doub N N 93  
GLN C   OXT  sing N N 94  
GLN CB  CG   sing N N 95  
GLN CB  HB2  sing N N 96  
GLN CB  HB3  sing N N 97  
GLN CG  CD   sing N N 98  
GLN CG  HG2  sing N N 99  
GLN CG  HG3  sing N N 100 
GLN CD  OE1  doub N N 101 
GLN CD  NE2  sing N N 102 
GLN NE2 HE21 sing N N 103 
GLN NE2 HE22 sing N N 104 
GLN OXT HXT  sing N N 105 
GLU N   CA   sing N N 106 
GLU N   H    sing N N 107 
GLU N   H2   sing N N 108 
GLU CA  C    sing N N 109 
GLU CA  CB   sing N N 110 
GLU CA  HA   sing N N 111 
GLU C   O    doub N N 112 
GLU C   OXT  sing N N 113 
GLU CB  CG   sing N N 114 
GLU CB  HB2  sing N N 115 
GLU CB  HB3  sing N N 116 
GLU CG  CD   sing N N 117 
GLU CG  HG2  sing N N 118 
GLU CG  HG3  sing N N 119 
GLU CD  OE1  doub N N 120 
GLU CD  OE2  sing N N 121 
GLU OE2 HE2  sing N N 122 
GLU OXT HXT  sing N N 123 
GLY N   CA   sing N N 124 
GLY N   H    sing N N 125 
GLY N   H2   sing N N 126 
GLY CA  C    sing N N 127 
GLY CA  HA2  sing N N 128 
GLY CA  HA3  sing N N 129 
GLY C   O    doub N N 130 
GLY C   OXT  sing N N 131 
GLY OXT HXT  sing N N 132 
HIS N   CA   sing N N 133 
HIS N   H    sing N N 134 
HIS N   H2   sing N N 135 
HIS CA  C    sing N N 136 
HIS CA  CB   sing N N 137 
HIS CA  HA   sing N N 138 
HIS C   O    doub N N 139 
HIS C   OXT  sing N N 140 
HIS CB  CG   sing N N 141 
HIS CB  HB2  sing N N 142 
HIS CB  HB3  sing N N 143 
HIS CG  ND1  sing Y N 144 
HIS CG  CD2  doub Y N 145 
HIS ND1 CE1  doub Y N 146 
HIS ND1 HD1  sing N N 147 
HIS CD2 NE2  sing Y N 148 
HIS CD2 HD2  sing N N 149 
HIS CE1 NE2  sing Y N 150 
HIS CE1 HE1  sing N N 151 
HIS NE2 HE2  sing N N 152 
HIS OXT HXT  sing N N 153 
HOH O   H1   sing N N 154 
HOH O   H2   sing N N 155 
ILE N   CA   sing N N 156 
ILE N   H    sing N N 157 
ILE N   H2   sing N N 158 
ILE CA  C    sing N N 159 
ILE CA  CB   sing N N 160 
ILE CA  HA   sing N N 161 
ILE C   O    doub N N 162 
ILE C   OXT  sing N N 163 
ILE CB  CG1  sing N N 164 
ILE CB  CG2  sing N N 165 
ILE CB  HB   sing N N 166 
ILE CG1 CD1  sing N N 167 
ILE CG1 HG12 sing N N 168 
ILE CG1 HG13 sing N N 169 
ILE CG2 HG21 sing N N 170 
ILE CG2 HG22 sing N N 171 
ILE CG2 HG23 sing N N 172 
ILE CD1 HD11 sing N N 173 
ILE CD1 HD12 sing N N 174 
ILE CD1 HD13 sing N N 175 
ILE OXT HXT  sing N N 176 
LEU N   CA   sing N N 177 
LEU N   H    sing N N 178 
LEU N   H2   sing N N 179 
LEU CA  C    sing N N 180 
LEU CA  CB   sing N N 181 
LEU CA  HA   sing N N 182 
LEU C   O    doub N N 183 
LEU C   OXT  sing N N 184 
LEU CB  CG   sing N N 185 
LEU CB  HB2  sing N N 186 
LEU CB  HB3  sing N N 187 
LEU CG  CD1  sing N N 188 
LEU CG  CD2  sing N N 189 
LEU CG  HG   sing N N 190 
LEU CD1 HD11 sing N N 191 
LEU CD1 HD12 sing N N 192 
LEU CD1 HD13 sing N N 193 
LEU CD2 HD21 sing N N 194 
LEU CD2 HD22 sing N N 195 
LEU CD2 HD23 sing N N 196 
LEU OXT HXT  sing N N 197 
LYS N   CA   sing N N 198 
LYS N   H    sing N N 199 
LYS N   H2   sing N N 200 
LYS CA  C    sing N N 201 
LYS CA  CB   sing N N 202 
LYS CA  HA   sing N N 203 
LYS C   O    doub N N 204 
LYS C   OXT  sing N N 205 
LYS CB  CG   sing N N 206 
LYS CB  HB2  sing N N 207 
LYS CB  HB3  sing N N 208 
LYS CG  CD   sing N N 209 
LYS CG  HG2  sing N N 210 
LYS CG  HG3  sing N N 211 
LYS CD  CE   sing N N 212 
LYS CD  HD2  sing N N 213 
LYS CD  HD3  sing N N 214 
LYS CE  NZ   sing N N 215 
LYS CE  HE2  sing N N 216 
LYS CE  HE3  sing N N 217 
LYS NZ  HZ1  sing N N 218 
LYS NZ  HZ2  sing N N 219 
LYS NZ  HZ3  sing N N 220 
LYS OXT HXT  sing N N 221 
PRO N   CA   sing N N 222 
PRO N   CD   sing N N 223 
PRO N   H    sing N N 224 
PRO CA  C    sing N N 225 
PRO CA  CB   sing N N 226 
PRO CA  HA   sing N N 227 
PRO C   O    doub N N 228 
PRO C   OXT  sing N N 229 
PRO CB  CG   sing N N 230 
PRO CB  HB2  sing N N 231 
PRO CB  HB3  sing N N 232 
PRO CG  CD   sing N N 233 
PRO CG  HG2  sing N N 234 
PRO CG  HG3  sing N N 235 
PRO CD  HD2  sing N N 236 
PRO CD  HD3  sing N N 237 
PRO OXT HXT  sing N N 238 
SER N   CA   sing N N 239 
SER N   H    sing N N 240 
SER N   H2   sing N N 241 
SER CA  C    sing N N 242 
SER CA  CB   sing N N 243 
SER CA  HA   sing N N 244 
SER C   O    doub N N 245 
SER C   OXT  sing N N 246 
SER CB  OG   sing N N 247 
SER CB  HB2  sing N N 248 
SER CB  HB3  sing N N 249 
SER OG  HG   sing N N 250 
SER OXT HXT  sing N N 251 
THR N   CA   sing N N 252 
THR N   H    sing N N 253 
THR N   H2   sing N N 254 
THR CA  C    sing N N 255 
THR CA  CB   sing N N 256 
THR CA  HA   sing N N 257 
THR C   O    doub N N 258 
THR C   OXT  sing N N 259 
THR CB  OG1  sing N N 260 
THR CB  CG2  sing N N 261 
THR CB  HB   sing N N 262 
THR OG1 HG1  sing N N 263 
THR CG2 HG21 sing N N 264 
THR CG2 HG22 sing N N 265 
THR CG2 HG23 sing N N 266 
THR OXT HXT  sing N N 267 
TRP N   CA   sing N N 268 
TRP N   H    sing N N 269 
TRP N   H2   sing N N 270 
TRP CA  C    sing N N 271 
TRP CA  CB   sing N N 272 
TRP CA  HA   sing N N 273 
TRP C   O    doub N N 274 
TRP C   OXT  sing N N 275 
TRP CB  CG   sing N N 276 
TRP CB  HB2  sing N N 277 
TRP CB  HB3  sing N N 278 
TRP CG  CD1  doub Y N 279 
TRP CG  CD2  sing Y N 280 
TRP CD1 NE1  sing Y N 281 
TRP CD1 HD1  sing N N 282 
TRP CD2 CE2  doub Y N 283 
TRP CD2 CE3  sing Y N 284 
TRP NE1 CE2  sing Y N 285 
TRP NE1 HE1  sing N N 286 
TRP CE2 CZ2  sing Y N 287 
TRP CE3 CZ3  doub Y N 288 
TRP CE3 HE3  sing N N 289 
TRP CZ2 CH2  doub Y N 290 
TRP CZ2 HZ2  sing N N 291 
TRP CZ3 CH2  sing Y N 292 
TRP CZ3 HZ3  sing N N 293 
TRP CH2 HH2  sing N N 294 
TRP OXT HXT  sing N N 295 
TYR N   CA   sing N N 296 
TYR N   H    sing N N 297 
TYR N   H2   sing N N 298 
TYR CA  C    sing N N 299 
TYR CA  CB   sing N N 300 
TYR CA  HA   sing N N 301 
TYR C   O    doub N N 302 
TYR C   OXT  sing N N 303 
TYR CB  CG   sing N N 304 
TYR CB  HB2  sing N N 305 
TYR CB  HB3  sing N N 306 
TYR CG  CD1  doub Y N 307 
TYR CG  CD2  sing Y N 308 
TYR CD1 CE1  sing Y N 309 
TYR CD1 HD1  sing N N 310 
TYR CD2 CE2  doub Y N 311 
TYR CD2 HD2  sing N N 312 
TYR CE1 CZ   doub Y N 313 
TYR CE1 HE1  sing N N 314 
TYR CE2 CZ   sing Y N 315 
TYR CE2 HE2  sing N N 316 
TYR CZ  OH   sing N N 317 
TYR OH  HH   sing N N 318 
TYR OXT HXT  sing N N 319 
VAL N   CA   sing N N 320 
VAL N   H    sing N N 321 
VAL N   H2   sing N N 322 
VAL CA  C    sing N N 323 
VAL CA  CB   sing N N 324 
VAL CA  HA   sing N N 325 
VAL C   O    doub N N 326 
VAL C   OXT  sing N N 327 
VAL CB  CG1  sing N N 328 
VAL CB  CG2  sing N N 329 
VAL CB  HB   sing N N 330 
VAL CG1 HG11 sing N N 331 
VAL CG1 HG12 sing N N 332 
VAL CG1 HG13 sing N N 333 
VAL CG2 HG21 sing N N 334 
VAL CG2 HG22 sing N N 335 
VAL CG2 HG23 sing N N 336 
VAL OXT HXT  sing N N 337 
# 
_atom_sites.entry_id                    3B2F 
_atom_sites.fract_transf_matrix[1][1]   0.02513869 
_atom_sites.fract_transf_matrix[1][2]   0.00287067 
_atom_sites.fract_transf_matrix[1][3]   -0.00110073 
_atom_sites.fract_transf_matrix[2][1]   0.00023402 
_atom_sites.fract_transf_matrix[2][2]   0.00385954 
_atom_sites.fract_transf_matrix[2][3]   0.01541031 
_atom_sites.fract_transf_matrix[3][1]   0.00185207 
_atom_sites.fract_transf_matrix[3][2]   -0.01480747 
_atom_sites.fract_transf_matrix[3][3]   0.00368043 
_atom_sites.fract_transf_vector[1]      0.499740 
_atom_sites.fract_transf_vector[2]      0.000998 
_atom_sites.fract_transf_vector[3]      0.045606 
# 
loop_
_atom_type.symbol 
C  
FE 
N  
O  
S  
# 
loop_
_atom_site.group_PDB 
_atom_site.id 
_atom_site.type_symbol 
_atom_site.label_atom_id 
_atom_site.label_alt_id 
_atom_site.label_comp_id 
_atom_site.label_asym_id 
_atom_site.label_entity_id 
_atom_site.label_seq_id 
_atom_site.pdbx_PDB_ins_code 
_atom_site.Cartn_x 
_atom_site.Cartn_y 
_atom_site.Cartn_z 
_atom_site.occupancy 
_atom_site.B_iso_or_equiv 
_atom_site.pdbx_formal_charge 
_atom_site.auth_seq_id 
_atom_site.auth_comp_id 
_atom_site.auth_asym_id 
_atom_site.auth_atom_id 
_atom_site.pdbx_PDB_model_num 
ATOM   1    N  N   . ALA A 1 1  ? -8.016  7.565   9.691   1.00 13.49 ? 1   ALA A N   1 
ATOM   2    C  CA  . ALA A 1 1  ? -8.932  6.769   10.584  1.00 13.27 ? 1   ALA A CA  1 
ATOM   3    C  C   . ALA A 1 1  ? -8.378  5.357   10.642  1.00 10.82 ? 1   ALA A C   1 
ATOM   4    O  O   . ALA A 1 1  ? -7.615  4.967   9.763   1.00 8.79  ? 1   ALA A O   1 
ATOM   5    C  CB  . ALA A 1 1  ? -10.350 6.740   10.030  1.00 11.29 ? 1   ALA A CB  1 
ATOM   6    N  N   . THR A 1 2  ? -8.881  4.580   11.583  1.00 9.62  ? 2   THR A N   1 
ATOM   7    C  CA  . THR A 1 2  ? -8.491  3.188   11.774  1.00 8.93  ? 2   THR A CA  1 
ATOM   8    C  C   . THR A 1 2  ? -9.789  2.460   12.104  1.00 9.22  ? 2   THR A C   1 
ATOM   9    O  O   . THR A 1 2  ? -10.680 3.042   12.759  1.00 8.95  ? 2   THR A O   1 
ATOM   10   C  CB  . THR A 1 2  ? -7.512  3.041   12.982  1.00 9.36  ? 2   THR A CB  1 
ATOM   11   O  OG1 . THR A 1 2  ? -6.285  3.746   12.708  1.00 11.54 ? 2   THR A OG1 1 
ATOM   12   C  CG2 . THR A 1 2  ? -7.205  1.577   13.316  1.00 6.33  ? 2   THR A CG2 1 
ATOM   13   N  N   . TYR A 1 3  ? -9.935  1.241   11.574  1.00 7.87  ? 3   TYR A N   1 
ATOM   14   C  CA  . TYR A 1 3  ? -11.217 0.525   11.601  1.00 4.74  ? 3   TYR A CA  1 
ATOM   15   C  C   . TYR A 1 3  ? -11.044 -0.836  12.203  1.00 6.27  ? 3   TYR A C   1 
ATOM   16   O  O   . TYR A 1 3  ? -9.955  -1.440  12.116  1.00 7.12  ? 3   TYR A O   1 
ATOM   17   C  CB  . TYR A 1 3  ? -11.793 0.361   10.152  1.00 3.20  ? 3   TYR A CB  1 
ATOM   18   C  CG  . TYR A 1 3  ? -12.158 1.674   9.499   1.00 8.14  ? 3   TYR A CG  1 
ATOM   19   C  CD1 . TYR A 1 3  ? -11.344 2.248   8.505   1.00 6.38  ? 3   TYR A CD1 1 
ATOM   20   C  CD2 . TYR A 1 3  ? -13.237 2.412   9.949   1.00 7.90  ? 3   TYR A CD2 1 
ATOM   21   C  CE1 . TYR A 1 3  ? -11.639 3.495   7.963   1.00 7.73  ? 3   TYR A CE1 1 
ATOM   22   C  CE2 . TYR A 1 3  ? -13.515 3.668   9.417   1.00 13.21 ? 3   TYR A CE2 1 
ATOM   23   C  CZ  . TYR A 1 3  ? -12.713 4.206   8.442   1.00 13.60 ? 3   TYR A CZ  1 
ATOM   24   O  OH  . TYR A 1 3  ? -13.053 5.425   7.861   1.00 10.14 ? 3   TYR A OH  1 
ATOM   25   N  N   . ASN A 1 4  ? -12.148 -1.331  12.750  1.00 5.83  ? 4   ASN A N   1 
ATOM   26   C  CA  . ASN A 1 4  ? -12.256 -2.695  13.255  1.00 7.38  ? 4   ASN A CA  1 
ATOM   27   C  C   . ASN A 1 4  ? -12.475 -3.640  12.099  1.00 8.08  ? 4   ASN A C   1 
ATOM   28   O  O   . ASN A 1 4  ? -13.418 -3.464  11.337  1.00 8.66  ? 4   ASN A O   1 
ATOM   29   C  CB  . ASN A 1 4  ? -13.457 -2.803  14.173  1.00 11.50 ? 4   ASN A CB  1 
ATOM   30   C  CG  . ASN A 1 4  ? -13.452 -4.087  14.936  1.00 16.94 ? 4   ASN A CG  1 
ATOM   31   O  OD1 . ASN A 1 4  ? -12.489 -4.378  15.651  1.00 23.66 ? 4   ASN A OD1 1 
ATOM   32   N  ND2 . ASN A 1 4  ? -14.464 -4.917  14.705  1.00 16.72 ? 4   ASN A ND2 1 
ATOM   33   N  N   . VAL A 1 5  ? -11.570 -4.611  11.947  1.00 5.34  ? 5   VAL A N   1 
ATOM   34   C  CA  . VAL A 1 5  ? -11.680 -5.584  10.846  1.00 5.77  ? 5   VAL A CA  1 
ATOM   35   C  C   . VAL A 1 5  ? -11.817 -6.973  11.474  1.00 5.99  ? 5   VAL A C   1 
ATOM   36   O  O   . VAL A 1 5  ? -10.960 -7.411  12.233  1.00 8.44  ? 5   VAL A O   1 
ATOM   37   C  CB  . VAL A 1 5  ? -10.432 -5.620  9.921   1.00 7.43  ? 5   VAL A CB  1 
ATOM   38   C  CG1 . VAL A 1 5  ? -10.634 -6.670  8.821   1.00 5.89  ? 5   VAL A CG1 1 
ATOM   39   C  CG2 . VAL A 1 5  ? -10.174 -4.243  9.290   1.00 7.71  ? 5   VAL A CG2 1 
ATOM   40   N  N   . LYS A 1 6  ? -12.976 -7.580  11.309  1.00 6.75  ? 6   LYS A N   1 
ATOM   41   C  CA  . LYS A 1 6  ? -13.173 -8.936  11.826  1.00 9.05  ? 6   LYS A CA  1 
ATOM   42   C  C   . LYS A 1 6  ? -12.856 -9.886  10.676  1.00 9.62  ? 6   LYS A C   1 
ATOM   43   O  O   . LYS A 1 6  ? -13.398 -9.727  9.569   1.00 11.72 ? 6   LYS A O   1 
ATOM   44   C  CB  . LYS A 1 6  ? -14.615 -9.107  12.303  1.00 10.20 ? 6   LYS A CB  1 
ATOM   45   C  CG  . LYS A 1 6  ? -14.997 -10.492 12.737  1.00 13.36 ? 6   LYS A CG  1 
ATOM   46   C  CD  . LYS A 1 6  ? -16.506 -10.620 13.042  1.00 25.01 ? 6   LYS A CD  1 
ATOM   47   C  CE  . LYS A 1 6  ? -16.879 -9.910  14.342  1.00 28.74 ? 6   LYS A CE  1 
ATOM   48   N  NZ  . LYS A 1 6  ? -17.833 -10.715 15.217  1.00 30.98 ? 6   LYS A NZ  1 
ATOM   49   N  N   . LEU A 1 7  ? -11.892 -10.774 10.899  1.00 7.66  ? 7   LEU A N   1 
ATOM   50   C  CA  . LEU A 1 7  ? -11.535 -11.787 9.922   1.00 7.51  ? 7   LEU A CA  1 
ATOM   51   C  C   . LEU A 1 7  ? -12.099 -13.135 10.385  1.00 11.15 ? 7   LEU A C   1 
ATOM   52   O  O   . LEU A 1 7  ? -11.800 -13.592 11.487  1.00 10.71 ? 7   LEU A O   1 
ATOM   53   C  CB  . LEU A 1 7  ? -10.007 -11.877 9.777   1.00 9.54  ? 7   LEU A CB  1 
ATOM   54   C  CG  . LEU A 1 7  ? -9.260  -10.599 9.368   1.00 6.97  ? 7   LEU A CG  1 
ATOM   55   C  CD1 . LEU A 1 7  ? -7.745  -10.919 9.457   1.00 9.88  ? 7   LEU A CD1 1 
ATOM   56   C  CD2 . LEU A 1 7  ? -9.624  -10.216 7.915   1.00 6.40  ? 7   LEU A CD2 1 
ATOM   57   N  N   . ILE A 1 8  ? -13.020 -13.681 9.591   1.00 9.10  ? 8   ILE A N   1 
ATOM   58   C  CA  . ILE A 1 8  ? -13.532 -15.034 9.838   1.00 11.32 ? 8   ILE A CA  1 
ATOM   59   C  C   . ILE A 1 8  ? -12.666 -16.047 9.092   1.00 10.08 ? 8   ILE A C   1 
ATOM   60   O  O   . ILE A 1 8  ? -12.829 -16.275 7.887   1.00 7.98  ? 8   ILE A O   1 
ATOM   61   C  CB  . ILE A 1 8  ? -15.035 -15.167 9.501   1.00 10.90 ? 8   ILE A CB  1 
ATOM   62   C  CG1 . ILE A 1 8  ? -15.822 -13.973 10.087  1.00 13.19 ? 8   ILE A CG1 1 
ATOM   63   C  CG2 . ILE A 1 8  ? -15.569 -16.506 10.027  1.00 13.60 ? 8   ILE A CG2 1 
ATOM   64   C  CD1 . ILE A 1 8  ? -17.296 -13.910 9.670   1.00 9.11  ? 8   ILE A CD1 1 
ATOM   65   N  N   . THR A 1 9  ? -11.711 -16.627 9.808   1.00 12.91 ? 9   THR A N   1 
ATOM   66   C  CA  . THR A 1 9  ? -10.816 -17.610 9.222   1.00 12.58 ? 9   THR A CA  1 
ATOM   67   C  C   . THR A 1 9  ? -11.370 -19.057 9.331   1.00 16.76 ? 9   THR A C   1 
ATOM   68   O  O   . THR A 1 9  ? -12.360 -19.293 10.005  1.00 13.82 ? 9   THR A O   1 
ATOM   69   C  CB  . THR A 1 9  ? -9.388  -17.529 9.832   1.00 15.98 ? 9   THR A CB  1 
ATOM   70   O  OG1 . THR A 1 9  ? -9.372  -18.179 11.113  1.00 17.52 ? 9   THR A OG1 1 
ATOM   71   C  CG2 . THR A 1 9  ? -8.958  -16.098 10.021  1.00 12.97 ? 9   THR A CG2 1 
ATOM   72   N  N   . PRO A 1 10 ? -10.750 -20.014 8.630   1.00 17.56 ? 10  PRO A N   1 
ATOM   73   C  CA  . PRO A 1 10 ? -11.187 -21.437 8.668   1.00 21.17 ? 10  PRO A CA  1 
ATOM   74   C  C   . PRO A 1 10 ? -11.108 -22.065 10.063  1.00 23.85 ? 10  PRO A C   1 
ATOM   75   O  O   . PRO A 1 10 ? -11.743 -23.111 10.330  1.00 24.22 ? 10  PRO A O   1 
ATOM   76   C  CB  . PRO A 1 10 ? -10.203 -22.121 7.716   1.00 24.13 ? 10  PRO A CB  1 
ATOM   77   C  CG  . PRO A 1 10 ? -9.884  -21.019 6.718   1.00 20.36 ? 10  PRO A CG  1 
ATOM   78   C  CD  . PRO A 1 10 ? -9.703  -19.802 7.620   1.00 15.43 ? 10  PRO A CD  1 
ATOM   79   N  N   . GLU A 1 11 ? -10.395 -21.376 10.949  1.00 23.09 ? 11  GLU A N   1 
ATOM   80   C  CA  . GLU A 1 11 ? -10.212 -21.769 12.329  1.00 25.62 ? 11  GLU A CA  1 
ATOM   81   C  C   . GLU A 1 11 ? -10.673 -20.639 13.275  1.00 23.08 ? 11  GLU A C   1 
ATOM   82   O  O   . GLU A 1 11 ? -10.068 -20.400 14.322  1.00 25.91 ? 11  GLU A O   1 
ATOM   83   C  CB  . GLU A 1 11 ? -8.731  -22.117 12.554  1.00 25.71 ? 11  GLU A CB  1 
ATOM   84   C  CG  . GLU A 1 11 ? -8.106  -22.899 11.369  1.00 30.31 ? 11  GLU A CG  1 
ATOM   85   C  CD  . GLU A 1 11 ? -6.682  -23.409 11.626  1.00 41.24 ? 11  GLU A CD  1 
ATOM   86   O  OE1 . GLU A 1 11 ? -5.884  -22.685 12.262  1.00 40.54 ? 11  GLU A OE1 1 
ATOM   87   O  OE2 . GLU A 1 11 ? -6.341  -24.511 11.122  1.00 45.03 ? 11  GLU A OE2 1 
ATOM   88   N  N   . GLY A 1 12 ? -11.694 -19.888 12.859  1.00 23.10 ? 12  GLY A N   1 
ATOM   89   C  CA  . GLY A 1 12 ? -12.403 -19.003 13.783  1.00 20.71 ? 12  GLY A CA  1 
ATOM   90   C  C   . GLY A 1 12 ? -12.225 -17.511 13.520  1.00 20.93 ? 12  GLY A C   1 
ATOM   91   O  O   . GLY A 1 12 ? -11.446 -17.103 12.662  1.00 18.17 ? 12  GLY A O   1 
ATOM   92   N  N   . GLU A 1 13 ? -12.881 -16.701 14.338  1.00 20.03 ? 13  GLU A N   1 
ATOM   93   C  CA  . GLU A 1 13 ? -12.918 -15.261 14.136  1.00 19.90 ? 13  GLU A CA  1 
ATOM   94   C  C   . GLU A 1 13 ? -11.794 -14.573 14.916  1.00 18.85 ? 13  GLU A C   1 
ATOM   95   O  O   . GLU A 1 13 ? -11.583 -14.855 16.085  1.00 20.92 ? 13  GLU A O   1 
ATOM   96   C  CB  . GLU A 1 13 ? -14.278 -14.715 14.559  1.00 19.99 ? 13  GLU A CB  1 
ATOM   97   C  CG  . GLU A 1 13 ? -14.344 -13.209 14.554  1.00 26.89 ? 13  GLU A CG  1 
ATOM   98   C  CD  . GLU A 1 13 ? -15.416 -12.664 15.477  1.00 36.85 ? 13  GLU A CD  1 
ATOM   99   O  OE1 . GLU A 1 13 ? -15.278 -11.494 15.906  1.00 39.16 ? 13  GLU A OE1 1 
ATOM   100  O  OE2 . GLU A 1 13 ? -16.403 -13.388 15.755  1.00 33.56 ? 13  GLU A OE2 1 
ATOM   101  N  N   . VAL A 1 14 ? -11.154 -13.579 14.306  1.00 17.22 ? 14  VAL A N   1 
ATOM   102  C  CA  . VAL A 1 14 ? -10.132 -12.794 14.987  1.00 15.52 ? 14  VAL A CA  1 
ATOM   103  C  C   . VAL A 1 14 ? -10.290 -11.345 14.563  1.00 13.99 ? 14  VAL A C   1 
ATOM   104  O  O   . VAL A 1 14 ? -10.596 -11.069 13.396  1.00 15.10 ? 14  VAL A O   1 
ATOM   105  C  CB  . VAL A 1 14 ? -8.696  -13.299 14.625  1.00 17.34 ? 14  VAL A CB  1 
ATOM   106  C  CG1 . VAL A 1 14 ? -8.424  -13.111 13.146  1.00 21.59 ? 14  VAL A CG1 1 
ATOM   107  C  CG2 . VAL A 1 14 ? -7.633  -12.626 15.468  1.00 21.17 ? 14  VAL A CG2 1 
ATOM   108  N  N   . GLU A 1 15 ? -10.255 -10.450 15.543  1.00 13.66 ? 15  GLU A N   1 
ATOM   109  C  CA  . GLU A 1 15 ? -10.473 -9.031  15.283  1.00 14.11 ? 15  GLU A CA  1 
ATOM   110  C  C   . GLU A 1 15 ? -9.165  -8.283  15.389  1.00 15.74 ? 15  GLU A C   1 
ATOM   111  O  O   . GLU A 1 15 ? -8.268  -8.684  16.169  1.00 13.79 ? 15  GLU A O   1 
ATOM   112  C  CB  . GLU A 1 15 ? -11.474 -8.444  16.283  1.00 18.33 ? 15  GLU A CB  1 
ATOM   113  C  CG  . GLU A 1 15 ? -12.908 -8.866  16.044  1.00 21.17 ? 15  GLU A CG  1 
ATOM   114  C  CD  . GLU A 1 15 ? -13.840 -8.221  17.026  1.00 29.94 ? 15  GLU A CD  1 
ATOM   115  O  OE1 . GLU A 1 15 ? -14.722 -8.932  17.561  1.00 27.89 ? 15  GLU A OE1 1 
ATOM   116  O  OE2 . GLU A 1 15 ? -13.657 -7.011  17.284  1.00 33.83 ? 15  GLU A OE2 1 
ATOM   117  N  N   . LEU A 1 16 ? -9.015  -7.274  14.531  1.00 10.88 ? 16  LEU A N   1 
ATOM   118  C  CA  . LEU A 1 16 ? -7.831  -6.424  14.522  1.00 10.74 ? 16  LEU A CA  1 
ATOM   119  C  C   . LEU A 1 16 ? -8.105  -5.002  14.041  1.00 10.39 ? 16  LEU A C   1 
ATOM   120  O  O   . LEU A 1 16 ? -9.130  -4.737  13.406  1.00 11.10 ? 16  LEU A O   1 
ATOM   121  C  CB  . LEU A 1 16 ? -6.669  -7.051  13.749  1.00 12.70 ? 16  LEU A CB  1 
ATOM   122  C  CG  . LEU A 1 16 ? -6.757  -6.971  12.224  1.00 11.25 ? 16  LEU A CG  1 
ATOM   123  C  CD1 . LEU A 1 16 ? -5.377  -7.161  11.605  1.00 19.84 ? 16  LEU A CD1 1 
ATOM   124  C  CD2 . LEU A 1 16 ? -7.699  -8.039  11.730  1.00 12.80 ? 16  LEU A CD2 1 
ATOM   125  N  N   . GLN A 1 17 ? -7.249  -4.079  14.440  1.00 9.13  ? 17  GLN A N   1 
ATOM   126  C  CA  . GLN A 1 17 ? -7.441  -2.665  14.079  1.00 8.13  ? 17  GLN A CA  1 
ATOM   127  C  C   . GLN A 1 17 ? -6.537  -2.404  12.901  1.00 10.50 ? 17  GLN A C   1 
ATOM   128  O  O   . GLN A 1 17 ? -5.320  -2.597  12.989  1.00 11.54 ? 17  GLN A O   1 
ATOM   129  C  CB  . GLN A 1 17 ? -7.054  -1.735  15.216  1.00 11.10 ? 17  GLN A CB  1 
ATOM   130  C  CG  . GLN A 1 17 ? -7.920  -1.861  16.464  1.00 11.50 ? 17  GLN A CG  1 
ATOM   131  C  CD  . GLN A 1 17 ? -9.389  -1.712  16.215  1.00 14.43 ? 17  GLN A CD  1 
ATOM   132  O  OE1 . GLN A 1 17 ? -10.128 -2.703  16.173  1.00 19.15 ? 17  GLN A OE1 1 
ATOM   133  N  NE2 . GLN A 1 17 ? -9.845  -0.471  16.072  1.00 12.72 ? 17  GLN A NE2 1 
ATOM   134  N  N   . VAL A 1 18 ? -7.135  -2.008  11.784  1.00 6.26  ? 18  VAL A N   1 
ATOM   135  C  CA  . VAL A 1 18 ? -6.357  -1.780  10.577  1.00 4.69  ? 18  VAL A CA  1 
ATOM   136  C  C   . VAL A 1 18 ? -6.461  -0.297  10.200  1.00 3.19  ? 18  VAL A C   1 
ATOM   137  O  O   . VAL A 1 18 ? -7.580  0.207   9.958   1.00 7.24  ? 18  VAL A O   1 
ATOM   138  C  CB  . VAL A 1 18 ? -6.936  -2.657  9.418   1.00 2.49  ? 18  VAL A CB  1 
ATOM   139  C  CG1 . VAL A 1 18 ? -6.134  -2.378  8.125   1.00 4.38  ? 18  VAL A CG1 1 
ATOM   140  C  CG2 . VAL A 1 18 ? -6.875  -4.187  9.815   1.00 4.75  ? 18  VAL A CG2 1 
ATOM   141  N  N   . PRO A 1 19 ? -5.316  0.436   10.190  1.00 5.53  ? 19  PRO A N   1 
ATOM   142  C  CA  . PRO A 1 19 ? -5.355  1.831   9.719   1.00 6.53  ? 19  PRO A CA  1 
ATOM   143  C  C   . PRO A 1 19 ? -5.916  1.903   8.309   1.00 5.81  ? 19  PRO A C   1 
ATOM   144  O  O   . PRO A 1 19 ? -5.678  0.977   7.524   1.00 7.69  ? 19  PRO A O   1 
ATOM   145  C  CB  . PRO A 1 19 ? -3.873  2.224   9.665   1.00 5.50  ? 19  PRO A CB  1 
ATOM   146  C  CG  . PRO A 1 19 ? -3.185  1.306   10.655  1.00 8.30  ? 19  PRO A CG  1 
ATOM   147  C  CD  . PRO A 1 19 ? -3.978  0.031   10.654  1.00 4.89  ? 19  PRO A CD  1 
ATOM   148  N  N   . ASP A 1 20 ? -6.564  3.019   7.947   1.00 7.66  ? 20  ASP A N   1 
ATOM   149  C  CA  . ASP A 1 20 ? -7.060  3.194   6.585   1.00 9.03  ? 20  ASP A CA  1 
ATOM   150  C  C   . ASP A 1 20 ? -5.981  3.342   5.509   1.00 7.63  ? 20  ASP A C   1 
ATOM   151  O  O   . ASP A 1 20 ? -6.310  3.327   4.307   1.00 6.47  ? 20  ASP A O   1 
ATOM   152  C  CB  . ASP A 1 20 ? -8.094  4.340   6.483   1.00 10.43 ? 20  ASP A CB  1 
ATOM   153  C  CG  . ASP A 1 20 ? -7.482  5.726   6.681   1.00 14.03 ? 20  ASP A CG  1 
ATOM   154  O  OD1 . ASP A 1 20 ? -8.242  6.678   6.938   1.00 16.07 ? 20  ASP A OD1 1 
ATOM   155  O  OD2 . ASP A 1 20 ? -6.242  5.856   6.712   1.00 13.76 ? 20  ASP A OD2 1 
ATOM   156  N  N   . ASP A 1 21 ? -4.707  3.288   5.918   1.00 5.97  ? 21  ASP A N   1 
ATOM   157  C  CA  . ASP A 1 21 ? -3.619  3.396   4.966   1.00 5.59  ? 21  ASP A CA  1 
ATOM   158  C  C   . ASP A 1 21 ? -2.638  2.215   5.053   1.00 6.98  ? 21  ASP A C   1 
ATOM   159  O  O   . ASP A 1 21 ? -1.553  2.249   4.476   1.00 7.00  ? 21  ASP A O   1 
ATOM   160  C  CB  . ASP A 1 21 ? -2.903  4.738   5.178   1.00 8.01  ? 21  ASP A CB  1 
ATOM   161  C  CG  . ASP A 1 21 ? -2.350  4.898   6.597   1.00 7.10  ? 21  ASP A CG  1 
ATOM   162  O  OD1 . ASP A 1 21 ? -2.327  3.919   7.361   1.00 9.99  ? 21  ASP A OD1 1 
ATOM   163  O  OD2 . ASP A 1 21 ? -1.616  5.894   6.812   1.00 12.34 ? 21  ASP A OD2 1 
ATOM   164  N  N   . VAL A 1 22 ? -3.123  1.119   5.630   1.00 5.89  ? 22  VAL A N   1 
ATOM   165  C  CA  . VAL A 1 22 ? -2.426  -0.163  5.629   1.00 6.91  ? 22  VAL A CA  1 
ATOM   166  C  C   . VAL A 1 22 ? -3.274  -1.249  4.977   1.00 7.62  ? 22  VAL A C   1 
ATOM   167  O  O   . VAL A 1 22 ? -4.418  -1.451  5.334   1.00 6.30  ? 22  VAL A O   1 
ATOM   168  C  CB  . VAL A 1 22 ? -2.049  -0.550  7.049   1.00 7.76  ? 22  VAL A CB  1 
ATOM   169  C  CG1 . VAL A 1 22 ? -1.391  -1.925  7.084   1.00 4.93  ? 22  VAL A CG1 1 
ATOM   170  C  CG2 . VAL A 1 22 ? -1.099  0.520   7.620   1.00 7.41  ? 22  VAL A CG2 1 
ATOM   171  N  N   . TYR A 1 23 ? -2.714  -1.950  3.988   1.00 6.14  ? 23  TYR A N   1 
ATOM   172  C  CA  . TYR A 1 23 ? -3.425  -3.124  3.439   1.00 5.31  ? 23  TYR A CA  1 
ATOM   173  C  C   . TYR A 1 23 ? -3.786  -4.168  4.518   1.00 4.58  ? 23  TYR A C   1 
ATOM   174  O  O   . TYR A 1 23 ? -2.980  -4.428  5.424   1.00 4.34  ? 23  TYR A O   1 
ATOM   175  C  CB  . TYR A 1 23 ? -2.586  -3.805  2.368   1.00 4.75  ? 23  TYR A CB  1 
ATOM   176  C  CG  . TYR A 1 23 ? -2.311  -3.040  1.110   1.00 7.92  ? 23  TYR A CG  1 
ATOM   177  C  CD1 . TYR A 1 23 ? -1.021  -3.039  0.577   1.00 5.66  ? 23  TYR A CD1 1 
ATOM   178  C  CD2 . TYR A 1 23 ? -3.323  -2.325  0.433   1.00 8.58  ? 23  TYR A CD2 1 
ATOM   179  C  CE1 . TYR A 1 23 ? -0.746  -2.407  -0.636  1.00 8.38  ? 23  TYR A CE1 1 
ATOM   180  C  CE2 . TYR A 1 23 ? -3.046  -1.662  -0.795  1.00 9.20  ? 23  TYR A CE2 1 
ATOM   181  C  CZ  . TYR A 1 23 ? -1.738  -1.696  -1.294  1.00 13.76 ? 23  TYR A CZ  1 
ATOM   182  O  OH  . TYR A 1 23 ? -1.420  -1.044  -2.461  1.00 9.40  ? 23  TYR A OH  1 
ATOM   183  N  N   . ILE A 1 24 ? -4.982  -4.755  4.447   1.00 2.63  ? 24  ILE A N   1 
ATOM   184  C  CA  . ILE A 1 24 ? -5.476  -5.682  5.468   1.00 3.47  ? 24  ILE A CA  1 
ATOM   185  C  C   . ILE A 1 24 ? -4.543  -6.873  5.699   1.00 2.87  ? 24  ILE A C   1 
ATOM   186  O  O   . ILE A 1 24 ? -4.208  -7.183  6.826   1.00 3.56  ? 24  ILE A O   1 
ATOM   187  C  CB  . ILE A 1 24 ? -6.871  -6.148  5.153   1.00 4.73  ? 24  ILE A CB  1 
ATOM   188  C  CG1 . ILE A 1 24 ? -7.842  -4.965  5.370   1.00 6.08  ? 24  ILE A CG1 1 
ATOM   189  C  CG2 . ILE A 1 24 ? -7.253  -7.398  5.949   1.00 5.83  ? 24  ILE A CG2 1 
ATOM   190  C  CD1 . ILE A 1 24 ? -9.150  -5.043  4.614   1.00 11.31 ? 24  ILE A CD1 1 
ATOM   191  N  N   . LEU A 1 25 ? -4.030  -7.445  4.612   1.00 2.00  ? 25  LEU A N   1 
ATOM   192  C  CA  . LEU A 1 25 ? -3.027  -8.547  4.757   1.00 3.71  ? 25  LEU A CA  1 
ATOM   193  C  C   . LEU A 1 25 ? -1.823  -8.120  5.582   1.00 5.95  ? 25  LEU A C   1 
ATOM   194  O  O   . LEU A 1 25 ? -1.250  -8.921  6.332   1.00 8.12  ? 25  LEU A O   1 
ATOM   195  C  CB  . LEU A 1 25 ? -2.527  -8.956  3.371   1.00 3.94  ? 25  LEU A CB  1 
ATOM   196  C  CG  . LEU A 1 25 ? -1.557  -10.152 3.273   1.00 7.43  ? 25  LEU A CG  1 
ATOM   197  C  CD1 . LEU A 1 25 ? -2.282  -11.417 3.647   1.00 11.44 ? 25  LEU A CD1 1 
ATOM   198  C  CD2 . LEU A 1 25 ? -1.091  -10.289 1.796   1.00 9.40  ? 25  LEU A CD2 1 
ATOM   199  N  N   . ASP A 1 26 ? -1.352  -6.889  5.335   1.00 4.78  ? 26  ASP A N   1 
ATOM   200  C  CA  . ASP A 1 26 ? -0.120  -6.435  5.925   1.00 6.98  ? 26  ASP A CA  1 
ATOM   201  C  C   . ASP A 1 26 ? -0.339  -6.300  7.421   1.00 7.20  ? 26  ASP A C   1 
ATOM   202  O  O   . ASP A 1 26 ? 0.551   -6.680  8.202   1.00 6.94  ? 26  ASP A O   1 
ATOM   203  C  CB  . ASP A 1 26 ? 0.317   -5.074  5.354   1.00 5.58  ? 26  ASP A CB  1 
ATOM   204  C  CG  . ASP A 1 26 ? 0.788   -5.155  3.892   1.00 8.92  ? 26  ASP A CG  1 
ATOM   205  O  OD1 . ASP A 1 26 ? 0.920   -6.273  3.384   1.00 12.36 ? 26  ASP A OD1 1 
ATOM   206  O  OD2 . ASP A 1 26 ? 1.091   -4.088  3.259   1.00 9.64  ? 26  ASP A OD2 1 
ATOM   207  N  N   . GLN A 1 27 ? -1.498  -5.770  7.819   1.00 4.73  ? 27  GLN A N   1 
ATOM   208  C  CA  . GLN A 1 27 ? -1.765  -5.609  9.266   1.00 5.47  ? 27  GLN A CA  1 
ATOM   209  C  C   . GLN A 1 27 ? -1.882  -6.991  9.931   1.00 7.35  ? 27  GLN A C   1 
ATOM   210  O  O   . GLN A 1 27 ? -1.456  -7.167  11.096  1.00 7.16  ? 27  GLN A O   1 
ATOM   211  C  CB  . GLN A 1 27 ? -3.038  -4.814  9.517   1.00 6.10  ? 27  GLN A CB  1 
ATOM   212  C  CG  . GLN A 1 27 ? -3.198  -4.401  11.020  1.00 7.17  ? 27  GLN A CG  1 
ATOM   213  C  CD  . GLN A 1 27 ? -2.071  -3.504  11.506  1.00 10.31 ? 27  GLN A CD  1 
ATOM   214  O  OE1 . GLN A 1 27 ? -1.785  -2.464  10.910  1.00 7.44  ? 27  GLN A OE1 1 
ATOM   215  N  NE2 . GLN A 1 27 ? -1.391  -3.926  12.599  1.00 11.15 ? 27  GLN A NE2 1 
ATOM   216  N  N   . ALA A 1 28 ? -2.570  -7.908  9.240   1.00 7.14  ? 28  ALA A N   1 
ATOM   217  C  CA  . ALA A 1 28 ? -2.828  -9.250  9.757   1.00 9.27  ? 28  ALA A CA  1 
ATOM   218  C  C   . ALA A 1 28 ? -1.491  -9.934  10.075  1.00 10.41 ? 28  ALA A C   1 
ATOM   219  O  O   . ALA A 1 28 ? -1.308  -10.497 11.162  1.00 10.50 ? 28  ALA A O   1 
ATOM   220  C  CB  . ALA A 1 28 ? -3.632  -10.060 8.747   1.00 10.57 ? 28  ALA A CB  1 
ATOM   221  N  N   . GLU A 1 29 ? -0.549  -9.798  9.148   1.00 9.80  ? 29  GLU A N   1 
ATOM   222  C  CA  . GLU A 1 29 ? 0.750   -10.450 9.249   1.00 10.78 ? 29  GLU A CA  1 
ATOM   223  C  C   . GLU A 1 29 ? 1.498   -9.858  10.442  1.00 13.46 ? 29  GLU A C   1 
ATOM   224  O  O   . GLU A 1 29 ? 2.083   -10.591 11.222  1.00 10.53 ? 29  GLU A O   1 
ATOM   225  C  CB  . GLU A 1 29 ? 1.569   -10.215 7.958   1.00 13.82 ? 29  GLU A CB  1 
ATOM   226  C  CG  . GLU A 1 29 ? 2.963   -10.854 8.007   1.00 15.74 ? 29  GLU A CG  1 
ATOM   227  C  CD  . GLU A 1 29 ? 3.706   -10.774 6.685   1.00 23.45 ? 29  GLU A CD  1 
ATOM   228  O  OE1 . GLU A 1 29 ? 3.441   -9.831  5.884   1.00 26.12 ? 29  GLU A OE1 1 
ATOM   229  O  OE2 . GLU A 1 29 ? 4.627   -11.600 6.494   1.00 22.43 ? 29  GLU A OE2 1 
ATOM   230  N  N   . GLU A 1 30 ? 1.473   -8.535  10.579  1.00 10.92 ? 30  GLU A N   1 
ATOM   231  C  CA  . GLU A 1 30 ? 2.083   -7.891  11.734  1.00 15.20 ? 30  GLU A CA  1 
ATOM   232  C  C   . GLU A 1 30 ? 1.475   -8.333  13.068  1.00 13.72 ? 30  GLU A C   1 
ATOM   233  O  O   . GLU A 1 30 ? 2.188   -8.417  14.080  1.00 13.19 ? 30  GLU A O   1 
ATOM   234  C  CB  . GLU A 1 30 ? 2.011   -6.380  11.612  1.00 15.77 ? 30  GLU A CB  1 
ATOM   235  C  CG  . GLU A 1 30 ? 2.735   -5.859  10.394  1.00 17.52 ? 30  GLU A CG  1 
ATOM   236  C  CD  . GLU A 1 30 ? 2.314   -4.448  10.085  1.00 22.99 ? 30  GLU A CD  1 
ATOM   237  O  OE1 . GLU A 1 30 ? 1.766   -3.777  10.997  1.00 26.77 ? 30  GLU A OE1 1 
ATOM   238  O  OE2 . GLU A 1 30 ? 2.426   -4.047  8.909   1.00 20.96 ? 30  GLU A OE2 1 
ATOM   239  N  N   . ASP A 1 31 ? 0.172   -8.589  13.075  1.00 12.82 ? 31  ASP A N   1 
ATOM   240  C  CA  . ASP A 1 31 ? -0.527  -9.065  14.282  1.00 14.07 ? 31  ASP A CA  1 
ATOM   241  C  C   . ASP A 1 31 ? -0.486  -10.587 14.450  1.00 14.24 ? 31  ASP A C   1 
ATOM   242  O  O   . ASP A 1 31 ? -1.195  -11.141 15.282  1.00 13.81 ? 31  ASP A O   1 
ATOM   243  C  CB  . ASP A 1 31 ? -1.993  -8.569  14.328  1.00 12.83 ? 31  ASP A CB  1 
ATOM   244  C  CG  . ASP A 1 31 ? -2.096  -7.060  14.360  1.00 17.30 ? 31  ASP A CG  1 
ATOM   245  O  OD1 . ASP A 1 31 ? -1.184  -6.410  14.897  1.00 22.61 ? 31  ASP A OD1 1 
ATOM   246  O  OD2 . ASP A 1 31 ? -3.142  -6.524  13.936  1.00 24.13 ? 31  ASP A OD2 1 
ATOM   247  N  N   . GLY A 1 32 ? 0.375   -11.263 13.692  1.00 15.00 ? 32  GLY A N   1 
ATOM   248  C  CA  . GLY A 1 32 ? 0.613   -12.682 13.925  1.00 16.04 ? 32  GLY A CA  1 
ATOM   249  C  C   . GLY A 1 32 ? -0.461  -13.603 13.353  1.00 15.41 ? 32  GLY A C   1 
ATOM   250  O  O   . GLY A 1 32 ? -0.655  -14.730 13.835  1.00 16.35 ? 32  GLY A O   1 
ATOM   251  N  N   . ILE A 1 33 ? -1.181  -13.117 12.339  1.00 14.34 ? 33  ILE A N   1 
ATOM   252  C  CA  . ILE A 1 33 ? -2.296  -13.850 11.757  1.00 11.97 ? 33  ILE A CA  1 
ATOM   253  C  C   . ILE A 1 33 ? -1.946  -14.237 10.331  1.00 14.19 ? 33  ILE A C   1 
ATOM   254  O  O   . ILE A 1 33 ? -1.780  -13.370 9.483   1.00 16.17 ? 33  ILE A O   1 
ATOM   255  C  CB  . ILE A 1 33 ? -3.590  -12.979 11.721  1.00 9.16  ? 33  ILE A CB  1 
ATOM   256  C  CG1 . ILE A 1 33 ? -3.980  -12.533 13.136  1.00 11.45 ? 33  ILE A CG1 1 
ATOM   257  C  CG2 . ILE A 1 33 ? -4.702  -13.707 11.025  1.00 11.27 ? 33  ILE A CG2 1 
ATOM   258  C  CD1 . ILE A 1 33 ? -5.143  -11.566 13.173  1.00 22.99 ? 33  ILE A CD1 1 
ATOM   259  N  N   . ASP A 1 34 ? -1.881  -15.542 10.074  1.00 14.02 ? 34  ASP A N   1 
ATOM   260  C  CA  . ASP A 1 34 ? -1.462  -16.073 8.770   1.00 14.37 ? 34  ASP A CA  1 
ATOM   261  C  C   . ASP A 1 34 ? -2.655  -16.115 7.790   1.00 14.55 ? 34  ASP A C   1 
ATOM   262  O  O   . ASP A 1 34 ? -3.617  -16.889 7.968   1.00 15.96 ? 34  ASP A O   1 
ATOM   263  C  CB  . ASP A 1 34 ? -0.852  -17.474 8.984   1.00 18.04 ? 34  ASP A CB  1 
ATOM   264  C  CG  . ASP A 1 34 ? 0.003   -17.947 7.790   1.00 23.71 ? 34  ASP A CG  1 
ATOM   265  O  OD1 . ASP A 1 34 ? 0.205   -17.158 6.840   1.00 25.92 ? 34  ASP A OD1 1 
ATOM   266  O  OD2 . ASP A 1 34 ? 0.420   -19.126 7.791   1.00 30.98 ? 34  ASP A OD2 1 
ATOM   267  N  N   . LEU A 1 35 ? -2.621  -15.242 6.784   1.00 9.59  ? 35  LEU A N   1 
ATOM   268  C  CA  . LEU A 1 35 ? -3.586  -15.289 5.695   1.00 8.96  ? 35  LEU A CA  1 
ATOM   269  C  C   . LEU A 1 35 ? -2.825  -15.667 4.426   1.00 8.05  ? 35  LEU A C   1 
ATOM   270  O  O   . LEU A 1 35 ? -1.638  -15.298 4.296   1.00 9.75  ? 35  LEU A O   1 
ATOM   271  C  CB  . LEU A 1 35 ? -4.222  -13.887 5.533   1.00 7.89  ? 35  LEU A CB  1 
ATOM   272  C  CG  . LEU A 1 35 ? -5.001  -13.385 6.755   1.00 6.94  ? 35  LEU A CG  1 
ATOM   273  C  CD1 . LEU A 1 35 ? -5.662  -12.056 6.368   1.00 6.03  ? 35  LEU A CD1 1 
ATOM   274  C  CD2 . LEU A 1 35 ? -6.042  -14.446 7.203   1.00 9.62  ? 35  LEU A CD2 1 
ATOM   275  N  N   . PRO A 1 36 ? -3.494  -16.360 3.478   1.00 9.23  ? 36  PRO A N   1 
ATOM   276  C  CA  . PRO A 1 36 ? -2.871  -16.758 2.213   1.00 10.44 ? 36  PRO A CA  1 
ATOM   277  C  C   . PRO A 1 36 ? -2.606  -15.604 1.259   1.00 10.65 ? 36  PRO A C   1 
ATOM   278  O  O   . PRO A 1 36 ? -3.348  -14.618 1.238   1.00 8.93  ? 36  PRO A O   1 
ATOM   279  C  CB  . PRO A 1 36 ? -3.879  -17.729 1.595   1.00 6.92  ? 36  PRO A CB  1 
ATOM   280  C  CG  . PRO A 1 36 ? -5.206  -17.238 2.140   1.00 9.68  ? 36  PRO A CG  1 
ATOM   281  C  CD  . PRO A 1 36 ? -4.917  -16.747 3.528   1.00 7.36  ? 36  PRO A CD  1 
ATOM   282  N  N   . TYR A 1 37 ? -1.561  -15.772 0.451   1.00 9.56  ? 37  TYR A N   1 
ATOM   283  C  CA  . TYR A 1 37 ? -1.170  -14.831 -0.575  1.00 10.56 ? 37  TYR A CA  1 
ATOM   284  C  C   . TYR A 1 37 ? -0.211  -15.520 -1.553  1.00 9.30  ? 37  TYR A C   1 
ATOM   285  O  O   . TYR A 1 37 ? 0.356   -16.550 -1.229  1.00 10.40 ? 37  TYR A O   1 
ATOM   286  C  CB  . TYR A 1 37 ? -0.462  -13.641 0.066   1.00 10.15 ? 37  TYR A CB  1 
ATOM   287  C  CG  . TYR A 1 37 ? 0.790   -13.986 0.837   1.00 8.17  ? 37  TYR A CG  1 
ATOM   288  C  CD1 . TYR A 1 37 ? 0.739   -14.222 2.222   1.00 8.71  ? 37  TYR A CD1 1 
ATOM   289  C  CD2 . TYR A 1 37 ? 2.041   -13.928 0.225   1.00 11.22 ? 37  TYR A CD2 1 
ATOM   290  C  CE1 . TYR A 1 37 ? 1.906   -14.512 2.953   1.00 13.40 ? 37  TYR A CE1 1 
ATOM   291  C  CE2 . TYR A 1 37 ? 3.216   -14.162 0.967   1.00 15.02 ? 37  TYR A CE2 1 
ATOM   292  C  CZ  . TYR A 1 37 ? 3.136   -14.451 2.315   1.00 13.38 ? 37  TYR A CZ  1 
ATOM   293  O  OH  . TYR A 1 37 ? 4.293   -14.723 3.024   1.00 19.14 ? 37  TYR A OH  1 
ATOM   294  N  N   . SER A 1 38 ? 0.149   -14.803 -2.598  1.00 8.07  ? 38  SER A N   1 
ATOM   295  C  CA  . SER A 1 38 ? 1.187   -15.241 -3.535  1.00 10.77 ? 38  SER A CA  1 
ATOM   296  C  C   . SER A 1 38 ? 1.896   -14.011 -4.126  1.00 9.07  ? 38  SER A C   1 
ATOM   297  O  O   . SER A 1 38 ? 2.899   -13.545 -3.592  1.00 11.21 ? 38  SER A O   1 
ATOM   298  C  CB  . SER A 1 38 ? 0.551   -16.076 -4.662  1.00 12.02 ? 38  SER A CB  1 
ATOM   299  O  OG  . SER A 1 38 ? 1.562   -16.560 -5.523  1.00 17.07 ? 38  SER A OG  1 
ATOM   300  N  N   . CYS A 1 39 ? 1.221   -13.334 -5.044  1.00 7.89  ? 39  CYS A N   1 
ATOM   301  C  CA  . CYS A 1 39 ? 1.814   -12.128 -5.695  1.00 10.75 ? 39  CYS A CA  1 
ATOM   302  C  C   . CYS A 1 39 ? 1.978   -10.864 -4.827  1.00 11.33 ? 39  CYS A C   1 
ATOM   303  O  O   . CYS A 1 39 ? 2.875   -10.027 -5.079  1.00 11.12 ? 39  CYS A O   1 
ATOM   304  C  CB  . CYS A 1 39 ? 1.080   -11.800 -7.005  1.00 9.37  ? 39  CYS A CB  1 
ATOM   305  S  SG  . CYS A 1 39 ? -0.514  -10.903 -6.806  1.00 8.60  ? 39  CYS A SG  1 
ATOM   306  N  N   . ARG A 1 40 ? 1.071   -10.677 -3.869  1.00 11.66 ? 40  ARG A N   1 
ATOM   307  C  CA  . ARG A 1 40 ? 0.941   -9.407  -3.097  1.00 12.00 ? 40  ARG A CA  1 
ATOM   308  C  C   . ARG A 1 40 ? 0.941   -8.139  -3.968  1.00 10.88 ? 40  ARG A C   1 
ATOM   309  O  O   . ARG A 1 40 ? 1.375   -7.062  -3.546  1.00 11.95 ? 40  ARG A O   1 
ATOM   310  C  CB  . ARG A 1 40 ? 1.992   -9.325  -1.972  1.00 12.96 ? 40  ARG A CB  1 
ATOM   311  C  CG  . ARG A 1 40 ? 1.885   -10.489 -0.965  1.00 20.04 ? 40  ARG A CG  1 
ATOM   312  C  CD  . ARG A 1 40 ? 2.971   -10.440 0.115   1.00 23.78 ? 40  ARG A CD  1 
ATOM   313  N  NE  . ARG A 1 40 ? 3.248   -9.068  0.484   1.00 30.20 ? 40  ARG A NE  1 
ATOM   314  C  CZ  . ARG A 1 40 ? 2.769   -8.456  1.560   1.00 31.47 ? 40  ARG A CZ  1 
ATOM   315  N  NH1 . ARG A 1 40 ? 2.100   -9.136  2.483   1.00 24.95 ? 40  ARG A NH1 1 
ATOM   316  N  NH2 . ARG A 1 40 ? 3.052   -7.164  1.750   1.00 34.16 ? 40  ARG A NH2 1 
ATOM   317  N  N   . ALA A 1 41 ? 0.357   -8.266  -5.149  1.00 8.31  ? 41  ALA A N   1 
ATOM   318  C  CA  . ALA A 1 41 ? 0.328   -7.171  -6.103  1.00 10.96 ? 41  ALA A CA  1 
ATOM   319  C  C   . ALA A 1 41 ? -1.071  -6.919  -6.664  1.00 8.87  ? 41  ALA A C   1 
ATOM   320  O  O   . ALA A 1 41 ? -1.215  -6.149  -7.601  1.00 11.80 ? 41  ALA A O   1 
ATOM   321  C  CB  . ALA A 1 41 ? 1.311   -7.463  -7.248  1.00 10.03 ? 41  ALA A CB  1 
ATOM   322  N  N   . GLY A 1 42 ? -2.080  -7.644  -6.178  1.00 8.36  ? 42  GLY A N   1 
ATOM   323  C  CA  . GLY A 1 42 ? -3.459  -7.406  -6.605  1.00 7.26  ? 42  GLY A CA  1 
ATOM   324  C  C   . GLY A 1 42 ? -3.800  -8.049  -7.922  1.00 8.31  ? 42  GLY A C   1 
ATOM   325  O  O   . GLY A 1 42 ? -4.815  -7.717  -8.523  1.00 9.22  ? 42  GLY A O   1 
ATOM   326  N  N   . SER A 1 43 ? -3.020  -9.051  -8.327  1.00 6.81  ? 43  SER A N   1 
ATOM   327  C  CA  . SER A 1 43 ? -3.195  -9.607  -9.684  1.00 7.52  ? 43  SER A CA  1 
ATOM   328  C  C   . SER A 1 43 ? -3.305  -11.134 -9.691  1.00 9.46  ? 43  SER A C   1 
ATOM   329  O  O   . SER A 1 43 ? -3.057  -11.767 -10.717 1.00 11.96 ? 43  SER A O   1 
ATOM   330  C  CB  . SER A 1 43 ? -2.036  -9.200  -10.608 1.00 14.54 ? 43  SER A CB  1 
ATOM   331  O  OG  . SER A 1 43 ? -0.793  -9.356  -9.969  1.00 19.07 ? 43  SER A OG  1 
ATOM   332  N  N   . CYS A 1 44 ? -3.735  -11.709 -8.579  1.00 8.79  ? 44  CYS A N   1 
ATOM   333  C  CA  . CYS A 1 44 ? -4.014  -13.151 -8.520  1.00 7.67  ? 44  CYS A CA  1 
ATOM   334  C  C   . CYS A 1 44 ? -5.156  -13.406 -7.548  1.00 8.11  ? 44  CYS A C   1 
ATOM   335  O  O   . CYS A 1 44 ? -5.833  -12.463 -7.108  1.00 10.48 ? 44  CYS A O   1 
ATOM   336  C  CB  . CYS A 1 44 ? -2.762  -14.008 -8.152  1.00 7.42  ? 44  CYS A CB  1 
ATOM   337  S  SG  . CYS A 1 44 ? -2.358  -14.195 -6.370  1.00 9.84  ? 44  CYS A SG  1 
ATOM   338  N  N   . SER A 1 45 ? -5.430  -14.685 -7.293  1.00 12.60 ? 45  SER A N   1 
ATOM   339  C  CA  . SER A 1 45 ? -6.603  -15.065 -6.509  1.00 11.80 ? 45  SER A CA  1 
ATOM   340  C  C   . SER A 1 45 ? -6.210  -15.503 -5.089  1.00 11.48 ? 45  SER A C   1 
ATOM   341  O  O   . SER A 1 45 ? -7.078  -15.826 -4.277  1.00 9.39  ? 45  SER A O   1 
ATOM   342  C  CB  . SER A 1 45 ? -7.398  -16.176 -7.222  1.00 11.89 ? 45  SER A CB  1 
ATOM   343  O  OG  . SER A 1 45 ? -6.563  -17.288 -7.539  1.00 13.25 ? 45  SER A OG  1 
ATOM   344  N  N   . SER A 1 46 ? -4.904  -15.522 -4.795  1.00 10.30 ? 46  SER A N   1 
ATOM   345  C  CA  . SER A 1 46 ? -4.420  -16.264 -3.627  1.00 10.46 ? 46  SER A CA  1 
ATOM   346  C  C   . SER A 1 46 ? -4.960  -15.727 -2.319  1.00 10.07 ? 46  SER A C   1 
ATOM   347  O  O   . SER A 1 46 ? -5.248  -16.495 -1.390  1.00 8.09  ? 46  SER A O   1 
ATOM   348  C  CB  . SER A 1 46 ? -2.895  -16.291 -3.561  1.00 10.93 ? 46  SER A CB  1 
ATOM   349  O  OG  . SER A 1 46 ? -2.392  -17.072 -4.623  1.00 17.13 ? 46  SER A OG  1 
ATOM   350  N  N   . CYS A 1 47 ? -5.112  -14.398 -2.263  1.00 7.23  ? 47  CYS A N   1 
ATOM   351  C  CA  . CYS A 1 47 ? -5.447  -13.726 -1.009  1.00 7.82  ? 47  CYS A CA  1 
ATOM   352  C  C   . CYS A 1 47 ? -6.962  -13.423 -0.938  1.00 7.36  ? 47  CYS A C   1 
ATOM   353  O  O   . CYS A 1 47 ? -7.426  -12.720 -0.071  1.00 6.90  ? 47  CYS A O   1 
ATOM   354  C  CB  . CYS A 1 47 ? -4.605  -12.458 -0.915  1.00 5.22  ? 47  CYS A CB  1 
ATOM   355  S  SG  . CYS A 1 47 ? -5.187  -11.241 -2.124  1.00 6.38  ? 47  CYS A SG  1 
ATOM   356  N  N   . ALA A 1 48 ? -7.717  -13.931 -1.903  1.00 7.24  ? 48  ALA A N   1 
ATOM   357  C  CA  . ALA A 1 48 ? -9.148  -13.756 -1.934  1.00 9.03  ? 48  ALA A CA  1 
ATOM   358  C  C   . ALA A 1 48 ? -9.859  -13.900 -0.574  1.00 6.95  ? 48  ALA A C   1 
ATOM   359  O  O   . ALA A 1 48 ? -9.645  -14.877 0.162   1.00 8.16  ? 48  ALA A O   1 
ATOM   360  C  CB  . ALA A 1 48 ? -9.769  -14.675 -3.010  1.00 8.39  ? 48  ALA A CB  1 
ATOM   361  N  N   . GLY A 1 49 ? -10.786 -12.986 -0.329  1.00 6.70  ? 49  GLY A N   1 
ATOM   362  C  CA  . GLY A 1 49 ? -11.759 -13.086 0.758   1.00 6.91  ? 49  GLY A CA  1 
ATOM   363  C  C   . GLY A 1 49 ? -13.109 -12.532 0.325   1.00 7.37  ? 49  GLY A C   1 
ATOM   364  O  O   . GLY A 1 49 ? -13.270 -12.092 -0.807  1.00 7.98  ? 49  GLY A O   1 
ATOM   365  N  N   . LYS A 1 50 ? -14.118 -12.679 1.166   1.00 6.31  ? 50  LYS A N   1 
ATOM   366  C  CA  . LYS A 1 50 ? -15.445 -12.156 0.826   1.00 7.30  ? 50  LYS A CA  1 
ATOM   367  C  C   . LYS A 1 50 ? -15.913 -11.264 1.941   1.00 8.09  ? 50  LYS A C   1 
ATOM   368  O  O   . LYS A 1 50 ? -15.790 -11.624 3.086   1.00 9.54  ? 50  LYS A O   1 
ATOM   369  C  CB  . LYS A 1 50 ? -16.434 -13.309 0.699   1.00 8.60  ? 50  LYS A CB  1 
ATOM   370  C  CG  . LYS A 1 50 ? -16.068 -14.292 -0.362  1.00 13.91 ? 50  LYS A CG  1 
ATOM   371  C  CD  . LYS A 1 50 ? -17.271 -14.641 -1.232  1.00 19.06 ? 50  LYS A CD  1 
ATOM   372  C  CE  . LYS A 1 50 ? -18.110 -13.396 -1.563  1.00 20.86 ? 50  LYS A CE  1 
ATOM   373  N  NZ  . LYS A 1 50 ? -19.253 -13.763 -2.476  1.00 27.06 ? 50  LYS A NZ  1 
ATOM   374  N  N   . VAL A 1 51 ? -16.355 -10.059 1.582   1.00 6.86  ? 51  VAL A N   1 
ATOM   375  C  CA  . VAL A 1 51 ? -16.847 -9.075  2.521   1.00 9.07  ? 51  VAL A CA  1 
ATOM   376  C  C   . VAL A 1 51 ? -18.233 -9.502  3.001   1.00 8.07  ? 51  VAL A C   1 
ATOM   377  O  O   . VAL A 1 51 ? -19.114 -9.776  2.197   1.00 12.58 ? 51  VAL A O   1 
ATOM   378  C  CB  . VAL A 1 51 ? -16.908 -7.674  1.848   1.00 7.59  ? 51  VAL A CB  1 
ATOM   379  C  CG1 . VAL A 1 51 ? -17.510 -6.659  2.795   1.00 9.78  ? 51  VAL A CG1 1 
ATOM   380  C  CG2 . VAL A 1 51 ? -15.526 -7.204  1.436   1.00 10.59 ? 51  VAL A CG2 1 
ATOM   381  N  N   . VAL A 1 52 ? -18.381 -9.657  4.309   1.00 8.23  ? 52  VAL A N   1 
ATOM   382  C  CA  . VAL A 1 52 ? -19.678 -9.939  4.922   1.00 9.77  ? 52  VAL A CA  1 
ATOM   383  C  C   . VAL A 1 52 ? -20.452 -8.660  5.206   1.00 10.06 ? 52  VAL A C   1 
ATOM   384  O  O   . VAL A 1 52 ? -21.665 -8.564  4.920   1.00 11.87 ? 52  VAL A O   1 
ATOM   385  C  CB  . VAL A 1 52 ? -19.522 -10.800 6.177   1.00 10.54 ? 52  VAL A CB  1 
ATOM   386  C  CG1 . VAL A 1 52 ? -20.870 -10.993 6.859   1.00 9.60  ? 52  VAL A CG1 1 
ATOM   387  C  CG2 . VAL A 1 52 ? -18.909 -12.134 5.812   1.00 10.83 ? 52  VAL A CG2 1 
ATOM   388  N  N   . SER A 1 53 ? -19.728 -7.630  5.650   1.00 7.85  ? 53  SER A N   1 
ATOM   389  C  CA  . SER A 1 53 ? -20.333 -6.300  5.847   1.00 4.54  ? 53  SER A CA  1 
ATOM   390  C  C   . SER A 1 53 ? -19.231 -5.271  5.887   1.00 3.67  ? 53  SER A C   1 
ATOM   391  O  O   . SER A 1 53 ? -18.064 -5.566  6.157   1.00 6.27  ? 53  SER A O   1 
ATOM   392  C  CB  . SER A 1 53 ? -21.074 -6.230  7.187   1.00 6.38  ? 53  SER A CB  1 
ATOM   393  O  OG  . SER A 1 53 ? -20.302 -6.747  8.235   1.00 8.46  ? 53  SER A OG  1 
ATOM   394  N  N   . GLY A 1 54 ? -19.608 -4.032  5.671   1.00 4.01  ? 54  GLY A N   1 
ATOM   395  C  CA  . GLY A 1 54 ? -18.591 -2.975  5.719   1.00 4.13  ? 54  GLY A CA  1 
ATOM   396  C  C   . GLY A 1 54 ? -18.021 -2.800  4.335   1.00 5.79  ? 54  GLY A C   1 
ATOM   397  O  O   . GLY A 1 54 ? -18.546 -3.342  3.348   1.00 5.46  ? 54  GLY A O   1 
ATOM   398  N  N   . SER A 1 55 ? -17.016 -1.937  4.217   1.00 4.45  ? 55  SER A N   1 
ATOM   399  C  CA  . SER A 1 55 ? -16.510 -1.603  2.892   1.00 5.06  ? 55  SER A CA  1 
ATOM   400  C  C   . SER A 1 55 ? -14.996 -1.532  2.925   1.00 6.03  ? 55  SER A C   1 
ATOM   401  O  O   . SER A 1 55 ? -14.388 -1.267  3.974   1.00 4.60  ? 55  SER A O   1 
ATOM   402  C  CB  . SER A 1 55 ? -17.085 -0.246  2.450   1.00 5.31  ? 55  SER A CB  1 
ATOM   403  O  OG  . SER A 1 55 ? -16.788 0.793   3.384   1.00 8.29  ? 55  SER A OG  1 
ATOM   404  N  N   . VAL A 1 56 ? -14.405 -1.762  1.763   1.00 5.49  ? 56  VAL A N   1 
ATOM   405  C  CA  . VAL A 1 56 ? -12.962 -1.604  1.558   1.00 6.02  ? 56  VAL A CA  1 
ATOM   406  C  C   . VAL A 1 56 ? -12.698 -0.717  0.340   1.00 7.44  ? 56  VAL A C   1 
ATOM   407  O  O   . VAL A 1 56 ? -13.573 -0.529  -0.520  1.00 6.09  ? 56  VAL A O   1 
ATOM   408  C  CB  . VAL A 1 56 ? -12.307 -3.024  1.338   1.00 3.82  ? 56  VAL A CB  1 
ATOM   409  C  CG1 . VAL A 1 56 ? -12.716 -3.928  2.479   1.00 5.59  ? 56  VAL A CG1 1 
ATOM   410  C  CG2 . VAL A 1 56 ? -12.746 -3.615  -0.042  1.00 4.09  ? 56  VAL A CG2 1 
ATOM   411  N  N   . ASP A 1 57 ? -11.460 -0.248  0.219   1.00 7.26  ? 57  ASP A N   1 
ATOM   412  C  CA  . ASP A 1 57 ? -10.965 0.381   -1.003  1.00 7.46  ? 57  ASP A CA  1 
ATOM   413  C  C   . ASP A 1 57 ? -9.953  -0.550  -1.572  1.00 7.36  ? 57  ASP A C   1 
ATOM   414  O  O   . ASP A 1 57 ? -8.884  -0.709  -1.020  1.00 6.22  ? 57  ASP A O   1 
ATOM   415  C  CB  . ASP A 1 57 ? -10.306 1.740   -0.657  1.00 8.01  ? 57  ASP A CB  1 
ATOM   416  C  CG  . ASP A 1 57 ? -9.484  2.339   -1.803  1.00 14.00 ? 57  ASP A CG  1 
ATOM   417  O  OD1 . ASP A 1 57 ? -8.729  3.291   -1.506  1.00 18.48 ? 57  ASP A OD1 1 
ATOM   418  O  OD2 . ASP A 1 57 ? -9.624  1.964   -2.997  1.00 11.04 ? 57  ASP A OD2 1 
ATOM   419  N  N   . GLN A 1 58 ? -10.233 -1.115  -2.729  1.00 8.03  ? 58  GLN A N   1 
ATOM   420  C  CA  . GLN A 1 58 ? -9.286  -2.035  -3.325  1.00 6.77  ? 58  GLN A CA  1 
ATOM   421  C  C   . GLN A 1 58 ? -9.107  -1.580  -4.725  1.00 9.01  ? 58  GLN A C   1 
ATOM   422  O  O   . GLN A 1 58 ? -8.977  -2.362  -5.655  1.00 8.28  ? 58  GLN A O   1 
ATOM   423  C  CB  . GLN A 1 58 ? -9.820  -3.505  -3.206  1.00 8.10  ? 58  GLN A CB  1 
ATOM   424  C  CG  . GLN A 1 58 ? -11.233 -3.746  -3.742  1.00 10.29 ? 58  GLN A CG  1 
ATOM   425  C  CD  . GLN A 1 58 ? -11.669 -5.242  -3.666  1.00 9.00  ? 58  GLN A CD  1 
ATOM   426  O  OE1 . GLN A 1 58 ? -12.851 -5.554  -3.446  1.00 14.92 ? 58  GLN A OE1 1 
ATOM   427  N  NE2 . GLN A 1 58 ? -10.720 -6.154  -3.886  1.00 2.94  ? 58  GLN A NE2 1 
ATOM   428  N  N   . SER A 1 59 ? -9.116  -0.251  -4.874  1.00 11.94 ? 59  SER A N   1 
ATOM   429  C  CA  . SER A 1 59 ? -8.991  0.333   -6.170  1.00 15.54 ? 59  SER A CA  1 
ATOM   430  C  C   . SER A 1 59 ? -7.550  0.059   -6.404  1.00 18.58 ? 59  SER A C   1 
ATOM   431  O  O   . SER A 1 59 ? -6.728  0.095   -5.446  1.00 19.50 ? 59  SER A O   1 
ATOM   432  C  CB  . SER A 1 59 ? -9.189  1.841   -6.073  1.00 15.22 ? 59  SER A CB  1 
ATOM   433  O  OG  . SER A 1 59 ? -7.923  2.426   -5.855  1.00 22.81 ? 59  SER A OG  1 
ATOM   434  N  N   . ASP A 1 60 ? -7.234  -0.383  -7.606  1.00 18.68 ? 60  ASP A N   1 
ATOM   435  C  CA  A ASP A 1 60 ? -5.902  -0.787  -7.859  0.50 19.15 ? 60  ASP A CA  1 
ATOM   436  C  CA  B ASP A 1 60 ? -5.860  -0.793  -7.833  0.50 20.47 ? 60  ASP A CA  1 
ATOM   437  C  C   . ASP A 1 60 ? -5.548  -2.256  -7.508  1.00 21.01 ? 60  ASP A C   1 
ATOM   438  O  O   . ASP A 1 60 ? -4.369  -2.669  -7.494  1.00 20.41 ? 60  ASP A O   1 
ATOM   439  C  CB  A ASP A 1 60 ? -4.999  0.122   -7.081  0.50 21.32 ? 60  ASP A CB  1 
ATOM   440  C  CB  B ASP A 1 60 ? -4.921  0.140   -7.059  0.50 23.47 ? 60  ASP A CB  1 
ATOM   441  C  CG  A ASP A 1 60 ? -3.642  -0.226  -7.319  0.50 13.40 ? 60  ASP A CG  1 
ATOM   442  C  CG  B ASP A 1 60 ? -4.715  1.420   -7.784  0.50 21.25 ? 60  ASP A CG  1 
ATOM   443  O  OD1 A ASP A 1 60 ? -3.429  -0.388  -8.531  0.50 2.00  ? 60  ASP A OD1 1 
ATOM   444  O  OD1 B ASP A 1 60 ? -5.246  1.463   -8.899  0.50 7.88  ? 60  ASP A OD1 1 
ATOM   445  O  OD2 A ASP A 1 60 ? -3.049  -0.749  -6.362  0.50 7.50  ? 60  ASP A OD2 1 
ATOM   446  O  OD2 B ASP A 1 60 ? -4.033  2.343   -7.287  0.50 30.69 ? 60  ASP A OD2 1 
ATOM   447  N  N   . GLN A 1 61 ? -6.564  -3.056  -7.237  1.00 17.66 ? 61  GLN A N   1 
ATOM   448  C  CA  . GLN A 1 61 ? -6.432  -4.462  -7.511  1.00 12.55 ? 61  GLN A CA  1 
ATOM   449  C  C   . GLN A 1 61 ? -6.816  -4.530  -8.981  1.00 14.26 ? 61  GLN A C   1 
ATOM   450  O  O   . GLN A 1 61 ? -7.553  -3.664  -9.454  1.00 12.60 ? 61  GLN A O   1 
ATOM   451  C  CB  . GLN A 1 61 ? -7.402  -5.281  -6.666  1.00 14.11 ? 61  GLN A CB  1 
ATOM   452  C  CG  . GLN A 1 61 ? -8.869  -5.096  -7.030  1.00 11.13 ? 61  GLN A CG  1 
ATOM   453  C  CD  . GLN A 1 61 ? -9.291  -6.025  -8.140  1.00 10.19 ? 61  GLN A CD  1 
ATOM   454  O  OE1 . GLN A 1 61 ? -8.908  -7.196  -8.144  1.00 6.02  ? 61  GLN A OE1 1 
ATOM   455  N  NE2 . GLN A 1 61 ? -10.230 -5.571  -8.970  1.00 7.54  ? 61  GLN A NE2 1 
ATOM   456  N  N   . SER A 1 62 ? -6.358  -5.574  -9.671  1.00 13.48 ? 62  SER A N   1 
ATOM   457  C  CA  . SER A 1 62 ? -6.709  -5.814  -11.076 1.00 15.53 ? 62  SER A CA  1 
ATOM   458  C  C   . SER A 1 62 ? -7.394  -7.152  -11.401 1.00 14.03 ? 62  SER A C   1 
ATOM   459  O  O   . SER A 1 62 ? -8.098  -7.275  -12.408 1.00 17.45 ? 62  SER A O   1 
ATOM   460  C  CB  . SER A 1 62 ? -5.483  -5.627  -11.970 1.00 17.08 ? 62  SER A CB  1 
ATOM   461  O  OG  . SER A 1 62 ? -4.385  -6.397  -11.510 1.00 13.87 ? 62  SER A OG  1 
ATOM   462  N  N   . TYR A 1 63 ? -7.136  -8.185  -10.610 1.00 11.12 ? 63  TYR A N   1 
ATOM   463  C  CA  . TYR A 1 63 ? -7.652  -9.503  -10.921 1.00 7.99  ? 63  TYR A CA  1 
ATOM   464  C  C   . TYR A 1 63 ? -9.191  -9.636  -10.953 1.00 6.62  ? 63  TYR A C   1 
ATOM   465  O  O   . TYR A 1 63 ? -9.749  -10.123 -11.932 1.00 7.58  ? 63  TYR A O   1 
ATOM   466  C  CB  . TYR A 1 63 ? -6.999  -10.542 -10.015 1.00 7.93  ? 63  TYR A CB  1 
ATOM   467  C  CG  . TYR A 1 63 ? -7.490  -11.958 -10.210 1.00 6.80  ? 63  TYR A CG  1 
ATOM   468  C  CD1 . TYR A 1 63 ? -8.592  -12.417 -9.549  1.00 10.05 ? 63  TYR A CD1 1 
ATOM   469  C  CD2 . TYR A 1 63 ? -6.831  -12.832 -11.074 1.00 12.62 ? 63  TYR A CD2 1 
ATOM   470  C  CE1 . TYR A 1 63 ? -9.023  -13.715 -9.682  1.00 14.41 ? 63  TYR A CE1 1 
ATOM   471  C  CE2 . TYR A 1 63 ? -7.262  -14.135 -11.230 1.00 20.17 ? 63  TYR A CE2 1 
ATOM   472  C  CZ  . TYR A 1 63 ? -8.396  -14.557 -10.566 1.00 20.81 ? 63  TYR A CZ  1 
ATOM   473  O  OH  . TYR A 1 63 ? -8.877  -15.849 -10.692 1.00 22.74 ? 63  TYR A OH  1 
ATOM   474  N  N   . LEU A 1 64 ? -9.881  -9.162  -9.921  1.00 6.27  ? 64  LEU A N   1 
ATOM   475  C  CA  . LEU A 1 64 ? -11.336 -9.318  -9.875  1.00 7.08  ? 64  LEU A CA  1 
ATOM   476  C  C   . LEU A 1 64 ? -12.046 -8.451  -10.892 1.00 5.58  ? 64  LEU A C   1 
ATOM   477  O  O   . LEU A 1 64 ? -11.654 -7.314  -11.148 1.00 5.96  ? 64  LEU A O   1 
ATOM   478  C  CB  . LEU A 1 64 ? -11.882 -8.918  -8.495  1.00 8.44  ? 64  LEU A CB  1 
ATOM   479  C  CG  . LEU A 1 64 ? -11.295 -9.719  -7.374  1.00 5.36  ? 64  LEU A CG  1 
ATOM   480  C  CD1 . LEU A 1 64 ? -11.704 -9.095  -6.000  1.00 2.00  ? 64  LEU A CD1 1 
ATOM   481  C  CD2 . LEU A 1 64 ? -11.773 -11.141 -7.460  1.00 6.12  ? 64  LEU A CD2 1 
ATOM   482  N  N   . ASP A 1 65 ? -13.082 -9.025  -11.509 1.00 6.62  ? 65  ASP A N   1 
ATOM   483  C  CA  . ASP A 1 65 ? -13.940 -8.290  -12.393 1.00 7.51  ? 65  ASP A CA  1 
ATOM   484  C  C   . ASP A 1 65 ? -15.109 -7.659  -11.636 1.00 9.57  ? 65  ASP A C   1 
ATOM   485  O  O   . ASP A 1 65 ? -15.273 -7.876  -10.443 1.00 7.43  ? 65  ASP A O   1 
ATOM   486  C  CB  . ASP A 1 65 ? -14.415 -9.159  -13.587 1.00 7.91  ? 65  ASP A CB  1 
ATOM   487  C  CG  . ASP A 1 65 ? -15.337 -10.290 -13.175 1.00 13.32 ? 65  ASP A CG  1 
ATOM   488  O  OD1 . ASP A 1 65 ? -16.183 -10.092 -12.291 1.00 10.34 ? 65  ASP A OD1 1 
ATOM   489  O  OD2 . ASP A 1 65 ? -15.288 -11.355 -13.819 1.00 14.14 ? 65  ASP A OD2 1 
ATOM   490  N  N   . ASP A 1 66 ? -15.815 -6.751  -12.296 1.00 11.08 ? 66  ASP A N   1 
ATOM   491  C  CA  . ASP A 1 66 ? -16.878 -6.026  -11.624 1.00 11.19 ? 66  ASP A CA  1 
ATOM   492  C  C   . ASP A 1 66 ? -17.991 -6.936  -11.066 1.00 9.29  ? 66  ASP A C   1 
ATOM   493  O  O   . ASP A 1 66 ? -18.525 -6.660  -9.989  1.00 9.04  ? 66  ASP A O   1 
ATOM   494  C  CB  . ASP A 1 66 ? -17.401 -4.902  -12.515 1.00 11.53 ? 66  ASP A CB  1 
ATOM   495  C  CG  . ASP A 1 66 ? -16.423 -3.711  -12.613 1.00 13.59 ? 66  ASP A CG  1 
ATOM   496  O  OD1 . ASP A 1 66 ? -15.504 -3.591  -11.771 1.00 18.27 ? 66  ASP A OD1 1 
ATOM   497  O  OD2 . ASP A 1 66 ? -16.634 -2.841  -13.472 1.00 24.09 ? 66  ASP A OD2 1 
ATOM   498  N  N   . GLY A 1 67 ? -18.340 -8.007  -11.782 1.00 8.74  ? 67  GLY A N   1 
ATOM   499  C  CA  . GLY A 1 67 ? -19.226 -9.061  -11.223 1.00 8.50  ? 67  GLY A CA  1 
ATOM   500  C  C   . GLY A 1 67 ? -18.766 -9.564  -9.860  1.00 8.47  ? 67  GLY A C   1 
ATOM   501  O  O   . GLY A 1 67 ? -19.545 -9.643  -8.878  1.00 7.57  ? 67  GLY A O   1 
ATOM   502  N  N   . GLN A 1 68 ? -17.489 -9.920  -9.796  1.00 8.60  ? 68  GLN A N   1 
ATOM   503  C  CA  . GLN A 1 68 ? -16.931 -10.453 -8.565  1.00 6.50  ? 68  GLN A CA  1 
ATOM   504  C  C   . GLN A 1 68 ? -16.875 -9.393  -7.490  1.00 7.09  ? 68  GLN A C   1 
ATOM   505  O  O   . GLN A 1 68 ? -17.229 -9.648  -6.353  1.00 5.48  ? 68  GLN A O   1 
ATOM   506  C  CB  . GLN A 1 68 ? -15.537 -11.052 -8.814  1.00 6.45  ? 68  GLN A CB  1 
ATOM   507  C  CG  . GLN A 1 68 ? -15.584 -12.236 -9.760  1.00 7.83  ? 68  GLN A CG  1 
ATOM   508  C  CD  . GLN A 1 68 ? -14.216 -12.632 -10.260 1.00 8.26  ? 68  GLN A CD  1 
ATOM   509  O  OE1 . GLN A 1 68 ? -13.438 -11.775 -10.709 1.00 8.70  ? 68  GLN A OE1 1 
ATOM   510  N  NE2 . GLN A 1 68 ? -13.935 -13.939 -10.255 1.00 10.26 ? 68  GLN A NE2 1 
ATOM   511  N  N   . ILE A 1 69 ? -16.526 -8.165  -7.856  1.00 6.53  ? 69  ILE A N   1 
ATOM   512  C  CA  . ILE A 1 69 ? -16.567 -7.100  -6.843  1.00 8.79  ? 69  ILE A CA  1 
ATOM   513  C  C   . ILE A 1 69 ? -17.999 -6.866  -6.297  1.00 7.32  ? 69  ILE A C   1 
ATOM   514  O  O   . ILE A 1 69 ? -18.206 -6.727  -5.082  1.00 7.31  ? 69  ILE A O   1 
ATOM   515  C  CB  . ILE A 1 69 ? -15.944 -5.803  -7.391  1.00 7.50  ? 69  ILE A CB  1 
ATOM   516  C  CG1 . ILE A 1 69 ? -14.440 -6.032  -7.620  1.00 10.93 ? 69  ILE A CG1 1 
ATOM   517  C  CG2 . ILE A 1 69 ? -16.182 -4.646  -6.425  1.00 7.62  ? 69  ILE A CG2 1 
ATOM   518  C  CD1 . ILE A 1 69 ? -13.789 -4.991  -8.562  1.00 16.02 ? 69  ILE A CD1 1 
ATOM   519  N  N   . ALA A 1 70 ? -18.968 -6.765  -7.199  1.00 8.30  ? 70  ALA A N   1 
ATOM   520  C  CA  . ALA A 1 70 ? -20.377 -6.640  -6.809  1.00 9.33  ? 70  ALA A CA  1 
ATOM   521  C  C   . ALA A 1 70 ? -20.884 -7.762  -5.902  1.00 10.30 ? 70  ALA A C   1 
ATOM   522  O  O   . ALA A 1 70 ? -21.854 -7.574  -5.164  1.00 12.39 ? 70  ALA A O   1 
ATOM   523  C  CB  . ALA A 1 70 ? -21.245 -6.544  -8.059  1.00 8.92  ? 70  ALA A CB  1 
ATOM   524  N  N   . ASP A 1 71 ? -20.259 -8.928  -5.982  1.00 8.38  ? 71  ASP A N   1 
ATOM   525  C  CA  . ASP A 1 71 ? -20.647 -10.095 -5.184  1.00 12.29 ? 71  ASP A CA  1 
ATOM   526  C  C   . ASP A 1 71 ? -19.868 -10.213 -3.879  1.00 10.21 ? 71  ASP A C   1 
ATOM   527  O  O   . ASP A 1 71 ? -19.892 -11.276 -3.253  1.00 12.56 ? 71  ASP A O   1 
ATOM   528  C  CB  . ASP A 1 71 ? -20.466 -11.377 -5.978  1.00 9.64  ? 71  ASP A CB  1 
ATOM   529  C  CG  . ASP A 1 71 ? -21.266 -12.551 -5.394  1.00 16.47 ? 71  ASP A CG  1 
ATOM   530  O  OD1 . ASP A 1 71 ? -22.435 -12.339 -5.033  1.00 21.47 ? 71  ASP A OD1 1 
ATOM   531  O  OD2 . ASP A 1 71 ? -20.692 -13.664 -5.222  1.00 25.64 ? 71  ASP A OD2 1 
ATOM   532  N  N   . GLY A 1 72 ? -19.055 -9.194  -3.586  1.00 10.74 ? 72  GLY A N   1 
ATOM   533  C  CA  . GLY A 1 72 ? -18.377 -9.061  -2.296  1.00 8.65  ? 72  GLY A CA  1 
ATOM   534  C  C   . GLY A 1 72 ? -16.937 -9.573  -2.241  1.00 5.18  ? 72  GLY A C   1 
ATOM   535  O  O   . GLY A 1 72 ? -16.287 -9.560  -1.206  1.00 4.28  ? 72  GLY A O   1 
ATOM   536  N  N   . TRP A 1 73 ? -16.377 -9.915  -3.381  1.00 4.51  ? 73  TRP A N   1 
ATOM   537  C  CA  . TRP A 1 73 ? -14.997 -10.425 -3.385  1.00 2.22  ? 73  TRP A CA  1 
ATOM   538  C  C   . TRP A 1 73 ? -13.996 -9.327  -3.153  1.00 2.04  ? 73  TRP A C   1 
ATOM   539  O  O   . TRP A 1 73 ? -14.231 -8.175  -3.548  1.00 5.02  ? 73  TRP A O   1 
ATOM   540  C  CB  . TRP A 1 73 ? -14.718 -11.086 -4.729  1.00 4.15  ? 73  TRP A CB  1 
ATOM   541  C  CG  . TRP A 1 73 ? -15.404 -12.435 -4.852  1.00 6.83  ? 73  TRP A CG  1 
ATOM   542  C  CD1 . TRP A 1 73 ? -16.529 -12.736 -5.571  1.00 12.00 ? 73  TRP A CD1 1 
ATOM   543  C  CD2 . TRP A 1 73 ? -14.986 -13.647 -4.222  1.00 11.95 ? 73  TRP A CD2 1 
ATOM   544  N  NE1 . TRP A 1 73 ? -16.832 -14.085 -5.426  1.00 12.20 ? 73  TRP A NE1 1 
ATOM   545  C  CE2 . TRP A 1 73 ? -15.902 -14.653 -4.590  1.00 13.55 ? 73  TRP A CE2 1 
ATOM   546  C  CE3 . TRP A 1 73 ? -13.919 -13.978 -3.371  1.00 11.00 ? 73  TRP A CE3 1 
ATOM   547  C  CZ2 . TRP A 1 73 ? -15.763 -15.984 -4.163  1.00 18.03 ? 73  TRP A CZ2 1 
ATOM   548  C  CZ3 . TRP A 1 73 ? -13.790 -15.301 -2.939  1.00 15.75 ? 73  TRP A CZ3 1 
ATOM   549  C  CH2 . TRP A 1 73 ? -14.708 -16.278 -3.335  1.00 14.45 ? 73  TRP A CH2 1 
ATOM   550  N  N   . VAL A 1 74 ? -12.941 -9.635  -2.414  1.00 2.74  ? 74  VAL A N   1 
ATOM   551  C  CA  . VAL A 1 74 ? -11.919 -8.640  -2.080  1.00 2.00  ? 74  VAL A CA  1 
ATOM   552  C  C   . VAL A 1 74 ? -10.554 -9.348  -2.152  1.00 2.10  ? 74  VAL A C   1 
ATOM   553  O  O   . VAL A 1 74 ? -10.425 -10.478 -1.648  1.00 4.93  ? 74  VAL A O   1 
ATOM   554  C  CB  . VAL A 1 74 ? -12.120 -8.062  -0.669  1.00 2.95  ? 74  VAL A CB  1 
ATOM   555  C  CG1 . VAL A 1 74 ? -12.348 -9.197  0.378   1.00 5.26  ? 74  VAL A CG1 1 
ATOM   556  C  CG2 . VAL A 1 74 ? -10.933 -7.180  -0.310  1.00 3.40  ? 74  VAL A CG2 1 
ATOM   557  N  N   . LEU A 1 75 ? -9.556  -8.677  -2.736  1.00 2.81  ? 75  LEU A N   1 
ATOM   558  C  CA  . LEU A 1 75 ? -8.187  -9.156  -2.620  1.00 3.61  ? 75  LEU A CA  1 
ATOM   559  C  C   . LEU A 1 75 ? -7.517  -8.486  -1.394  1.00 4.89  ? 75  LEU A C   1 
ATOM   560  O  O   . LEU A 1 75 ? -7.221  -7.281  -1.399  1.00 3.70  ? 75  LEU A O   1 
ATOM   561  C  CB  . LEU A 1 75 ? -7.385  -8.915  -3.911  1.00 4.89  ? 75  LEU A CB  1 
ATOM   562  C  CG  . LEU A 1 75 ? -8.025  -9.568  -5.136  1.00 6.88  ? 75  LEU A CG  1 
ATOM   563  C  CD1 . LEU A 1 75 ? -7.177  -9.459  -6.383  1.00 5.88  ? 75  LEU A CD1 1 
ATOM   564  C  CD2 . LEU A 1 75 ? -8.385  -11.051 -4.824  1.00 5.36  ? 75  LEU A CD2 1 
ATOM   565  N  N   . THR A 1 76 ? -7.353  -9.271  -0.329  1.00 4.46  ? 76  THR A N   1 
ATOM   566  C  CA  . THR A 1 76 ? -6.903  -8.767  0.974   1.00 4.87  ? 76  THR A CA  1 
ATOM   567  C  C   . THR A 1 76 ? -5.502  -8.159  0.954   1.00 5.00  ? 76  THR A C   1 
ATOM   568  O  O   . THR A 1 76 ? -5.185  -7.334  1.809   1.00 5.29  ? 76  THR A O   1 
ATOM   569  C  CB  . THR A 1 76 ? -7.024  -9.834  2.072   1.00 7.03  ? 76  THR A CB  1 
ATOM   570  O  OG1 . THR A 1 76 ? -6.218  -10.970 1.735   1.00 6.98  ? 76  THR A OG1 1 
ATOM   571  C  CG2 . THR A 1 76 ? -8.501  -10.230 2.346   1.00 3.52  ? 76  THR A CG2 1 
ATOM   572  N  N   . CYS A 1 77 ? -4.668  -8.521  -0.023  1.00 2.95  ? 77  CYS A N   1 
ATOM   573  C  CA  . CYS A 1 77 ? -3.352  -7.897  -0.100  1.00 4.44  ? 77  CYS A CA  1 
ATOM   574  C  C   . CYS A 1 77 ? -3.383  -6.467  -0.663  1.00 2.66  ? 77  CYS A C   1 
ATOM   575  O  O   . CYS A 1 77 ? -2.374  -5.776  -0.556  1.00 6.08  ? 77  CYS A O   1 
ATOM   576  C  CB  . CYS A 1 77 ? -2.386  -8.679  -0.962  1.00 3.72  ? 77  CYS A CB  1 
ATOM   577  S  SG  . CYS A 1 77 ? -2.674  -8.523  -2.723  1.00 5.53  ? 77  CYS A SG  1 
ATOM   578  N  N   . HIS A 1 78 ? -4.484  -6.020  -1.236  1.00 4.33  ? 78  HIS A N   1 
ATOM   579  C  CA  . HIS A 1 78 ? -4.484  -4.703  -1.860  1.00 4.17  ? 78  HIS A CA  1 
ATOM   580  C  C   . HIS A 1 78 ? -5.781  -4.015  -1.524  1.00 5.63  ? 78  HIS A C   1 
ATOM   581  O  O   . HIS A 1 78 ? -6.273  -3.181  -2.314  1.00 8.69  ? 78  HIS A O   1 
ATOM   582  C  CB  . HIS A 1 78 ? -4.288  -4.881  -3.381  1.00 4.42  ? 78  HIS A CB  1 
ATOM   583  C  CG  . HIS A 1 78 ? -2.924  -4.481  -3.839  1.00 11.38 ? 78  HIS A CG  1 
ATOM   584  N  ND1 . HIS A 1 78 ? -1.782  -4.814  -3.136  1.00 18.85 ? 78  HIS A ND1 1 
ATOM   585  C  CD2 . HIS A 1 78 ? -2.508  -3.769  -4.911  1.00 14.76 ? 78  HIS A CD2 1 
ATOM   586  C  CE1 . HIS A 1 78 ? -0.723  -4.449  -3.835  1.00 16.86 ? 78  HIS A CE1 1 
ATOM   587  N  NE2 . HIS A 1 78 ? -1.137  -3.826  -4.923  1.00 16.96 ? 78  HIS A NE2 1 
ATOM   588  N  N   . ALA A 1 79 ? -6.298  -4.349  -0.330  1.00 7.04  ? 79  ALA A N   1 
ATOM   589  C  CA  . ALA A 1 79 ? -7.524  -3.735  0.166   1.00 4.97  ? 79  ALA A CA  1 
ATOM   590  C  C   . ALA A 1 79 ? -7.276  -2.966  1.454   1.00 5.17  ? 79  ALA A C   1 
ATOM   591  O  O   . ALA A 1 79 ? -6.619  -3.467  2.344   1.00 5.51  ? 79  ALA A O   1 
ATOM   592  C  CB  . ALA A 1 79 ? -8.593  -4.797  0.397   1.00 4.69  ? 79  ALA A CB  1 
ATOM   593  N  N   . TYR A 1 80 ? -7.762  -1.720  1.507   1.00 3.32  ? 80  TYR A N   1 
ATOM   594  C  CA  . TYR A 1 80 ? -7.750  -0.917  2.755   1.00 3.48  ? 80  TYR A CA  1 
ATOM   595  C  C   . TYR A 1 80 ? -9.184  -0.932  3.300   1.00 4.34  ? 80  TYR A C   1 
ATOM   596  O  O   . TYR A 1 80 ? -10.151 -0.817  2.534   1.00 5.16  ? 80  TYR A O   1 
ATOM   597  C  CB  . TYR A 1 80 ? -7.392  0.565   2.472   1.00 4.03  ? 80  TYR A CB  1 
ATOM   598  C  CG  . TYR A 1 80 ? -6.038  0.794   1.809   1.00 5.37  ? 80  TYR A CG  1 
ATOM   599  C  CD1 . TYR A 1 80 ? -5.938  1.094   0.469   1.00 9.72  ? 80  TYR A CD1 1 
ATOM   600  C  CD2 . TYR A 1 80 ? -4.861  0.763   2.573   1.00 7.81  ? 80  TYR A CD2 1 
ATOM   601  C  CE1 . TYR A 1 80 ? -4.691  1.330   -0.123  1.00 10.99 ? 80  TYR A CE1 1 
ATOM   602  C  CE2 . TYR A 1 80 ? -3.631  0.961   1.996   1.00 7.04  ? 80  TYR A CE2 1 
ATOM   603  C  CZ  . TYR A 1 80 ? -3.547  1.260   0.661   1.00 7.95  ? 80  TYR A CZ  1 
ATOM   604  O  OH  . TYR A 1 80 ? -2.306  1.459   0.119   1.00 7.15  ? 80  TYR A OH  1 
ATOM   605  N  N   . PRO A 1 81 ? -9.338  -0.916  4.635   1.00 4.03  ? 81  PRO A N   1 
ATOM   606  C  CA  . PRO A 1 81 ? -10.686 -0.761  5.138   1.00 4.73  ? 81  PRO A CA  1 
ATOM   607  C  C   . PRO A 1 81 ? -11.179 0.675   4.895   1.00 4.77  ? 81  PRO A C   1 
ATOM   608  O  O   . PRO A 1 81 ? -10.386 1.619   4.955   1.00 4.54  ? 81  PRO A O   1 
ATOM   609  C  CB  . PRO A 1 81 ? -10.520 -1.002  6.638   1.00 4.63  ? 81  PRO A CB  1 
ATOM   610  C  CG  . PRO A 1 81 ? -9.117  -0.479  6.928   1.00 2.84  ? 81  PRO A CG  1 
ATOM   611  C  CD  . PRO A 1 81 ? -8.336  -0.999  5.715   1.00 6.32  ? 81  PRO A CD  1 
ATOM   612  N  N   . THR A 1 82 ? -12.480 0.818   4.666   1.00 5.69  ? 82  THR A N   1 
ATOM   613  C  CA  . THR A 1 82 ? -13.103 2.147   4.620   1.00 5.88  ? 82  THR A CA  1 
ATOM   614  C  C   . THR A 1 82 ? -14.260 2.309   5.620   1.00 7.57  ? 82  THR A C   1 
ATOM   615  O  O   . THR A 1 82 ? -14.876 3.355   5.680   1.00 6.94  ? 82  THR A O   1 
ATOM   616  C  CB  . THR A 1 82 ? -13.527 2.609   3.172   1.00 7.98  ? 82  THR A CB  1 
ATOM   617  O  OG1 . THR A 1 82 ? -14.410 1.667   2.566   1.00 5.46  ? 82  THR A OG1 1 
ATOM   618  C  CG2 . THR A 1 82 ? -12.297 2.810   2.240   1.00 9.37  ? 82  THR A CG2 1 
ATOM   619  N  N   . SER A 1 83 ? -14.556 1.247   6.367   1.00 3.74  ? 83  SER A N   1 
ATOM   620  C  CA  . SER A 1 83 ? -15.479 1.241   7.482   1.00 5.54  ? 83  SER A CA  1 
ATOM   621  C  C   . SER A 1 83 ? -15.041 0.052   8.356   1.00 7.92  ? 83  SER A C   1 
ATOM   622  O  O   . SER A 1 83 ? -14.154 -0.717  7.971   1.00 7.73  ? 83  SER A O   1 
ATOM   623  C  CB  . SER A 1 83 ? -16.934 1.022   6.957   1.00 6.69  ? 83  SER A CB  1 
ATOM   624  O  OG  . SER A 1 83 ? -17.174 -0.347  6.633   1.00 7.38  ? 83  SER A OG  1 
ATOM   625  N  N   . ASP A 1 84 ? -15.595 -0.077  9.557   1.00 6.99  ? 84  ASP A N   1 
ATOM   626  C  CA  . ASP A 1 84 ? -15.510 -1.398  10.200  1.00 8.69  ? 84  ASP A CA  1 
ATOM   627  C  C   . ASP A 1 84 ? -16.002 -2.433  9.203   1.00 7.58  ? 84  ASP A C   1 
ATOM   628  O  O   . ASP A 1 84 ? -17.074 -2.271  8.602   1.00 9.22  ? 84  ASP A O   1 
ATOM   629  C  CB  . ASP A 1 84 ? -16.358 -1.483  11.466  1.00 9.92  ? 84  ASP A CB  1 
ATOM   630  C  CG  . ASP A 1 84 ? -15.842 -0.610  12.570  1.00 12.65 ? 84  ASP A CG  1 
ATOM   631  O  OD1 . ASP A 1 84 ? -16.599 -0.421  13.550  1.00 15.79 ? 84  ASP A OD1 1 
ATOM   632  O  OD2 . ASP A 1 84 ? -14.726 -0.057  12.451  1.00 12.43 ? 84  ASP A OD2 1 
ATOM   633  N  N   . VAL A 1 85 ? -15.315 -3.576  9.136   1.00 6.28  ? 85  VAL A N   1 
ATOM   634  C  CA  . VAL A 1 85 ? -15.560 -4.524  8.058   1.00 5.84  ? 85  VAL A CA  1 
ATOM   635  C  C   . VAL A 1 85 ? -15.391 -5.959  8.564   1.00 7.78  ? 85  VAL A C   1 
ATOM   636  O  O   . VAL A 1 85 ? -14.699 -6.201  9.577   1.00 10.51 ? 85  VAL A O   1 
ATOM   637  C  CB  . VAL A 1 85 ? -14.647 -4.192  6.813   1.00 6.24  ? 85  VAL A CB  1 
ATOM   638  C  CG1 . VAL A 1 85 ? -13.158 -4.296  7.196   1.00 8.21  ? 85  VAL A CG1 1 
ATOM   639  C  CG2 . VAL A 1 85 ? -14.939 -5.068  5.597   1.00 8.68  ? 85  VAL A CG2 1 
ATOM   640  N  N   . VAL A 1 86 ? -16.225 -6.836  8.031   1.00 4.97  ? 86  VAL A N   1 
ATOM   641  C  CA  . VAL A 1 86 ? -16.165 -8.263  8.363   1.00 6.62  ? 86  VAL A CA  1 
ATOM   642  C  C   . VAL A 1 86 ? -15.863 -8.996  7.060   1.00 5.28  ? 86  VAL A C   1 
ATOM   643  O  O   . VAL A 1 86 ? -16.557 -8.828  6.061   1.00 5.11  ? 86  VAL A O   1 
ATOM   644  C  CB  . VAL A 1 86 ? -17.505 -8.789  8.949   1.00 5.57  ? 86  VAL A CB  1 
ATOM   645  C  CG1 . VAL A 1 86 ? -17.395 -10.317 9.288   1.00 4.90  ? 86  VAL A CG1 1 
ATOM   646  C  CG2 . VAL A 1 86 ? -17.943 -7.991  10.183  1.00 3.09  ? 86  VAL A CG2 1 
ATOM   647  N  N   . ILE A 1 87 ? -14.820 -9.825  7.080   1.00 5.87  ? 87  ILE A N   1 
ATOM   648  C  CA  . ILE A 1 87 ? -14.274 -10.458 5.864   1.00 5.26  ? 87  ILE A CA  1 
ATOM   649  C  C   . ILE A 1 87 ? -13.993 -11.945 6.134   1.00 6.81  ? 87  ILE A C   1 
ATOM   650  O  O   . ILE A 1 87 ? -13.253 -12.258 7.059   1.00 5.77  ? 87  ILE A O   1 
ATOM   651  C  CB  . ILE A 1 87 ? -12.913 -9.816  5.460   1.00 2.59  ? 87  ILE A CB  1 
ATOM   652  C  CG1 . ILE A 1 87 ? -13.158 -8.350  5.057   1.00 8.24  ? 87  ILE A CG1 1 
ATOM   653  C  CG2 . ILE A 1 87 ? -12.341 -10.540 4.236   1.00 8.46  ? 87  ILE A CG2 1 
ATOM   654  C  CD1 . ILE A 1 87 ? -11.890 -7.561  4.858   1.00 6.69  ? 87  ILE A CD1 1 
ATOM   655  N  N   . GLU A 1 88 ? -14.596 -12.827 5.337   1.00 4.67  ? 88  GLU A N   1 
ATOM   656  C  CA  . GLU A 1 88 ? -14.255 -14.258 5.411   1.00 6.91  ? 88  GLU A CA  1 
ATOM   657  C  C   . GLU A 1 88 ? -12.971 -14.454 4.615   1.00 9.06  ? 88  GLU A C   1 
ATOM   658  O  O   . GLU A 1 88 ? -12.896 -13.991 3.479   1.00 8.93  ? 88  GLU A O   1 
ATOM   659  C  CB  . GLU A 1 88 ? -15.365 -15.114 4.812   1.00 8.00  ? 88  GLU A CB  1 
ATOM   660  C  CG  . GLU A 1 88 ? -16.671 -15.077 5.578   1.00 10.30 ? 88  GLU A CG  1 
ATOM   661  C  CD  . GLU A 1 88 ? -17.819 -15.594 4.756   1.00 13.99 ? 88  GLU A CD  1 
ATOM   662  O  OE1 . GLU A 1 88 ? -17.658 -15.731 3.512   1.00 18.91 ? 88  GLU A OE1 1 
ATOM   663  O  OE2 . GLU A 1 88 ? -18.916 -15.693 5.322   1.00 9.53  ? 88  GLU A OE2 1 
ATOM   664  N  N   . THR A 1 89 ? -11.972 -15.108 5.217   1.00 9.66  ? 89  THR A N   1 
ATOM   665  C  CA  . THR A 1 89 ? -10.660 -15.295 4.588   1.00 8.99  ? 89  THR A CA  1 
ATOM   666  C  C   . THR A 1 89 ? -10.474 -16.698 3.997   1.00 10.18 ? 89  THR A C   1 
ATOM   667  O  O   . THR A 1 89 ? -11.311 -17.572 4.236   1.00 7.44  ? 89  THR A O   1 
ATOM   668  C  CB  . THR A 1 89 ? -9.529  -14.984 5.575   1.00 10.12 ? 89  THR A CB  1 
ATOM   669  O  OG1 . THR A 1 89 ? -9.490  -15.982 6.608   1.00 10.14 ? 89  THR A OG1 1 
ATOM   670  C  CG2 . THR A 1 89 ? -9.743  -13.595 6.190   1.00 11.10 ? 89  THR A CG2 1 
ATOM   671  N  N   . HIS A 1 90 ? -9.367  -16.916 3.279   1.00 9.65  ? 90  HIS A N   1 
ATOM   672  C  CA  . HIS A 1 90 ? -9.044  -18.254 2.691   1.00 9.96  ? 90  HIS A CA  1 
ATOM   673  C  C   . HIS A 1 90 ? -10.133 -18.747 1.753   1.00 9.39  ? 90  HIS A C   1 
ATOM   674  O  O   . HIS A 1 90 ? -10.609 -19.891 1.834   1.00 10.29 ? 90  HIS A O   1 
ATOM   675  C  CB  . HIS A 1 90 ? -8.756  -19.319 3.756   1.00 10.55 ? 90  HIS A CB  1 
ATOM   676  C  CG  . HIS A 1 90 ? -7.648  -18.966 4.700   1.00 10.27 ? 90  HIS A CG  1 
ATOM   677  N  ND1 . HIS A 1 90 ? -7.748  -17.934 5.602   1.00 10.99 ? 90  HIS A ND1 1 
ATOM   678  C  CD2 . HIS A 1 90 ? -6.500  -19.625 5.012   1.00 7.21  ? 90  HIS A CD2 1 
ATOM   679  C  CE1 . HIS A 1 90 ? -6.750  -18.008 6.461   1.00 12.09 ? 90  HIS A CE1 1 
ATOM   680  N  NE2 . HIS A 1 90 ? -5.957  -19.001 6.098   1.00 10.85 ? 90  HIS A NE2 1 
ATOM   681  N  N   . LYS A 1 91 ? -10.553 -17.860 0.864   1.00 8.63  ? 91  LYS A N   1 
ATOM   682  C  CA  . LYS A 1 91 ? -11.700 -18.118 0.009   1.00 5.67  ? 91  LYS A CA  1 
ATOM   683  C  C   . LYS A 1 91 ? -11.306 -18.391 -1.443  1.00 7.25  ? 91  LYS A C   1 
ATOM   684  O  O   . LYS A 1 91 ? -12.177 -18.474 -2.321  1.00 10.52 ? 91  LYS A O   1 
ATOM   685  C  CB  . LYS A 1 91 ? -12.678 -16.942 0.106   1.00 6.23  ? 91  LYS A CB  1 
ATOM   686  C  CG  . LYS A 1 91 ? -13.024 -16.650 1.562   1.00 7.51  ? 91  LYS A CG  1 
ATOM   687  C  CD  . LYS A 1 91 ? -14.508 -16.878 1.807   1.00 21.75 ? 91  LYS A CD  1 
ATOM   688  C  CE  . LYS A 1 91 ? -14.932 -18.306 1.557   1.00 15.39 ? 91  LYS A CE  1 
ATOM   689  N  NZ  . LYS A 1 91 ? -16.157 -18.641 2.327   1.00 20.55 ? 91  LYS A NZ  1 
ATOM   690  N  N   . GLU A 1 92 ? -10.008 -18.538 -1.706  1.00 9.79  ? 92  GLU A N   1 
ATOM   691  C  CA  . GLU A 1 92 ? -9.565  -18.725 -3.105  1.00 11.40 ? 92  GLU A CA  1 
ATOM   692  C  C   . GLU A 1 92 ? -10.336 -19.854 -3.784  1.00 15.99 ? 92  GLU A C   1 
ATOM   693  O  O   . GLU A 1 92 ? -10.722 -19.737 -4.958  1.00 15.44 ? 92  GLU A O   1 
ATOM   694  C  CB  . GLU A 1 92 ? -8.068  -19.024 -3.183  1.00 12.49 ? 92  GLU A CB  1 
ATOM   695  C  CG  . GLU A 1 92 ? -7.535  -19.191 -4.637  1.00 9.99  ? 92  GLU A CG  1 
ATOM   696  C  CD  . GLU A 1 92 ? -6.038  -19.355 -4.695  1.00 16.11 ? 92  GLU A CD  1 
ATOM   697  O  OE1 . GLU A 1 92 ? -5.499  -20.068 -3.841  1.00 18.31 ? 92  GLU A OE1 1 
ATOM   698  O  OE2 . GLU A 1 92 ? -5.411  -18.844 -5.650  1.00 21.05 ? 92  GLU A OE2 1 
ATOM   699  N  N   . GLU A 1 93 ? -10.397 -21.009 -3.122  1.00 13.74 ? 93  GLU A N   1 
ATOM   700  C  CA  . GLU A 1 93 ? -11.055 -22.177 -3.712  1.00 17.54 ? 93  GLU A CA  1 
ATOM   701  C  C   . GLU A 1 93 ? -12.481 -21.877 -4.132  1.00 17.53 ? 93  GLU A C   1 
ATOM   702  O  O   . GLU A 1 93 ? -12.929 -22.259 -5.216  1.00 20.58 ? 93  GLU A O   1 
ATOM   703  C  CB  . GLU A 1 93 ? -11.041 -23.361 -2.750  1.00 17.10 ? 93  GLU A CB  1 
ATOM   704  C  CG  . GLU A 1 93 ? -11.639 -24.620 -3.382  1.00 24.38 ? 93  GLU A CG  1 
ATOM   705  C  CD  . GLU A 1 93 ? -11.198 -25.881 -2.677  1.00 35.06 ? 93  GLU A CD  1 
ATOM   706  O  OE1 . GLU A 1 93 ? -11.336 -25.947 -1.435  1.00 39.99 ? 93  GLU A OE1 1 
ATOM   707  O  OE2 . GLU A 1 93 ? -10.654 -26.785 -3.352  1.00 39.03 ? 93  GLU A OE2 1 
ATOM   708  N  N   . GLU A 1 94 ? -13.210 -21.197 -3.267  1.00 17.84 ? 94  GLU A N   1 
ATOM   709  C  CA  . GLU A 1 94 ? -14.565 -20.808 -3.601  1.00 19.51 ? 94  GLU A CA  1 
ATOM   710  C  C   . GLU A 1 94 ? -14.643 -19.860 -4.816  1.00 22.64 ? 94  GLU A C   1 
ATOM   711  O  O   . GLU A 1 94 ? -15.635 -19.878 -5.563  1.00 22.61 ? 94  GLU A O   1 
ATOM   712  C  CB  . GLU A 1 94 ? -15.244 -20.210 -2.388  1.00 17.47 ? 94  GLU A CB  1 
ATOM   713  C  CG  . GLU A 1 94 ? -16.601 -19.675 -2.727  1.00 19.39 ? 94  GLU A CG  1 
ATOM   714  C  CD  . GLU A 1 94 ? -17.235 -18.983 -1.571  1.00 23.86 ? 94  GLU A CD  1 
ATOM   715  O  OE1 . GLU A 1 94 ? -17.057 -19.427 -0.407  1.00 20.29 ? 94  GLU A OE1 1 
ATOM   716  O  OE2 . GLU A 1 94 ? -17.917 -17.974 -1.832  1.00 29.09 ? 94  GLU A OE2 1 
ATOM   717  N  N   . LEU A 1 95 ? -13.611 -19.024 -4.983  1.00 21.97 ? 95  LEU A N   1 
ATOM   718  C  CA  . LEU A 1 95 ? -13.475 -18.117 -6.141  1.00 25.95 ? 95  LEU A CA  1 
ATOM   719  C  C   . LEU A 1 95 ? -13.180 -18.825 -7.473  1.00 26.43 ? 95  LEU A C   1 
ATOM   720  O  O   . LEU A 1 95 ? -14.030 -18.824 -8.350  1.00 27.67 ? 95  LEU A O   1 
ATOM   721  C  CB  . LEU A 1 95 ? -12.379 -17.068 -5.870  1.00 23.64 ? 95  LEU A CB  1 
ATOM   722  C  CG  . LEU A 1 95 ? -12.241 -15.917 -6.884  1.00 25.87 ? 95  LEU A CG  1 
ATOM   723  C  CD1 . LEU A 1 95 ? -13.561 -15.255 -7.139  1.00 23.48 ? 95  LEU A CD1 1 
ATOM   724  C  CD2 . LEU A 1 95 ? -11.240 -14.905 -6.407  1.00 19.64 ? 95  LEU A CD2 1 
ATOM   725  N  N   . THR A 1 96 ? -11.885 -18.980 -7.737  1.00 31.44 ? 96  THR A N   1 
ATOM   726  C  CA  . THR A 1 96 ? -11.254 -20.187 -8.289  1.00 30.25 ? 96  THR A CA  1 
ATOM   727  C  C   . THR A 1 96 ? -12.173 -21.403 -8.212  1.00 32.67 ? 96  THR A C   1 
ATOM   728  O  O   . THR A 1 96 ? -12.065 -22.322 -9.020  1.00 34.83 ? 96  THR A O   1 
ATOM   729  C  CB  . THR A 1 96 ? -9.901  -20.432 -7.537  1.00 31.38 ? 96  THR A CB  1 
ATOM   730  O  OG1 . THR A 1 96 ? -8.841  -19.717 -8.183  1.00 30.70 ? 96  THR A OG1 1 
ATOM   731  C  CG2 . THR A 1 96 ? -9.529  -21.890 -7.405  1.00 29.99 ? 96  THR A CG2 1 
ATOM   732  N  N   . ALA B 1 1  ? 8.416   -1.805  12.048  1.00 12.09 ? 1   ALA B N   1 
ATOM   733  C  CA  . ALA B 1 1  ? 9.350   -0.669  12.319  1.00 11.70 ? 1   ALA B CA  1 
ATOM   734  C  C   . ALA B 1 1  ? 8.759   0.595   11.754  1.00 10.46 ? 1   ALA B C   1 
ATOM   735  O  O   . ALA B 1 1  ? 7.921   0.553   10.864  1.00 12.25 ? 1   ALA B O   1 
ATOM   736  C  CB  . ALA B 1 1  ? 10.679  -0.912  11.683  1.00 13.22 ? 1   ALA B CB  1 
ATOM   737  N  N   . THR B 1 2  ? 9.200   1.719   12.275  1.00 10.10 ? 2   THR B N   1 
ATOM   738  C  CA  . THR B 1 2  ? 8.842   3.021   11.734  1.00 10.01 ? 2   THR B CA  1 
ATOM   739  C  C   . THR B 1 2  ? 10.129  3.802   11.565  1.00 10.21 ? 2   THR B C   1 
ATOM   740  O  O   . THR B 1 2  ? 10.966  3.785   12.467  1.00 12.83 ? 2   THR B O   1 
ATOM   741  C  CB  . THR B 1 2  ? 7.924   3.774   12.717  1.00 11.07 ? 2   THR B CB  1 
ATOM   742  O  OG1 . THR B 1 2  ? 6.688   3.048   12.874  1.00 11.38 ? 2   THR B OG1 1 
ATOM   743  C  CG2 . THR B 1 2  ? 7.646   5.195   12.233  1.00 8.16  ? 2   THR B CG2 1 
ATOM   744  N  N   . TYR B 1 3  ? 10.285  4.498   10.439  1.00 7.56  ? 3   TYR B N   1 
ATOM   745  C  CA  . TYR B 1 3  ? 11.551  5.143   10.080  1.00 5.09  ? 3   TYR B CA  1 
ATOM   746  C  C   . TYR B 1 3  ? 11.416  6.657   9.968   1.00 6.28  ? 3   TYR B C   1 
ATOM   747  O  O   . TYR B 1 3  ? 10.375  7.163   9.596   1.00 6.56  ? 3   TYR B O   1 
ATOM   748  C  CB  . TYR B 1 3  ? 12.064  4.595   8.731   1.00 5.87  ? 3   TYR B CB  1 
ATOM   749  C  CG  . TYR B 1 3  ? 12.411  3.145   8.798   1.00 8.76  ? 3   TYR B CG  1 
ATOM   750  C  CD1 . TYR B 1 3  ? 11.563  2.170   8.240   1.00 9.95  ? 3   TYR B CD1 1 
ATOM   751  C  CD2 . TYR B 1 3  ? 13.514  2.719   9.534   1.00 9.57  ? 3   TYR B CD2 1 
ATOM   752  C  CE1 . TYR B 1 3  ? 11.859  0.785   8.372   1.00 4.73  ? 3   TYR B CE1 1 
ATOM   753  C  CE2 . TYR B 1 3  ? 13.796  1.361   9.672   1.00 12.38 ? 3   TYR B CE2 1 
ATOM   754  C  CZ  . TYR B 1 3  ? 12.945  0.404   9.116   1.00 10.72 ? 3   TYR B CZ  1 
ATOM   755  O  OH  . TYR B 1 3  ? 13.284  -0.943  9.225   1.00 11.28 ? 3   TYR B OH  1 
ATOM   756  N  N   . ASN B 1 4  ? 12.501  7.365   10.264  1.00 5.70  ? 4   ASN B N   1 
ATOM   757  C  CA  . ASN B 1 4  ? 12.610  8.804   9.996   1.00 8.19  ? 4   ASN B CA  1 
ATOM   758  C  C   . ASN B 1 4  ? 12.786  9.052   8.531   1.00 6.51  ? 4   ASN B C   1 
ATOM   759  O  O   . ASN B 1 4  ? 13.697  8.521   7.932   1.00 8.64  ? 4   ASN B O   1 
ATOM   760  C  CB  . ASN B 1 4  ? 13.803  9.391   10.746  1.00 11.43 ? 4   ASN B CB  1 
ATOM   761  C  CG  . ASN B 1 4  ? 13.680  9.206   12.242  1.00 18.70 ? 4   ASN B CG  1 
ATOM   762  O  OD1 . ASN B 1 4  ? 14.653  8.875   12.929  1.00 30.22 ? 4   ASN B OD1 1 
ATOM   763  N  ND2 . ASN B 1 4  ? 12.473  9.383   12.754  1.00 26.07 ? 4   ASN B ND2 1 
ATOM   764  N  N   . VAL B 1 5  ? 11.865  9.799   7.932   1.00 5.46  ? 5   VAL B N   1 
ATOM   765  C  CA  . VAL B 1 5  ? 11.989  10.134  6.484   1.00 4.01  ? 5   VAL B CA  1 
ATOM   766  C  C   . VAL B 1 5  ? 12.116  11.628  6.339   1.00 6.56  ? 5   VAL B C   1 
ATOM   767  O  O   . VAL B 1 5  ? 11.316  12.345  6.892   1.00 7.74  ? 5   VAL B O   1 
ATOM   768  C  CB  . VAL B 1 5  ? 10.737  9.701   5.684   1.00 5.55  ? 5   VAL B CB  1 
ATOM   769  C  CG1 . VAL B 1 5  ? 10.860  10.128  4.230   1.00 6.06  ? 5   VAL B CG1 1 
ATOM   770  C  CG2 . VAL B 1 5  ? 10.542  8.158   5.821   1.00 4.31  ? 5   VAL B CG2 1 
ATOM   771  N  N   . LYS B 1 6  ? 13.213  12.084  5.748   1.00 4.11  ? 6   LYS B N   1 
ATOM   772  C  CA  . LYS B 1 6  ? 13.412  13.538  5.497   1.00 6.65  ? 6   LYS B CA  1 
ATOM   773  C  C   . LYS B 1 6  ? 13.066  13.823  4.058   1.00 6.05  ? 6   LYS B C   1 
ATOM   774  O  O   . LYS B 1 6  ? 13.627  13.214  3.151   1.00 6.68  ? 6   LYS B O   1 
ATOM   775  C  CB  . LYS B 1 6  ? 14.879  13.940  5.723   1.00 7.55  ? 6   LYS B CB  1 
ATOM   776  C  CG  . LYS B 1 6  ? 15.307  14.008  7.166   1.00 12.81 ? 6   LYS B CG  1 
ATOM   777  C  CD  . LYS B 1 6  ? 16.820  14.262  7.263   1.00 20.01 ? 6   LYS B CD  1 
ATOM   778  C  CE  . LYS B 1 6  ? 17.195  15.638  6.755   1.00 25.21 ? 6   LYS B CE  1 
ATOM   779  N  NZ  . LYS B 1 6  ? 18.354  16.269  7.492   1.00 29.35 ? 6   LYS B NZ  1 
ATOM   780  N  N   . LEU B 1 7  ? 12.081  14.697  3.839   1.00 7.55  ? 7   LEU B N   1 
ATOM   781  C  CA  . LEU B 1 7  ? 11.670  15.040  2.482   1.00 5.99  ? 7   LEU B CA  1 
ATOM   782  C  C   . LEU B 1 7  ? 12.244  16.430  2.188   1.00 10.42 ? 7   LEU B C   1 
ATOM   783  O  O   . LEU B 1 7  ? 11.998  17.378  2.937   1.00 12.04 ? 7   LEU B O   1 
ATOM   784  C  CB  . LEU B 1 7  ? 10.142  15.069  2.350   1.00 6.67  ? 7   LEU B CB  1 
ATOM   785  C  CG  . LEU B 1 7  ? 9.416   13.776  2.741   1.00 7.91  ? 7   LEU B CG  1 
ATOM   786  C  CD1 . LEU B 1 7  ? 7.900   14.040  2.848   1.00 8.20  ? 7   LEU B CD1 1 
ATOM   787  C  CD2 . LEU B 1 7  ? 9.691   12.679  1.760   1.00 5.02  ? 7   LEU B CD2 1 
ATOM   788  N  N   . ILE B 1 8  ? 13.134  16.497  1.200   1.00 9.14  ? 8   ILE B N   1 
ATOM   789  C  CA  . ILE B 1 8  ? 13.693  17.797  0.775   1.00 8.32  ? 8   ILE B CA  1 
ATOM   790  C  C   . ILE B 1 8  ? 12.850  18.306  -0.375  1.00 8.07  ? 8   ILE B C   1 
ATOM   791  O  O   . ILE B 1 8  ? 12.971  17.814  -1.507  1.00 8.51  ? 8   ILE B O   1 
ATOM   792  C  CB  . ILE B 1 8  ? 15.161  17.670  0.384   1.00 6.99  ? 8   ILE B CB  1 
ATOM   793  C  CG1 . ILE B 1 8  ? 15.973  17.049  1.529   1.00 12.52 ? 8   ILE B CG1 1 
ATOM   794  C  CG2 . ILE B 1 8  ? 15.752  19.057  0.063   1.00 8.85  ? 8   ILE B CG2 1 
ATOM   795  C  CD1 . ILE B 1 8  ? 17.342  16.544  1.100   1.00 12.57 ? 8   ILE B CD1 1 
ATOM   796  N  N   . THR B 1 9  ? 11.905  19.201  -0.056  1.00 10.98 ? 9   THR B N   1 
ATOM   797  C  CA  . THR B 1 9  ? 10.956  19.771  -1.022  1.00 12.56 ? 9   THR B CA  1 
ATOM   798  C  C   . THR B 1 9  ? 11.535  21.096  -1.610  1.00 13.37 ? 9   THR B C   1 
ATOM   799  O  O   . THR B 1 9  ? 12.490  21.638  -1.066  1.00 11.70 ? 9   THR B O   1 
ATOM   800  C  CB  . THR B 1 9  ? 9.540   20.004  -0.375  1.00 12.19 ? 9   THR B CB  1 
ATOM   801  O  OG1 . THR B 1 9  ? 9.573   21.165  0.458   1.00 15.77 ? 9   THR B OG1 1 
ATOM   802  C  CG2 . THR B 1 9  ? 9.094   18.816  0.527   1.00 9.30  ? 9   THR B CG2 1 
ATOM   803  N  N   . PRO B 1 10 ? 11.001  21.575  -2.739  1.00 15.75 ? 10  PRO B N   1 
ATOM   804  C  CA  . PRO B 1 10 ? 11.429  22.857  -3.359  1.00 14.50 ? 10  PRO B CA  1 
ATOM   805  C  C   . PRO B 1 10 ? 11.264  24.055  -2.434  1.00 18.45 ? 10  PRO B C   1 
ATOM   806  O  O   . PRO B 1 10 ? 11.867  25.127  -2.657  1.00 15.80 ? 10  PRO B O   1 
ATOM   807  C  CB  . PRO B 1 10 ? 10.508  22.966  -4.584  1.00 18.37 ? 10  PRO B CB  1 
ATOM   808  C  CG  . PRO B 1 10 ? 10.247  21.515  -4.926  1.00 15.36 ? 10  PRO B CG  1 
ATOM   809  C  CD  . PRO B 1 10 ? 9.978   20.910  -3.570  1.00 16.87 ? 10  PRO B CD  1 
ATOM   810  N  N   . GLU B 1 11 ? 10.460  23.867  -1.399  1.00 18.65 ? 11  GLU B N   1 
ATOM   811  C  CA  . GLU B 1 11 ? 10.292  24.883  -0.379  1.00 21.40 ? 11  GLU B CA  1 
ATOM   812  C  C   . GLU B 1 11 ? 11.053  24.584  0.897   1.00 19.71 ? 11  GLU B C   1 
ATOM   813  O  O   . GLU B 1 11 ? 10.855  25.264  1.888   1.00 21.55 ? 11  GLU B O   1 
ATOM   814  C  CB  . GLU B 1 11 ? 8.805   25.117  -0.095  1.00 21.97 ? 11  GLU B CB  1 
ATOM   815  C  CG  . GLU B 1 11 ? 7.954   24.992  -1.339  1.00 27.58 ? 11  GLU B CG  1 
ATOM   816  C  CD  . GLU B 1 11 ? 6.742   25.892  -1.306  1.00 35.09 ? 11  GLU B CD  1 
ATOM   817  O  OE1 . GLU B 1 11 ? 6.425   26.506  -2.357  1.00 36.12 ? 11  GLU B OE1 1 
ATOM   818  O  OE2 . GLU B 1 11 ? 6.101   25.966  -0.230  1.00 32.98 ? 11  GLU B OE2 1 
ATOM   819  N  N   . GLY B 1 12 ? 11.919  23.572  0.889   1.00 18.90 ? 12  GLY B N   1 
ATOM   820  C  CA  . GLY B 1 12 ? 12.652  23.220  2.110   1.00 15.96 ? 12  GLY B CA  1 
ATOM   821  C  C   . GLY B 1 12 ? 12.529  21.784  2.640   1.00 15.15 ? 12  GLY B C   1 
ATOM   822  O  O   . GLY B 1 12 ? 11.687  20.989  2.205   1.00 13.58 ? 12  GLY B O   1 
ATOM   823  N  N   . GLU B 1 13 ? 13.304  21.479  3.667   1.00 15.90 ? 13  GLU B N   1 
ATOM   824  C  CA  . GLU B 1 13 ? 13.293  20.115  4.249   1.00 13.76 ? 13  GLU B CA  1 
ATOM   825  C  C   . GLU B 1 13 ? 12.164  19.968  5.263   1.00 13.26 ? 13  GLU B C   1 
ATOM   826  O  O   . GLU B 1 13 ? 11.896  20.874  6.034   1.00 14.30 ? 13  GLU B O   1 
ATOM   827  C  CB  . GLU B 1 13 ? 14.639  19.778  4.903   1.00 16.16 ? 13  GLU B CB  1 
ATOM   828  C  CG  . GLU B 1 13 ? 14.753  18.342  5.415   1.00 21.41 ? 13  GLU B CG  1 
ATOM   829  C  CD  . GLU B 1 13 ? 15.184  18.303  6.877   1.00 35.17 ? 13  GLU B CD  1 
ATOM   830  O  OE1 . GLU B 1 13 ? 14.315  18.084  7.749   1.00 39.48 ? 13  GLU B OE1 1 
ATOM   831  O  OE2 . GLU B 1 13 ? 16.374  18.589  7.163   1.00 37.92 ? 13  GLU B OE2 1 
ATOM   832  N  N   . VAL B 1 14 ? 11.446  18.848  5.210   1.00 12.70 ? 14  VAL B N   1 
ATOM   833  C  CA  . VAL B 1 14 ? 10.526  18.479  6.269   1.00 13.39 ? 14  VAL B CA  1 
ATOM   834  C  C   . VAL B 1 14 ? 10.641  16.995  6.609   1.00 11.90 ? 14  VAL B C   1 
ATOM   835  O  O   . VAL B 1 14 ? 10.948  16.166  5.742   1.00 14.11 ? 14  VAL B O   1 
ATOM   836  C  CB  . VAL B 1 14 ? 9.059   18.784  5.889   1.00 13.37 ? 14  VAL B CB  1 
ATOM   837  C  CG1 . VAL B 1 14 ? 8.649   18.066  4.581   1.00 16.40 ? 14  VAL B CG1 1 
ATOM   838  C  CG2 . VAL B 1 14 ? 8.147   18.358  6.994   1.00 19.62 ? 14  VAL B CG2 1 
ATOM   839  N  N   . GLU B 1 15 ? 10.479  16.681  7.884   1.00 11.22 ? 15  GLU B N   1 
ATOM   840  C  CA  . GLU B 1 15 ? 10.744  15.340  8.402   1.00 9.94  ? 15  GLU B CA  1 
ATOM   841  C  C   . GLU B 1 15 ? 9.457   14.733  8.962   1.00 11.32 ? 15  GLU B C   1 
ATOM   842  O  O   . GLU B 1 15 ? 8.593   15.444  9.476   1.00 11.86 ? 15  GLU B O   1 
ATOM   843  C  CB  . GLU B 1 15 ? 11.831  15.397  9.484   1.00 11.66 ? 15  GLU B CB  1 
ATOM   844  C  CG  . GLU B 1 15 ? 12.327  14.058  10.029  1.00 15.71 ? 15  GLU B CG  1 
ATOM   845  C  CD  . GLU B 1 15 ? 13.465  14.228  11.044  1.00 23.10 ? 15  GLU B CD  1 
ATOM   846  O  OE1 . GLU B 1 15 ? 14.251  15.195  10.919  1.00 26.97 ? 15  GLU B OE1 1 
ATOM   847  O  OE2 . GLU B 1 15 ? 13.518  13.438  12.011  1.00 28.22 ? 15  GLU B OE2 1 
ATOM   848  N  N   . LEU B 1 16 ? 9.310   13.421  8.823   1.00 10.69 ? 16  LEU B N   1 
ATOM   849  C  CA  . LEU B 1 16 ? 8.120   12.736  9.311   1.00 7.32  ? 16  LEU B CA  1 
ATOM   850  C  C   . LEU B 1 16 ? 8.461   11.285  9.569   1.00 8.11  ? 16  LEU B C   1 
ATOM   851  O  O   . LEU B 1 16 ? 9.402   10.767  9.001   1.00 9.92  ? 16  LEU B O   1 
ATOM   852  C  CB  . LEU B 1 16 ? 6.977   12.807  8.294   1.00 11.34 ? 16  LEU B CB  1 
ATOM   853  C  CG  . LEU B 1 16 ? 7.061   11.934  7.039   1.00 11.85 ? 16  LEU B CG  1 
ATOM   854  C  CD1 . LEU B 1 16 ? 5.702   11.750  6.372   1.00 16.13 ? 16  LEU B CD1 1 
ATOM   855  C  CD2 . LEU B 1 16 ? 8.019   12.523  6.003   1.00 8.84  ? 16  LEU B CD2 1 
ATOM   856  N  N   . GLN B 1 17 ? 7.658   10.637  10.402  1.00 6.28  ? 17  GLN B N   1 
ATOM   857  C  CA  . GLN B 1 17 ? 7.822   9.224   10.766  1.00 7.42  ? 17  GLN B CA  1 
ATOM   858  C  C   . GLN B 1 17 ? 6.913   8.430   9.864   1.00 8.93  ? 17  GLN B C   1 
ATOM   859  O  O   . GLN B 1 17 ? 5.713   8.759   9.745   1.00 9.55  ? 17  GLN B O   1 
ATOM   860  C  CB  . GLN B 1 17 ? 7.368   9.012   12.210  1.00 8.88  ? 17  GLN B CB  1 
ATOM   861  C  CG  . GLN B 1 17 ? 8.320   9.596   13.274  1.00 10.01 ? 17  GLN B CG  1 
ATOM   862  C  CD  . GLN B 1 17 ? 9.772   9.279   13.006  1.00 17.06 ? 17  GLN B CD  1 
ATOM   863  O  OE1 . GLN B 1 17 ? 10.516  10.137  12.545  1.00 22.91 ? 17  GLN B OE1 1 
ATOM   864  N  NE2 . GLN B 1 17 ? 10.170  8.015   13.223  1.00 23.07 ? 17  GLN B NE2 1 
ATOM   865  N  N   . VAL B 1 18 ? 7.490   7.456   9.155   1.00 5.69  ? 18  VAL B N   1 
ATOM   866  C  CA  . VAL B 1 18 ? 6.678   6.691   8.229   1.00 4.57  ? 18  VAL B CA  1 
ATOM   867  C  C   . VAL B 1 18 ? 6.767   5.228   8.626   1.00 4.32  ? 18  VAL B C   1 
ATOM   868  O  O   . VAL B 1 18 ? 7.859   4.658   8.633   1.00 6.03  ? 18  VAL B O   1 
ATOM   869  C  CB  . VAL B 1 18 ? 7.173   6.900   6.768   1.00 2.67  ? 18  VAL B CB  1 
ATOM   870  C  CG1 . VAL B 1 18 ? 6.258   6.104   5.818   1.00 2.78  ? 18  VAL B CG1 1 
ATOM   871  C  CG2 . VAL B 1 18 ? 7.139   8.426   6.406   1.00 2.10  ? 18  VAL B CG2 1 
ATOM   872  N  N   . PRO B 1 19 ? 5.637   4.620   9.028   1.00 6.16  ? 19  PRO B N   1 
ATOM   873  C  CA  . PRO B 1 19 ? 5.663   3.189   9.297   1.00 6.71  ? 19  PRO B CA  1 
ATOM   874  C  C   . PRO B 1 19 ? 6.185   2.395   8.098   1.00 5.74  ? 19  PRO B C   1 
ATOM   875  O  O   . PRO B 1 19 ? 5.934   2.779   6.962   1.00 5.82  ? 19  PRO B O   1 
ATOM   876  C  CB  . PRO B 1 19 ? 4.191   2.826   9.509   1.00 9.08  ? 19  PRO B CB  1 
ATOM   877  C  CG  . PRO B 1 19 ? 3.498   4.086   9.812   1.00 8.60  ? 19  PRO B CG  1 
ATOM   878  C  CD  . PRO B 1 19 ? 4.307   5.223   9.234   1.00 4.96  ? 19  PRO B CD  1 
ATOM   879  N  N   . ASP B 1 20 ? 6.822   1.245   8.335   1.00 6.50  ? 20  ASP B N   1 
ATOM   880  C  CA  . ASP B 1 20 ? 7.302   0.418   7.233   1.00 7.39  ? 20  ASP B CA  1 
ATOM   881  C  C   . ASP B 1 20 ? 6.201   -0.261  6.355   1.00 7.57  ? 20  ASP B C   1 
ATOM   882  O  O   . ASP B 1 20 ? 6.512   -0.818  5.295   1.00 7.63  ? 20  ASP B O   1 
ATOM   883  C  CB  . ASP B 1 20 ? 8.344   -0.606  7.735   1.00 9.28  ? 20  ASP B CB  1 
ATOM   884  C  CG  . ASP B 1 20 ? 7.735   -1.707  8.558   1.00 12.64 ? 20  ASP B CG  1 
ATOM   885  O  OD1 . ASP B 1 20 ? 8.513   -2.409  9.227   1.00 19.48 ? 20  ASP B OD1 1 
ATOM   886  O  OD2 . ASP B 1 20 ? 6.495   -1.912  8.521   1.00 13.51 ? 20  ASP B OD2 1 
ATOM   887  N  N   . ASP B 1 21 ? 4.932   -0.080  6.737   1.00 6.96  ? 21  ASP B N   1 
ATOM   888  C  CA  . ASP B 1 21 ? 3.776   -0.580  5.998   1.00 7.42  ? 21  ASP B CA  1 
ATOM   889  C  C   . ASP B 1 21 ? 2.842   0.519   5.449   1.00 6.80  ? 21  ASP B C   1 
ATOM   890  O  O   . ASP B 1 21 ? 1.704   0.254   5.009   1.00 7.93  ? 21  ASP B O   1 
ATOM   891  C  CB  . ASP B 1 21 ? 2.999   -1.588  6.869   1.00 7.77  ? 21  ASP B CB  1 
ATOM   892  C  CG  . ASP B 1 21 ? 2.488   -0.972  8.156   1.00 7.30  ? 21  ASP B CG  1 
ATOM   893  O  OD1 . ASP B 1 21 ? 2.526   0.283   8.322   1.00 9.63  ? 21  ASP B OD1 1 
ATOM   894  O  OD2 . ASP B 1 21 ? 1.840   -1.709  8.904   1.00 10.42 ? 21  ASP B OD2 1 
ATOM   895  N  N   . VAL B 1 22 ? 3.383   1.738   5.334   1.00 5.69  ? 22  VAL B N   1 
ATOM   896  C  CA  . VAL B 1 22 ? 2.631   2.845   4.769   1.00 6.80  ? 22  VAL B CA  1 
ATOM   897  C  C   . VAL B 1 22 ? 3.474   3.467   3.646   1.00 6.85  ? 22  VAL B C   1 
ATOM   898  O  O   . VAL B 1 22 ? 4.642   3.819   3.843   1.00 6.45  ? 22  VAL B O   1 
ATOM   899  C  CB  . VAL B 1 22 ? 2.309   3.904   5.833   1.00 8.53  ? 22  VAL B CB  1 
ATOM   900  C  CG1 . VAL B 1 22 ? 1.678   5.138   5.178   1.00 5.69  ? 22  VAL B CG1 1 
ATOM   901  C  CG2 . VAL B 1 22 ? 1.370   3.338   6.916   1.00 8.39  ? 22  VAL B CG2 1 
ATOM   902  N  N   . TYR B 1 23 ? 2.874   3.627   2.471   1.00 6.37  ? 23  TYR B N   1 
ATOM   903  C  CA  . TYR B 1 23 ? 3.584   4.346   1.399   1.00 4.62  ? 23  TYR B CA  1 
ATOM   904  C  C   . TYR B 1 23 ? 3.949   5.787   1.808   1.00 6.23  ? 23  TYR B C   1 
ATOM   905  O  O   . TYR B 1 23 ? 3.154   6.504   2.454   1.00 4.71  ? 23  TYR B O   1 
ATOM   906  C  CB  . TYR B 1 23 ? 2.713   4.426   0.152   1.00 5.87  ? 23  TYR B CB  1 
ATOM   907  C  CG  . TYR B 1 23 ? 2.367   3.123   -0.524  1.00 4.53  ? 23  TYR B CG  1 
ATOM   908  C  CD1 . TYR B 1 23 ? 1.055   2.887   -0.933  1.00 4.74  ? 23  TYR B CD1 1 
ATOM   909  C  CD2 . TYR B 1 23 ? 3.357   2.186   -0.863  1.00 5.84  ? 23  TYR B CD2 1 
ATOM   910  C  CE1 . TYR B 1 23 ? 0.733   1.796   -1.702  1.00 8.16  ? 23  TYR B CE1 1 
ATOM   911  C  CE2 . TYR B 1 23 ? 3.025   1.031   -1.637  1.00 5.04  ? 23  TYR B CE2 1 
ATOM   912  C  CZ  . TYR B 1 23 ? 1.699   0.866   -2.052  1.00 9.01  ? 23  TYR B CZ  1 
ATOM   913  O  OH  . TYR B 1 23 ? 1.336   -0.254  -2.755  1.00 6.80  ? 23  TYR B OH  1 
ATOM   914  N  N   . ILE B 1 24 ? 5.152   6.221   1.445   1.00 3.30  ? 24  ILE B N   1 
ATOM   915  C  CA  . ILE B 1 24 ? 5.676   7.513   1.861   1.00 3.92  ? 24  ILE B CA  1 
ATOM   916  C  C   . ILE B 1 24 ? 4.733   8.658   1.498   1.00 4.14  ? 24  ILE B C   1 
ATOM   917  O  O   . ILE B 1 24 ? 4.398   9.467   2.353   1.00 4.35  ? 24  ILE B O   1 
ATOM   918  C  CB  . ILE B 1 24 ? 7.099   7.756   1.320   1.00 5.58  ? 24  ILE B CB  1 
ATOM   919  C  CG1 . ILE B 1 24 ? 8.072   6.823   2.065   1.00 5.25  ? 24  ILE B CG1 1 
ATOM   920  C  CG2 . ILE B 1 24 ? 7.518   9.290   1.371   1.00 3.53  ? 24  ILE B CG2 1 
ATOM   921  C  CD1 . ILE B 1 24 ? 9.376   6.599   1.340   1.00 8.75  ? 24  ILE B CD1 1 
ATOM   922  N  N   . LEU B 1 25 ? 4.182   8.628   0.286   1.00 2.00  ? 25  LEU B N   1 
ATOM   923  C  CA  . LEU B 1 25 ? 3.226   9.691   -0.102  1.00 4.31  ? 25  LEU B CA  1 
ATOM   924  C  C   . LEU B 1 25 ? 2.003   9.719   0.798   1.00 5.61  ? 25  LEU B C   1 
ATOM   925  O  O   . LEU B 1 25 ? 1.427   10.789  1.064   1.00 8.45  ? 25  LEU B O   1 
ATOM   926  C  CB  . LEU B 1 25 ? 2.761   9.507   -1.568  1.00 4.01  ? 25  LEU B CB  1 
ATOM   927  C  CG  . LEU B 1 25 ? 1.652   10.453  -2.090  1.00 4.30  ? 25  LEU B CG  1 
ATOM   928  C  CD1 . LEU B 1 25 ? 2.327   11.766  -2.338  1.00 9.64  ? 25  LEU B CD1 1 
ATOM   929  C  CD2 . LEU B 1 25 ? 1.079   9.935   -3.468  1.00 8.43  ? 25  LEU B CD2 1 
ATOM   930  N  N   . ASP B 1 26 ? 1.521   8.528   1.166   1.00 6.35  ? 26  ASP B N   1 
ATOM   931  C  CA  . ASP B 1 26 ? 0.292   8.448   1.945   1.00 6.20  ? 26  ASP B CA  1 
ATOM   932  C  C   . ASP B 1 26 ? 0.500   9.065   3.312   1.00 7.32  ? 26  ASP B C   1 
ATOM   933  O  O   . ASP B 1 26 ? -0.357  9.819   3.782   1.00 6.82  ? 26  ASP B O   1 
ATOM   934  C  CB  . ASP B 1 26 ? -0.164  6.986   2.119   1.00 4.21  ? 26  ASP B CB  1 
ATOM   935  C  CG  . ASP B 1 26 ? -0.659  6.390   0.838   1.00 6.27  ? 26  ASP B CG  1 
ATOM   936  O  OD1 . ASP B 1 26 ? -0.776  7.163   -0.116  1.00 9.54  ? 26  ASP B OD1 1 
ATOM   937  O  OD2 . ASP B 1 26 ? -0.890  5.158   0.782   1.00 5.35  ? 26  ASP B OD2 1 
ATOM   938  N  N   . GLN B 1 27 ? 1.664   8.813   3.893   1.00 4.91  ? 27  GLN B N   1 
ATOM   939  C  CA  . GLN B 1 27 ? 1.919   9.362   5.215   1.00 4.70  ? 27  GLN B CA  1 
ATOM   940  C  C   . GLN B 1 27 ? 2.124   10.866  5.114   1.00 5.55  ? 27  GLN B C   1 
ATOM   941  O  O   . GLN B 1 27 ? 1.683   11.601  6.016   1.00 9.69  ? 27  GLN B O   1 
ATOM   942  C  CB  . GLN B 1 27 ? 3.136   8.727   5.851   1.00 4.45  ? 27  GLN B CB  1 
ATOM   943  C  CG  . GLN B 1 27 ? 3.335   9.186   7.319   1.00 5.37  ? 27  GLN B CG  1 
ATOM   944  C  CD  . GLN B 1 27 ? 2.303   8.608   8.253   1.00 10.45 ? 27  GLN B CD  1 
ATOM   945  O  OE1 . GLN B 1 27 ? 2.066   7.397   8.279   1.00 8.93  ? 27  GLN B OE1 1 
ATOM   946  N  NE2 . GLN B 1 27 ? 1.677   9.479   9.049   1.00 12.31 ? 27  GLN B NE2 1 
ATOM   947  N  N   . ALA B 1 28 ? 2.864   11.305  4.081   1.00 6.70  ? 28  ALA B N   1 
ATOM   948  C  CA  . ALA B 1 28 ? 3.135   12.708  3.874   1.00 6.49  ? 28  ALA B CA  1 
ATOM   949  C  C   . ALA B 1 28 ? 1.829   13.490  3.766   1.00 9.85  ? 28  ALA B C   1 
ATOM   950  O  O   . ALA B 1 28 ? 1.636   14.457  4.499   1.00 10.52 ? 28  ALA B O   1 
ATOM   951  C  CB  . ALA B 1 28 ? 4.027   12.922  2.635   1.00 7.60  ? 28  ALA B CB  1 
ATOM   952  N  N   . GLU B 1 29 ? 0.877   12.959  2.998   1.00 10.49 ? 29  GLU B N   1 
ATOM   953  C  CA  . GLU B 1 29 ? -0.442  13.579  2.884   1.00 10.74 ? 29  GLU B CA  1 
ATOM   954  C  C   . GLU B 1 29 ? -1.145  13.675  4.241   1.00 12.08 ? 29  GLU B C   1 
ATOM   955  O  O   . GLU B 1 29 ? -1.704  14.713  4.575   1.00 10.56 ? 29  GLU B O   1 
ATOM   956  C  CB  . GLU B 1 29 ? -1.334  12.785  1.918   1.00 13.50 ? 29  GLU B CB  1 
ATOM   957  C  CG  . GLU B 1 29 ? -2.705  13.445  1.686   1.00 11.95 ? 29  GLU B CG  1 
ATOM   958  C  CD  . GLU B 1 29 ? -3.549  12.698  0.669   1.00 23.42 ? 29  GLU B CD  1 
ATOM   959  O  OE1 . GLU B 1 29 ? -4.554  13.263  0.178   1.00 20.06 ? 29  GLU B OE1 1 
ATOM   960  O  OE2 . GLU B 1 29 ? -3.196  11.552  0.347   1.00 17.71 ? 29  GLU B OE2 1 
ATOM   961  N  N   . GLU B 1 30 ? -1.131  12.587  5.001   1.00 12.06 ? 30  GLU B N   1 
ATOM   962  C  CA  . GLU B 1 30 ? -1.748  12.558  6.320   1.00 14.66 ? 30  GLU B CA  1 
ATOM   963  C  C   . GLU B 1 30 ? -1.144  13.557  7.303   1.00 15.53 ? 30  GLU B C   1 
ATOM   964  O  O   . GLU B 1 30 ? -1.858  14.133  8.130   1.00 13.55 ? 30  GLU B O   1 
ATOM   965  C  CB  . GLU B 1 30 ? -1.673  11.158  6.897   1.00 14.81 ? 30  GLU B CB  1 
ATOM   966  C  CG  . GLU B 1 30 ? -2.623  10.227  6.217   1.00 17.82 ? 30  GLU B CG  1 
ATOM   967  C  CD  . GLU B 1 30 ? -2.564  8.839   6.784   1.00 30.21 ? 30  GLU B CD  1 
ATOM   968  O  OE1 . GLU B 1 30 ? -2.936  8.664   7.978   1.00 28.04 ? 30  GLU B OE1 1 
ATOM   969  O  OE2 . GLU B 1 30 ? -2.215  7.921   5.998   1.00 24.39 ? 30  GLU B OE2 1 
ATOM   970  N  N   . ASP B 1 31 ? 0.144   13.826  7.148   1.00 14.32 ? 31  ASP B N   1 
ATOM   971  C  CA  . ASP B 1 31 ? 0.846   14.803  7.973   1.00 14.25 ? 31  ASP B CA  1 
ATOM   972  C  C   . ASP B 1 31 ? 0.845   16.219  7.361   1.00 14.67 ? 31  ASP B C   1 
ATOM   973  O  O   . ASP B 1 31 ? 1.514   17.114  7.872   1.00 15.26 ? 31  ASP B O   1 
ATOM   974  C  CB  . ASP B 1 31 ? 2.297   14.340  8.229   1.00 15.23 ? 31  ASP B CB  1 
ATOM   975  C  CG  . ASP B 1 31 ? 2.374   13.036  8.981   1.00 16.55 ? 31  ASP B CG  1 
ATOM   976  O  OD1 . ASP B 1 31 ? 1.354   12.597  9.545   1.00 20.50 ? 31  ASP B OD1 1 
ATOM   977  O  OD2 . ASP B 1 31 ? 3.472   12.433  9.022   1.00 19.76 ? 31  ASP B OD2 1 
ATOM   978  N  N   . GLY B 1 32 ? 0.057   16.432  6.303   1.00 11.50 ? 32  GLY B N   1 
ATOM   979  C  CA  . GLY B 1 32 ? -0.231  17.777  5.807   1.00 14.67 ? 32  GLY B CA  1 
ATOM   980  C  C   . GLY B 1 32 ? 0.868   18.301  4.923   1.00 14.49 ? 32  GLY B C   1 
ATOM   981  O  O   . GLY B 1 32 ? 1.111   19.519  4.843   1.00 17.93 ? 32  GLY B O   1 
ATOM   982  N  N   . ILE B 1 33 ? 1.572   17.364  4.287   1.00 13.00 ? 33  ILE B N   1 
ATOM   983  C  CA  . ILE B 1 33 ? 2.685   17.675  3.418   1.00 11.13 ? 33  ILE B CA  1 
ATOM   984  C  C   . ILE B 1 33 ? 2.296   17.287  1.989   1.00 13.99 ? 33  ILE B C   1 
ATOM   985  O  O   . ILE B 1 33 ? 2.146   16.108  1.676   1.00 16.40 ? 33  ILE B O   1 
ATOM   986  C  CB  . ILE B 1 33 ? 3.970   16.881  3.807   1.00 9.46  ? 33  ILE B CB  1 
ATOM   987  C  CG1 . ILE B 1 33 ? 4.493   17.258  5.218   1.00 8.95  ? 33  ILE B CG1 1 
ATOM   988  C  CG2 . ILE B 1 33 ? 5.037   17.075  2.764   1.00 8.44  ? 33  ILE B CG2 1 
ATOM   989  C  CD1 . ILE B 1 33 ? 5.545   16.332  5.767   1.00 9.98  ? 33  ILE B CD1 1 
ATOM   990  N  N   . ASP B 1 34 ? 2.195   18.289  1.127   1.00 12.55 ? 34  ASP B N   1 
ATOM   991  C  CA  . ASP B 1 34 ? 1.757   18.100  -0.265  1.00 9.35  ? 34  ASP B CA  1 
ATOM   992  C  C   . ASP B 1 34 ? 2.893   17.679  -1.176  1.00 11.43 ? 34  ASP B C   1 
ATOM   993  O  O   . ASP B 1 34 ? 3.830   18.448  -1.449  1.00 12.50 ? 34  ASP B O   1 
ATOM   994  C  CB  . ASP B 1 34 ? 1.179   19.430  -0.737  1.00 14.90 ? 34  ASP B CB  1 
ATOM   995  C  CG  . ASP B 1 34 ? 0.134   19.934  0.205   1.00 21.22 ? 34  ASP B CG  1 
ATOM   996  O  OD1 . ASP B 1 34 ? -0.654  19.074  0.662   1.00 30.01 ? 34  ASP B OD1 1 
ATOM   997  O  OD2 . ASP B 1 34 ? 0.118   21.143  0.515   1.00 26.47 ? 34  ASP B OD2 1 
ATOM   998  N  N   . LEU B 1 35 ? 2.814   16.456  -1.674  1.00 10.67 ? 35  LEU B N   1 
ATOM   999  C  CA  . LEU B 1 35 ? 3.745   16.061  -2.719  1.00 8.06  ? 35  LEU B CA  1 
ATOM   1000 C  C   . LEU B 1 35 ? 2.948   15.792  -3.990  1.00 5.42  ? 35  LEU B C   1 
ATOM   1001 O  O   . LEU B 1 35 ? 1.780   15.411  -3.901  1.00 8.03  ? 35  LEU B O   1 
ATOM   1002 C  CB  . LEU B 1 35 ? 4.542   14.829  -2.278  1.00 7.12  ? 35  LEU B CB  1 
ATOM   1003 C  CG  . LEU B 1 35 ? 5.223   14.846  -0.887  1.00 3.82  ? 35  LEU B CG  1 
ATOM   1004 C  CD1 . LEU B 1 35 ? 5.953   13.491  -0.654  1.00 4.79  ? 35  LEU B CD1 1 
ATOM   1005 C  CD2 . LEU B 1 35 ? 6.225   16.017  -0.817  1.00 7.96  ? 35  LEU B CD2 1 
ATOM   1006 N  N   . PRO B 1 36 ? 3.615   15.867  -5.152  1.00 8.03  ? 36  PRO B N   1 
ATOM   1007 C  CA  . PRO B 1 36 ? 2.945   15.649  -6.437  1.00 7.61  ? 36  PRO B CA  1 
ATOM   1008 C  C   . PRO B 1 36 ? 2.599   14.185  -6.684  1.00 8.65  ? 36  PRO B C   1 
ATOM   1009 O  O   . PRO B 1 36 ? 3.339   13.276  -6.266  1.00 7.31  ? 36  PRO B O   1 
ATOM   1010 C  CB  . PRO B 1 36 ? 3.952   16.150  -7.442  1.00 8.45  ? 36  PRO B CB  1 
ATOM   1011 C  CG  . PRO B 1 36 ? 5.309   15.855  -6.773  1.00 12.37 ? 36  PRO B CG  1 
ATOM   1012 C  CD  . PRO B 1 36 ? 5.060   16.118  -5.322  1.00 7.05  ? 36  PRO B CD  1 
ATOM   1013 N  N   . TYR B 1 37 ? 1.491   13.961  -7.387  1.00 9.64  ? 37  TYR B N   1 
ATOM   1014 C  CA  . TYR B 1 37 ? 1.043   12.615  -7.759  1.00 8.68  ? 37  TYR B CA  1 
ATOM   1015 C  C   . TYR B 1 37 ? 0.029   12.729  -8.898  1.00 7.34  ? 37  TYR B C   1 
ATOM   1016 O  O   . TYR B 1 37 ? -0.488  13.811  -9.157  1.00 8.28  ? 37  TYR B O   1 
ATOM   1017 C  CB  . TYR B 1 37 ? 0.435   11.907  -6.540  1.00 10.06 ? 37  TYR B CB  1 
ATOM   1018 C  CG  . TYR B 1 37 ? -0.786  12.596  -5.973  1.00 7.21  ? 37  TYR B CG  1 
ATOM   1019 C  CD1 . TYR B 1 37 ? -0.691  13.442  -4.859  1.00 6.79  ? 37  TYR B CD1 1 
ATOM   1020 C  CD2 . TYR B 1 37 ? -2.047  12.357  -6.528  1.00 10.15 ? 37  TYR B CD2 1 
ATOM   1021 C  CE1 . TYR B 1 37 ? -1.829  14.067  -4.326  1.00 15.33 ? 37  TYR B CE1 1 
ATOM   1022 C  CE2 . TYR B 1 37 ? -3.189  12.941  -5.978  1.00 12.72 ? 37  TYR B CE2 1 
ATOM   1023 C  CZ  . TYR B 1 37 ? -3.072  13.787  -4.879  1.00 12.46 ? 37  TYR B CZ  1 
ATOM   1024 O  OH  . TYR B 1 37 ? -4.203  14.402  -4.378  1.00 16.11 ? 37  TYR B OH  1 
ATOM   1025 N  N   . SER B 1 38 ? -0.285  11.616  -9.522  1.00 8.70  ? 38  SER B N   1 
ATOM   1026 C  CA  . SER B 1 38 ? -1.365  11.549  -10.501 1.00 10.04 ? 38  SER B CA  1 
ATOM   1027 C  C   . SER B 1 38 ? -2.050  10.194  -10.407 1.00 8.64  ? 38  SER B C   1 
ATOM   1028 O  O   . SER B 1 38 ? -3.064  10.055  -9.716  1.00 12.39 ? 38  SER B O   1 
ATOM   1029 C  CB  . SER B 1 38 ? -0.813  11.776  -11.917 1.00 11.90 ? 38  SER B CB  1 
ATOM   1030 O  OG  . SER B 1 38 ? -1.853  11.661  -12.878 1.00 15.56 ? 38  SER B OG  1 
ATOM   1031 N  N   . CYS B 1 39 ? -1.370  9.154   -10.851 1.00 8.06  ? 39  CYS B N   1 
ATOM   1032 C  CA  . CYS B 1 39 ? -2.003  7.814   -10.870 1.00 10.64 ? 39  CYS B CA  1 
ATOM   1033 C  C   . CYS B 1 39 ? -2.144  7.162   -9.498  1.00 10.97 ? 39  CYS B C   1 
ATOM   1034 O  O   . CYS B 1 39 ? -3.029  6.316   -9.302  1.00 11.70 ? 39  CYS B O   1 
ATOM   1035 C  CB  . CYS B 1 39 ? -1.265  6.881   -11.843 1.00 8.11  ? 39  CYS B CB  1 
ATOM   1036 S  SG  . CYS B 1 39 ? 0.335   6.225   -11.267 1.00 8.42  ? 39  CYS B SG  1 
ATOM   1037 N  N   . ARG B 1 40 ? -1.177  7.434   -8.612  1.00 10.82 ? 40  ARG B N   1 
ATOM   1038 C  CA  . ARG B 1 40 ? -1.035  6.772   -7.306  1.00 11.48 ? 40  ARG B CA  1 
ATOM   1039 C  C   . ARG B 1 40 ? -0.979  5.248   -7.417  1.00 11.06 ? 40  ARG B C   1 
ATOM   1040 O  O   . ARG B 1 40 ? -1.446  4.530   -6.532  1.00 12.51 ? 40  ARG B O   1 
ATOM   1041 C  CB  . ARG B 1 40 ? -2.095  7.256   -6.285  1.00 12.51 ? 40  ARG B CB  1 
ATOM   1042 C  CG  . ARG B 1 40 ? -1.926  8.750   -5.849  1.00 14.87 ? 40  ARG B CG  1 
ATOM   1043 C  CD  . ARG B 1 40 ? -2.897  9.176   -4.695  1.00 13.68 ? 40  ARG B CD  1 
ATOM   1044 N  NE  . ARG B 1 40 ? -2.359  8.865   -3.367  1.00 14.70 ? 40  ARG B NE  1 
ATOM   1045 C  CZ  . ARG B 1 40 ? -2.493  9.655   -2.314  1.00 22.53 ? 40  ARG B CZ  1 
ATOM   1046 N  NH1 . ARG B 1 40 ? -3.161  10.809  -2.424  1.00 25.38 ? 40  ARG B NH1 1 
ATOM   1047 N  NH2 . ARG B 1 40 ? -1.888  9.346   -1.180  1.00 18.72 ? 40  ARG B NH2 1 
ATOM   1048 N  N   . ALA B 1 41 ? -0.492  4.759   -8.557  1.00 8.31  ? 41  ALA B N   1 
ATOM   1049 C  CA  . ALA B 1 41 ? -0.499  3.323   -8.824  1.00 11.12 ? 41  ALA B CA  1 
ATOM   1050 C  C   . ALA B 1 41 ? 0.903   2.781   -9.171  1.00 9.83  ? 41  ALA B C   1 
ATOM   1051 O  O   . ALA B 1 41 ? 1.051   1.629   -9.533  1.00 10.96 ? 41  ALA B O   1 
ATOM   1052 C  CB  . ALA B 1 41 ? -1.494  2.997   -9.935  1.00 8.61  ? 41  ALA B CB  1 
ATOM   1053 N  N   . GLY B 1 42 ? 1.931   3.631   -9.142  1.00 9.04  ? 42  GLY B N   1 
ATOM   1054 C  CA  . GLY B 1 42 ? 3.272   3.144   -9.429  1.00 6.50  ? 42  GLY B CA  1 
ATOM   1055 C  C   . GLY B 1 42 ? 3.595   3.072   -10.896 1.00 8.69  ? 42  GLY B C   1 
ATOM   1056 O  O   . GLY B 1 42 ? 4.608   2.471   -11.271 1.00 7.24  ? 42  GLY B O   1 
ATOM   1057 N  N   . SER B 1 43 ? 2.813   3.802   -11.694 1.00 5.86  ? 43  SER B N   1 
ATOM   1058 C  CA  . SER B 1 43 ? 2.759   3.629   -13.161 1.00 7.51  ? 43  SER B CA  1 
ATOM   1059 C  C   . SER B 1 43 ? 3.001   4.918   -13.967 1.00 7.97  ? 43  SER B C   1 
ATOM   1060 O  O   . SER B 1 43 ? 2.721   4.954   -15.174 1.00 9.99  ? 43  SER B O   1 
ATOM   1061 C  CB  . SER B 1 43 ? 1.354   3.130   -13.531 1.00 10.08 ? 43  SER B CB  1 
ATOM   1062 O  OG  . SER B 1 43 ? 1.221   1.768   -13.202 1.00 18.59 ? 43  SER B OG  1 
ATOM   1063 N  N   . CYS B 1 44 ? 3.530   5.957   -13.339 1.00 8.53  ? 44  CYS B N   1 
ATOM   1064 C  CA  . CYS B 1 44 ? 3.839   7.220   -14.051 1.00 7.69  ? 44  CYS B CA  1 
ATOM   1065 C  C   . CYS B 1 44 ? 4.992   7.937   -13.353 1.00 8.23  ? 44  CYS B C   1 
ATOM   1066 O  O   . CYS B 1 44 ? 5.629   7.389   -12.444 1.00 10.09 ? 44  CYS B O   1 
ATOM   1067 C  CB  . CYS B 1 44 ? 2.615   8.164   -14.149 1.00 8.90  ? 44  CYS B CB  1 
ATOM   1068 S  SG  . CYS B 1 44 ? 2.211   9.136   -12.658 1.00 10.51 ? 44  CYS B SG  1 
ATOM   1069 N  N   . SER B 1 45 ? 5.298   9.134   -13.837 1.00 13.20 ? 45  SER B N   1 
ATOM   1070 C  CA  . SER B 1 45 ? 6.448   9.871   -13.370 1.00 10.90 ? 45  SER B CA  1 
ATOM   1071 C  C   . SER B 1 45 ? 6.099   10.885  -12.275 1.00 10.28 ? 45  SER B C   1 
ATOM   1072 O  O   . SER B 1 45 ? 6.996   11.509  -11.704 1.00 9.13  ? 45  SER B O   1 
ATOM   1073 C  CB  . SER B 1 45 ? 7.145   10.533  -14.556 1.00 11.18 ? 45  SER B CB  1 
ATOM   1074 O  OG  . SER B 1 45 ? 6.232   11.388  -15.229 1.00 13.11 ? 45  SER B OG  1 
ATOM   1075 N  N   . SER B 1 46 ? 4.805   11.057  -11.963 1.00 7.82  ? 46  SER B N   1 
ATOM   1076 C  CA  . SER B 1 46 ? 4.364   12.296  -11.334 1.00 8.16  ? 46  SER B CA  1 
ATOM   1077 C  C   . SER B 1 46 ? 4.934   12.450  -9.962  1.00 8.76  ? 46  SER B C   1 
ATOM   1078 O  O   . SER B 1 46 ? 5.144   13.572  -9.496  1.00 7.25  ? 46  SER B O   1 
ATOM   1079 C  CB  . SER B 1 46 ? 2.836   12.404  -11.223 1.00 9.69  ? 46  SER B CB  1 
ATOM   1080 O  OG  . SER B 1 46 ? 2.291   12.548  -12.539 1.00 12.13 ? 46  SER B OG  1 
ATOM   1081 N  N   . CYS B 1 47 ? 5.100   11.321  -9.278  1.00 7.93  ? 47  CYS B N   1 
ATOM   1082 C  CA  . CYS B 1 47 ? 5.467   11.378  -7.856  1.00 6.40  ? 47  CYS B CA  1 
ATOM   1083 C  C   . CYS B 1 47 ? 6.962   11.129  -7.692  1.00 7.26  ? 47  CYS B C   1 
ATOM   1084 O  O   . CYS B 1 47 ? 7.475   10.961  -6.583  1.00 7.57  ? 47  CYS B O   1 
ATOM   1085 C  CB  . CYS B 1 47 ? 4.655   10.383  -7.054  1.00 7.83  ? 47  CYS B CB  1 
ATOM   1086 S  SG  . CYS B 1 47 ? 5.101   8.706   -7.518  1.00 6.18  ? 47  CYS B SG  1 
ATOM   1087 N  N   . ALA B 1 48 ? 7.674   11.139  -8.798  1.00 4.86  ? 48  ALA B N   1 
ATOM   1088 C  CA  . ALA B 1 48 ? 9.105   10.872  -8.741  1.00 6.54  ? 48  ALA B CA  1 
ATOM   1089 C  C   . ALA B 1 48 ? 9.848   11.685  -7.650  1.00 7.26  ? 48  ALA B C   1 
ATOM   1090 O  O   . ALA B 1 48 ? 9.645   12.906  -7.503  1.00 7.46  ? 48  ALA B O   1 
ATOM   1091 C  CB  . ALA B 1 48 ? 9.762   11.097  -10.103 1.00 7.19  ? 48  ALA B CB  1 
ATOM   1092 N  N   . GLY B 1 49 ? 10.761  11.001  -6.958  1.00 7.13  ? 49  GLY B N   1 
ATOM   1093 C  CA  . GLY B 1 49 ? 11.758  11.688  -6.117  1.00 9.41  ? 49  GLY B CA  1 
ATOM   1094 C  C   . GLY B 1 49 ? 13.098  10.967  -6.223  1.00 8.06  ? 49  GLY B C   1 
ATOM   1095 O  O   . GLY B 1 49 ? 13.231  9.983   -6.968  1.00 9.76  ? 49  GLY B O   1 
ATOM   1096 N  N   . LYS B 1 50 ? 14.118  11.508  -5.577  1.00 5.46  ? 50  LYS B N   1 
ATOM   1097 C  CA  . LYS B 1 50 ? 15.468  10.918  -5.658  1.00 5.95  ? 50  LYS B CA  1 
ATOM   1098 C  C   . LYS B 1 50 ? 15.971  10.657  -4.264  1.00 5.78  ? 50  LYS B C   1 
ATOM   1099 O  O   . LYS B 1 50 ? 15.846  11.500  -3.387  1.00 6.94  ? 50  LYS B O   1 
ATOM   1100 C  CB  . LYS B 1 50 ? 16.443  11.871  -6.376  1.00 8.72  ? 50  LYS B CB  1 
ATOM   1101 C  CG  . LYS B 1 50 ? 17.820  11.276  -6.713  1.00 17.13 ? 50  LYS B CG  1 
ATOM   1102 C  CD  . LYS B 1 50 ? 17.836  10.513  -8.067  1.00 18.69 ? 50  LYS B CD  1 
ATOM   1103 C  CE  . LYS B 1 50 ? 19.047  10.888  -8.927  1.00 25.07 ? 50  LYS B CE  1 
ATOM   1104 N  NZ  . LYS B 1 50 ? 19.571  9.748   -9.764  1.00 18.33 ? 50  LYS B NZ  1 
ATOM   1105 N  N   . VAL B 1 51 ? 16.436  9.428   -4.039  1.00 5.87  ? 51  VAL B N   1 
ATOM   1106 C  CA  . VAL B 1 51 ? 16.926  9.019   -2.755  1.00 6.83  ? 51  VAL B CA  1 
ATOM   1107 C  C   . VAL B 1 51 ? 18.341  9.553   -2.568  1.00 7.88  ? 51  VAL B C   1 
ATOM   1108 O  O   . VAL B 1 51 ? 19.241  9.276   -3.387  1.00 11.02 ? 51  VAL B O   1 
ATOM   1109 C  CB  . VAL B 1 51 ? 16.888  7.484   -2.619  1.00 7.83  ? 51  VAL B CB  1 
ATOM   1110 C  CG1 . VAL B 1 51 ? 17.466  7.065   -1.265  1.00 10.78 ? 51  VAL B CG1 1 
ATOM   1111 C  CG2 . VAL B 1 51 ? 15.434  7.010   -2.760  1.00 11.86 ? 51  VAL B CG2 1 
ATOM   1112 N  N   . VAL B 1 52 ? 18.499  10.370  -1.530  1.00 6.54  ? 52  VAL B N   1 
ATOM   1113 C  CA  . VAL B 1 52 ? 19.806  10.917  -1.114  1.00 10.42 ? 52  VAL B CA  1 
ATOM   1114 C  C   . VAL B 1 52 ? 20.595  9.910   -0.272  1.00 10.22 ? 52  VAL B C   1 
ATOM   1115 O  O   . VAL B 1 52 ? 21.793  9.702   -0.501  1.00 12.36 ? 52  VAL B O   1 
ATOM   1116 C  CB  . VAL B 1 52 ? 19.664  12.279  -0.430  1.00 9.23  ? 52  VAL B CB  1 
ATOM   1117 C  CG1 . VAL B 1 52 ? 21.022  12.854  0.017   1.00 13.96 ? 52  VAL B CG1 1 
ATOM   1118 C  CG2 . VAL B 1 52 ? 18.984  13.220  -1.349  1.00 10.34 ? 52  VAL B CG2 1 
ATOM   1119 N  N   . SER B 1 53 ? 19.902  9.265   0.666   1.00 9.34  ? 53  SER B N   1 
ATOM   1120 C  CA  . SER B 1 53 ? 20.495  8.221   1.522   1.00 8.39  ? 53  SER B CA  1 
ATOM   1121 C  C   . SER B 1 53 ? 19.412  7.331   2.109   1.00 5.16  ? 53  SER B C   1 
ATOM   1122 O  O   . SER B 1 53 ? 18.255  7.688   2.154   1.00 7.24  ? 53  SER B O   1 
ATOM   1123 C  CB  . SER B 1 53 ? 21.288  8.854   2.688   1.00 8.41  ? 53  SER B CB  1 
ATOM   1124 O  OG  . SER B 1 53 ? 20.457  9.668   3.465   1.00 8.58  ? 53  SER B OG  1 
ATOM   1125 N  N   . GLY B 1 54 ? 19.791  6.120   2.484   1.00 3.65  ? 54  GLY B N   1 
ATOM   1126 C  CA  . GLY B 1 54 ? 18.815  5.198   3.054   1.00 4.67  ? 54  GLY B CA  1 
ATOM   1127 C  C   . GLY B 1 54 ? 18.217  4.391   1.939   1.00 5.28  ? 54  GLY B C   1 
ATOM   1128 O  O   . GLY B 1 54 ? 18.666  4.436   0.800   1.00 7.00  ? 54  GLY B O   1 
ATOM   1129 N  N   . SER B 1 55 ? 17.236  3.575   2.292   1.00 6.13  ? 55  SER B N   1 
ATOM   1130 C  CA  . SER B 1 55 ? 16.643  2.632   1.343   1.00 4.71  ? 55  SER B CA  1 
ATOM   1131 C  C   . SER B 1 55 ? 15.120  2.638   1.402   1.00 5.52  ? 55  SER B C   1 
ATOM   1132 O  O   . SER B 1 55 ? 14.515  2.966   2.432   1.00 5.00  ? 55  SER B O   1 
ATOM   1133 C  CB  . SER B 1 55 ? 17.171  1.209   1.600   1.00 6.40  ? 55  SER B CB  1 
ATOM   1134 O  OG  . SER B 1 55 ? 17.038  0.814   2.965   1.00 10.27 ? 55  SER B OG  1 
ATOM   1135 N  N   . VAL B 1 56 ? 14.517  2.264   0.288   1.00 4.54  ? 56  VAL B N   1 
ATOM   1136 C  CA  . VAL B 1 56 ? 13.066  2.038   0.228   1.00 7.37  ? 56  VAL B CA  1 
ATOM   1137 C  C   . VAL B 1 56 ? 12.757  0.671   -0.391  1.00 6.98  ? 56  VAL B C   1 
ATOM   1138 O  O   . VAL B 1 56 ? 13.605  0.081   -1.081  1.00 5.48  ? 56  VAL B O   1 
ATOM   1139 C  CB  . VAL B 1 56 ? 12.369  3.126   -0.631  1.00 5.29  ? 56  VAL B CB  1 
ATOM   1140 C  CG1 . VAL B 1 56 ? 12.630  4.495   -0.077  1.00 7.84  ? 56  VAL B CG1 1 
ATOM   1141 C  CG2 . VAL B 1 56 ? 12.861  3.015   -2.113  1.00 5.27  ? 56  VAL B CG2 1 
ATOM   1142 N  N   . ASP B 1 57 ? 11.496  0.238   -0.246  1.00 6.37  ? 57  ASP B N   1 
ATOM   1143 C  CA  . ASP B 1 57 ? 10.955  -0.901  -0.956  1.00 6.58  ? 57  ASP B CA  1 
ATOM   1144 C  C   . ASP B 1 57 ? 9.926   -0.383  -1.906  1.00 8.33  ? 57  ASP B C   1 
ATOM   1145 O  O   . ASP B 1 57 ? 8.830   0.050   -1.490  1.00 8.29  ? 57  ASP B O   1 
ATOM   1146 C  CB  . ASP B 1 57 ? 10.300  -1.868  0.039   1.00 7.54  ? 57  ASP B CB  1 
ATOM   1147 C  CG  . ASP B 1 57 ? 9.486   -2.965  -0.612  1.00 10.71 ? 57  ASP B CG  1 
ATOM   1148 O  OD1 . ASP B 1 57 ? 8.823   -3.698  0.167   1.00 20.36 ? 57  ASP B OD1 1 
ATOM   1149 O  OD2 . ASP B 1 57 ? 9.560   -3.198  -1.856  1.00 11.14 ? 57  ASP B OD2 1 
ATOM   1150 N  N   . GLN B 1 58 ? 10.281  -0.388  -3.183  1.00 7.80  ? 58  GLN B N   1 
ATOM   1151 C  CA  . GLN B 1 58 ? 9.331   0.045   -4.183  1.00 9.48  ? 58  GLN B CA  1 
ATOM   1152 C  C   . GLN B 1 58 ? 9.036   -1.071  -5.159  1.00 10.39 ? 58  GLN B C   1 
ATOM   1153 O  O   . GLN B 1 58 ? 8.770   -0.829  -6.320  1.00 10.10 ? 58  GLN B O   1 
ATOM   1154 C  CB  . GLN B 1 58 ? 9.809   1.354   -4.877  1.00 7.46  ? 58  GLN B CB  1 
ATOM   1155 C  CG  . GLN B 1 58 ? 11.230  1.348   -5.511  1.00 8.67  ? 58  GLN B CG  1 
ATOM   1156 C  CD  . GLN B 1 58 ? 11.593  2.708   -6.165  1.00 7.29  ? 58  GLN B CD  1 
ATOM   1157 O  OE1 . GLN B 1 58 ? 12.768  3.127   -6.182  1.00 12.64 ? 58  GLN B OE1 1 
ATOM   1158 N  NE2 . GLN B 1 58 ? 10.596  3.351   -6.768  1.00 2.86  ? 58  GLN B NE2 1 
ATOM   1159 N  N   . SER B 1 59 ? 8.978   -2.309  -4.654  1.00 13.78 ? 59  SER B N   1 
ATOM   1160 C  CA  . SER B 1 59 ? 8.575   -3.400  -5.510  1.00 15.97 ? 59  SER B CA  1 
ATOM   1161 C  C   . SER B 1 59 ? 7.124   -3.144  -5.899  1.00 19.25 ? 59  SER B C   1 
ATOM   1162 O  O   . SER B 1 59 ? 6.393   -2.471  -5.157  1.00 23.10 ? 59  SER B O   1 
ATOM   1163 C  CB  . SER B 1 59 ? 8.766   -4.750  -4.793  1.00 15.62 ? 59  SER B CB  1 
ATOM   1164 O  OG  . SER B 1 59 ? 7.920   -4.847  -3.659  1.00 23.44 ? 59  SER B OG  1 
ATOM   1165 N  N   . ASP B 1 60 ? 6.722   -3.604  -7.082  1.00 18.65 ? 60  ASP B N   1 
ATOM   1166 C  CA  . ASP B 1 60 ? 5.528   -3.059  -7.780  1.00 22.24 ? 60  ASP B CA  1 
ATOM   1167 C  C   . ASP B 1 60 ? 5.216   -1.538  -7.805  1.00 20.88 ? 60  ASP B C   1 
ATOM   1168 O  O   . ASP B 1 60 ? 4.052   -1.149  -7.882  1.00 18.64 ? 60  ASP B O   1 
ATOM   1169 C  CB  . ASP B 1 60 ? 4.243   -3.833  -7.464  1.00 24.81 ? 60  ASP B CB  1 
ATOM   1170 C  CG  . ASP B 1 60 ? 4.299   -5.256  -7.955  1.00 27.62 ? 60  ASP B CG  1 
ATOM   1171 O  OD1 . ASP B 1 60 ? 5.085   -6.037  -7.384  1.00 32.71 ? 60  ASP B OD1 1 
ATOM   1172 O  OD2 . ASP B 1 60 ? 3.568   -5.594  -8.910  1.00 37.78 ? 60  ASP B OD2 1 
ATOM   1173 N  N   . GLN B 1 61 ? 6.239   -0.694  -7.794  1.00 19.17 ? 61  GLN B N   1 
ATOM   1174 C  CA  . GLN B 1 61 ? 6.294   0.399   -8.764  1.00 13.74 ? 61  GLN B CA  1 
ATOM   1175 C  C   . GLN B 1 61 ? 6.601   -0.307  -10.091 1.00 13.93 ? 61  GLN B C   1 
ATOM   1176 O  O   . GLN B 1 61 ? 7.167   -1.397  -10.070 1.00 14.95 ? 61  GLN B O   1 
ATOM   1177 C  CB  . GLN B 1 61 ? 7.406   1.406   -8.403  1.00 16.44 ? 61  GLN B CB  1 
ATOM   1178 C  CG  . GLN B 1 61 ? 8.836   1.007   -8.772  1.00 11.38 ? 61  GLN B CG  1 
ATOM   1179 C  CD  . GLN B 1 61 ? 9.117   1.219   -10.259 1.00 11.29 ? 61  GLN B CD  1 
ATOM   1180 O  OE1 . GLN B 1 61 ? 8.671   2.208   -10.836 1.00 8.51  ? 61  GLN B OE1 1 
ATOM   1181 N  NE2 . GLN B 1 61 ? 9.968   0.373   -10.840 1.00 7.88  ? 61  GLN B NE2 1 
ATOM   1182 N  N   . SER B 1 62 ? 6.077   0.216   -11.198 1.00 10.66 ? 62  SER B N   1 
ATOM   1183 C  CA  . SER B 1 62 ? 6.359   -0.321  -12.540 1.00 12.29 ? 62  SER B CA  1 
ATOM   1184 C  C   . SER B 1 62 ? 7.050   0.603   -13.559 1.00 12.64 ? 62  SER B C   1 
ATOM   1185 O  O   . SER B 1 62 ? 7.776   0.128   -14.414 1.00 17.18 ? 62  SER B O   1 
ATOM   1186 C  CB  . SER B 1 62 ? 5.119   -0.971  -13.169 1.00 13.30 ? 62  SER B CB  1 
ATOM   1187 O  OG  . SER B 1 62 ? 3.998   -0.104  -13.168 1.00 11.85 ? 62  SER B OG  1 
ATOM   1188 N  N   . TYR B 1 63 ? 6.867   1.913   -13.427 1.00 9.58  ? 63  TYR B N   1 
ATOM   1189 C  CA  . TYR B 1 63 ? 7.344   2.866   -14.409 1.00 5.90  ? 63  TYR B CA  1 
ATOM   1190 C  C   . TYR B 1 63 ? 8.886   3.027   -14.535 1.00 6.19  ? 63  TYR B C   1 
ATOM   1191 O  O   . TYR B 1 63 ? 9.440   2.987   -15.622 1.00 6.60  ? 63  TYR B O   1 
ATOM   1192 C  CB  . TYR B 1 63 ? 6.651   4.211   -14.205 1.00 6.89  ? 63  TYR B CB  1 
ATOM   1193 C  CG  . TYR B 1 63 ? 7.171   5.285   -15.137 1.00 6.87  ? 63  TYR B CG  1 
ATOM   1194 C  CD1 . TYR B 1 63 ? 8.115   6.195   -14.707 1.00 9.06  ? 63  TYR B CD1 1 
ATOM   1195 C  CD2 . TYR B 1 63 ? 6.771   5.325   -16.487 1.00 9.15  ? 63  TYR B CD2 1 
ATOM   1196 C  CE1 . TYR B 1 63 ? 8.634   7.133   -15.549 1.00 7.63  ? 63  TYR B CE1 1 
ATOM   1197 C  CE2 . TYR B 1 63 ? 7.262   6.276   -17.339 1.00 9.53  ? 63  TYR B CE2 1 
ATOM   1198 C  CZ  . TYR B 1 63 ? 8.243   7.154   -16.882 1.00 8.29  ? 63  TYR B CZ  1 
ATOM   1199 O  OH  . TYR B 1 63 ? 8.666   8.205   -17.662 1.00 10.74 ? 63  TYR B OH  1 
ATOM   1200 N  N   . LEU B 1 64 ? 9.588   3.089   -13.414 1.00 6.24  ? 64  LEU B N   1 
ATOM   1201 C  CA  . LEU B 1 64 ? 11.039  3.172   -13.457 1.00 5.68  ? 64  LEU B CA  1 
ATOM   1202 C  C   . LEU B 1 64 ? 11.726  1.900   -13.891 1.00 6.80  ? 64  LEU B C   1 
ATOM   1203 O  O   . LEU B 1 64 ? 11.319  0.778   -13.514 1.00 7.01  ? 64  LEU B O   1 
ATOM   1204 C  CB  . LEU B 1 64 ? 11.580  3.573   -12.072 1.00 4.48  ? 64  LEU B CB  1 
ATOM   1205 C  CG  . LEU B 1 64 ? 10.993  4.839   -11.451 1.00 4.81  ? 64  LEU B CG  1 
ATOM   1206 C  CD1 . LEU B 1 64 ? 11.463  4.985   -9.978  1.00 2.63  ? 64  LEU B CD1 1 
ATOM   1207 C  CD2 . LEU B 1 64 ? 11.402  6.037   -12.251 1.00 9.43  ? 64  LEU B CD2 1 
ATOM   1208 N  N   . ASP B 1 65 ? 12.716  2.070   -14.769 1.00 7.55  ? 65  ASP B N   1 
ATOM   1209 C  CA  . ASP B 1 65 ? 13.554  0.974   -15.176 1.00 8.71  ? 65  ASP B CA  1 
ATOM   1210 C  C   . ASP B 1 65 ? 14.738  0.800   -14.235 1.00 9.78  ? 65  ASP B C   1 
ATOM   1211 O  O   . ASP B 1 65 ? 14.952  1.611   -13.343 1.00 9.06  ? 65  ASP B O   1 
ATOM   1212 C  CB  . ASP B 1 65 ? 13.943  1.086   -16.669 1.00 11.57 ? 65  ASP B CB  1 
ATOM   1213 C  CG  . ASP B 1 65 ? 14.859  2.264   -16.978 1.00 13.70 ? 65  ASP B CG  1 
ATOM   1214 O  OD1 . ASP B 1 65 ? 15.690  2.654   -16.132 1.00 17.67 ? 65  ASP B OD1 1 
ATOM   1215 O  OD2 . ASP B 1 65 ? 14.812  2.757   -18.131 1.00 22.26 ? 65  ASP B OD2 1 
ATOM   1216 N  N   . ASP B 1 66 ? 15.420  -0.333  -14.339 1.00 11.64 ? 66  ASP B N   1 
ATOM   1217 C  CA  . ASP B 1 66 ? 16.510  -0.601  -13.432 1.00 10.77 ? 66  ASP B CA  1 
ATOM   1218 C  C   . ASP B 1 66 ? 17.638  0.426   -13.467 1.00 9.65  ? 66  ASP B C   1 
ATOM   1219 O  O   . ASP B 1 66 ? 18.181  0.763   -12.430 1.00 8.51  ? 66  ASP B O   1 
ATOM   1220 C  CB  . ASP B 1 66 ? 16.998  -2.040  -13.590 1.00 13.22 ? 66  ASP B CB  1 
ATOM   1221 C  CG  . ASP B 1 66 ? 15.990  -3.049  -13.050 1.00 17.24 ? 66  ASP B CG  1 
ATOM   1222 O  OD1 . ASP B 1 66 ? 15.062  -2.640  -12.305 1.00 19.96 ? 66  ASP B OD1 1 
ATOM   1223 O  OD2 . ASP B 1 66 ? 16.163  -4.261  -13.299 1.00 26.57 ? 66  ASP B OD2 1 
ATOM   1224 N  N   . GLY B 1 67 ? 17.937  0.971   -14.648 1.00 8.43  ? 67  GLY B N   1 
ATOM   1225 C  CA  . GLY B 1 67 ? 18.821  2.141   -14.766 1.00 8.69  ? 67  GLY B CA  1 
ATOM   1226 C  C   . GLY B 1 67 ? 18.433  3.238   -13.790 1.00 8.88  ? 67  GLY B C   1 
ATOM   1227 O  O   . GLY B 1 67 ? 19.254  3.702   -13.004 1.00 10.28 ? 67  GLY B O   1 
ATOM   1228 N  N   . GLN B 1 68 ? 17.162  3.630   -13.827 1.00 8.91  ? 68  GLN B N   1 
ATOM   1229 C  CA  . GLN B 1 68 ? 16.681  4.729   -12.998 1.00 9.26  ? 68  GLN B CA  1 
ATOM   1230 C  C   . GLN B 1 68 ? 16.688  4.375   -11.523 1.00 8.00  ? 68  GLN B C   1 
ATOM   1231 O  O   . GLN B 1 68 ? 17.092  5.181   -10.686 1.00 7.42  ? 68  GLN B O   1 
ATOM   1232 C  CB  . GLN B 1 68 ? 15.297  5.185   -13.455 1.00 8.89  ? 68  GLN B CB  1 
ATOM   1233 C  CG  . GLN B 1 68 ? 15.323  5.763   -14.862 1.00 11.95 ? 68  GLN B CG  1 
ATOM   1234 C  CD  . GLN B 1 68 ? 13.954  5.850   -15.498 1.00 10.87 ? 68  GLN B CD  1 
ATOM   1235 O  OE1 . GLN B 1 68 ? 13.170  4.908   -15.458 1.00 9.68  ? 68  GLN B OE1 1 
ATOM   1236 N  NE2 . GLN B 1 68 ? 13.673  6.983   -16.109 1.00 12.38 ? 68  GLN B NE2 1 
ATOM   1237 N  N   . ILE B 1 69 ? 16.221  3.175   -11.191 1.00 7.24  ? 69  ILE B N   1 
ATOM   1238 C  CA  . ILE B 1 69 ? 16.347  2.705   -9.806  1.00 9.01  ? 69  ILE B CA  1 
ATOM   1239 C  C   . ILE B 1 69 ? 17.811  2.680   -9.295  1.00 8.50  ? 69  ILE B C   1 
ATOM   1240 O  O   . ILE B 1 69 ? 18.089  3.073   -8.156  1.00 7.91  ? 69  ILE B O   1 
ATOM   1241 C  CB  . ILE B 1 69 ? 15.737  1.311   -9.643  1.00 6.49  ? 69  ILE B CB  1 
ATOM   1242 C  CG1 . ILE B 1 69 ? 14.224  1.378   -9.952  1.00 11.66 ? 69  ILE B CG1 1 
ATOM   1243 C  CG2 . ILE B 1 69 ? 15.960  0.810   -8.202  1.00 10.64 ? 69  ILE B CG2 1 
ATOM   1244 C  CD1 . ILE B 1 69 ? 13.525  0.025   -9.998  1.00 14.03 ? 69  ILE B CD1 1 
ATOM   1245 N  N   . ALA B 1 70 ? 18.718  2.146   -10.108 1.00 9.69  ? 70  ALA B N   1 
ATOM   1246 C  CA  . ALA B 1 70 ? 20.126  2.178   -9.757  1.00 9.56  ? 70  ALA B CA  1 
ATOM   1247 C  C   . ALA B 1 70 ? 20.657  3.591   -9.521  1.00 10.67 ? 70  ALA B C   1 
ATOM   1248 O  O   . ALA B 1 70 ? 21.636  3.769   -8.787  1.00 14.69 ? 70  ALA B O   1 
ATOM   1249 C  CB  . ALA B 1 70 ? 20.962  1.463   -10.801 1.00 11.29 ? 70  ALA B CB  1 
ATOM   1250 N  N   . ASP B 1 71 ? 19.973  4.587   -10.077 1.00 10.66 ? 71  ASP B N   1 
ATOM   1251 C  CA  . ASP B 1 71 ? 20.433  5.977   -10.062 1.00 13.18 ? 71  ASP B CA  1 
ATOM   1252 C  C   . ASP B 1 71 ? 19.788  6.722   -8.880  1.00 13.68 ? 71  ASP B C   1 
ATOM   1253 O  O   . ASP B 1 71 ? 19.972  7.926   -8.738  1.00 15.66 ? 71  ASP B O   1 
ATOM   1254 C  CB  . ASP B 1 71 ? 19.980  6.663   -11.336 1.00 12.39 ? 71  ASP B CB  1 
ATOM   1255 C  CG  . ASP B 1 71 ? 21.075  7.338   -12.055 1.00 20.97 ? 71  ASP B CG  1 
ATOM   1256 O  OD1 . ASP B 1 71 ? 21.653  8.309   -11.500 1.00 27.21 ? 71  ASP B OD1 1 
ATOM   1257 O  OD2 . ASP B 1 71 ? 21.299  6.937   -13.222 1.00 29.85 ? 71  ASP B OD2 1 
ATOM   1258 N  N   . GLY B 1 72 ? 18.929  6.025   -8.138  1.00 12.21 ? 72  GLY B N   1 
ATOM   1259 C  CA  . GLY B 1 72 ? 18.339  6.564   -6.927  1.00 10.50 ? 72  GLY B CA  1 
ATOM   1260 C  C   . GLY B 1 72 ? 16.909  7.075   -7.125  1.00 7.32  ? 72  GLY B C   1 
ATOM   1261 O  O   . GLY B 1 72 ? 16.314  7.637   -6.222  1.00 7.74  ? 72  GLY B O   1 
ATOM   1262 N  N   . TRP B 1 73 ? 16.292  6.764   -8.259  1.00 5.57  ? 73  TRP B N   1 
ATOM   1263 C  CA  . TRP B 1 73 ? 14.942  7.304   -8.478  1.00 3.74  ? 73  TRP B CA  1 
ATOM   1264 C  C   . TRP B 1 73 ? 13.950  6.459   -7.688  1.00 4.44  ? 73  TRP B C   1 
ATOM   1265 O  O   . TRP B 1 73 ? 14.162  5.257   -7.533  1.00 6.29  ? 73  TRP B O   1 
ATOM   1266 C  CB  . TRP B 1 73 ? 14.631  7.254   -9.976  1.00 4.10  ? 73  TRP B CB  1 
ATOM   1267 C  CG  . TRP B 1 73 ? 15.373  8.349   -10.702 1.00 10.38 ? 73  TRP B CG  1 
ATOM   1268 C  CD1 . TRP B 1 73 ? 16.533  8.235   -11.441 1.00 13.02 ? 73  TRP B CD1 1 
ATOM   1269 C  CD2 . TRP B 1 73 ? 15.000  9.732   -10.733 1.00 13.60 ? 73  TRP B CD2 1 
ATOM   1270 N  NE1 . TRP B 1 73 ? 16.876  9.489   -11.960 1.00 9.96  ? 73  TRP B NE1 1 
ATOM   1271 C  CE2 . TRP B 1 73 ? 15.957  10.415  -11.527 1.00 15.53 ? 73  TRP B CE2 1 
ATOM   1272 C  CE3 . TRP B 1 73 ? 13.941  10.463  -10.163 1.00 15.69 ? 73  TRP B CE3 1 
ATOM   1273 C  CZ2 . TRP B 1 73 ? 15.912  11.810  -11.722 1.00 15.46 ? 73  TRP B CZ2 1 
ATOM   1274 C  CZ3 . TRP B 1 73 ? 13.872  11.847  -10.393 1.00 12.35 ? 73  TRP B CZ3 1 
ATOM   1275 C  CH2 . TRP B 1 73 ? 14.850  12.500  -11.170 1.00 15.51 ? 73  TRP B CH2 1 
ATOM   1276 N  N   . VAL B 1 74 ? 12.883  7.088   -7.193  1.00 4.70  ? 74  VAL B N   1 
ATOM   1277 C  CA  . VAL B 1 74 ? 11.839  6.430   -6.406  1.00 3.53  ? 74  VAL B CA  1 
ATOM   1278 C  C   . VAL B 1 74 ? 10.470  6.987   -6.767  1.00 2.00  ? 74  VAL B C   1 
ATOM   1279 O  O   . VAL B 1 74 ? 10.325  8.200   -6.918  1.00 4.44  ? 74  VAL B O   1 
ATOM   1280 C  CB  . VAL B 1 74 ? 12.098  6.565   -4.884  1.00 2.30  ? 74  VAL B CB  1 
ATOM   1281 C  CG1 . VAL B 1 74 ? 12.309  8.024   -4.455  1.00 6.31  ? 74  VAL B CG1 1 
ATOM   1282 C  CG2 . VAL B 1 74 ? 10.987  5.889   -4.059  1.00 5.77  ? 74  VAL B CG2 1 
ATOM   1283 N  N   . LEU B 1 75 ? 9.463   6.120   -6.875  1.00 3.37  ? 75  LEU B N   1 
ATOM   1284 C  CA  . LEU B 1 75 ? 8.093   6.617   -7.013  1.00 2.33  ? 75  LEU B CA  1 
ATOM   1285 C  C   . LEU B 1 75 ? 7.455   6.619   -5.616  1.00 3.80  ? 75  LEU B C   1 
ATOM   1286 O  O   . LEU B 1 75 ? 7.135   5.555   -5.043  1.00 2.86  ? 75  LEU B O   1 
ATOM   1287 C  CB  . LEU B 1 75 ? 7.275   5.747   -7.984  1.00 3.72  ? 75  LEU B CB  1 
ATOM   1288 C  CG  . LEU B 1 75 ? 7.880   5.666   -9.372  1.00 2.06  ? 75  LEU B CG  1 
ATOM   1289 C  CD1 . LEU B 1 75 ? 7.023   4.916   -10.388 1.00 4.75  ? 75  LEU B CD1 1 
ATOM   1290 C  CD2 . LEU B 1 75 ? 8.225   7.085   -9.920  1.00 4.64  ? 75  LEU B CD2 1 
ATOM   1291 N  N   . THR B 1 76 ? 7.463   7.803   -5.020  1.00 4.43  ? 76  THR B N   1 
ATOM   1292 C  CA  . THR B 1 76 ? 6.968   8.005   -3.649  1.00 2.95  ? 76  THR B CA  1 
ATOM   1293 C  C   . THR B 1 76 ? 5.563   7.497   -3.335  1.00 5.26  ? 76  THR B C   1 
ATOM   1294 O  O   . THR B 1 76 ? 5.317   7.174   -2.180  1.00 5.33  ? 76  THR B O   1 
ATOM   1295 C  CB  . THR B 1 76 ? 7.153   9.461   -3.174  1.00 6.84  ? 76  THR B CB  1 
ATOM   1296 O  OG1 . THR B 1 76 ? 6.383   10.337  -4.021  1.00 6.28  ? 76  THR B OG1 1 
ATOM   1297 C  CG2 . THR B 1 76 ? 8.622   9.863   -3.174  1.00 2.39  ? 76  THR B CG2 1 
ATOM   1298 N  N   . CYS B 1 77 ? 4.657   7.396   -4.322  1.00 4.47  ? 77  CYS B N   1 
ATOM   1299 C  CA  . CYS B 1 77 ? 3.300   6.884   -4.041  1.00 4.37  ? 77  CYS B CA  1 
ATOM   1300 C  C   . CYS B 1 77 ? 3.322   5.387   -3.795  1.00 3.65  ? 77  CYS B C   1 
ATOM   1301 O  O   . CYS B 1 77 ? 2.345   4.852   -3.296  1.00 6.72  ? 77  CYS B O   1 
ATOM   1302 C  CB  . CYS B 1 77 ? 2.319   7.120   -5.170  1.00 4.10  ? 77  CYS B CB  1 
ATOM   1303 S  SG  . CYS B 1 77 ? 2.589   6.073   -6.607  1.00 5.45  ? 77  CYS B SG  1 
ATOM   1304 N  N   . HIS B 1 78 ? 4.401   4.736   -4.180  1.00 2.67  ? 78  HIS B N   1 
ATOM   1305 C  CA  . HIS B 1 78 ? 4.462   3.268   -4.090  1.00 4.51  ? 78  HIS B CA  1 
ATOM   1306 C  C   . HIS B 1 78 ? 5.773   2.768   -3.474  1.00 5.64  ? 78  HIS B C   1 
ATOM   1307 O  O   . HIS B 1 78 ? 6.183   1.601   -3.699  1.00 8.02  ? 78  HIS B O   1 
ATOM   1308 C  CB  . HIS B 1 78 ? 4.210   2.637   -5.478  1.00 4.23  ? 78  HIS B CB  1 
ATOM   1309 C  CG  . HIS B 1 78 ? 2.841   2.035   -5.628  1.00 12.25 ? 78  HIS B CG  1 
ATOM   1310 N  ND1 . HIS B 1 78 ? 1.703   2.625   -5.109  1.00 17.15 ? 78  HIS B ND1 1 
ATOM   1311 C  CD2 . HIS B 1 78 ? 2.415   0.950   -6.318  1.00 15.22 ? 78  HIS B CD2 1 
ATOM   1312 C  CE1 . HIS B 1 78 ? 0.641   1.941   -5.492  1.00 15.14 ? 78  HIS B CE1 1 
ATOM   1313 N  NE2 . HIS B 1 78 ? 1.042   0.956   -6.273  1.00 18.87 ? 78  HIS B NE2 1 
ATOM   1314 N  N   . ALA B 1 79 ? 6.293   3.576   -2.538  1.00 5.96  ? 79  ALA B N   1 
ATOM   1315 C  CA  . ALA B 1 79 ? 7.529   3.231   -1.824  1.00 3.41  ? 79  ALA B CA  1 
ATOM   1316 C  C   . ALA B 1 79 ? 7.323   3.212   -0.322  1.00 2.27  ? 79  ALA B C   1 
ATOM   1317 O  O   . ALA B 1 79 ? 6.703   4.117   0.239   1.00 5.16  ? 79  ALA B O   1 
ATOM   1318 C  CB  . ALA B 1 79 ? 8.650   4.204   -2.188  1.00 3.76  ? 79  ALA B CB  1 
ATOM   1319 N  N   . TYR B 1 80 ? 7.743   2.110   0.308   1.00 2.00  ? 80  TYR B N   1 
ATOM   1320 C  CA  . TYR B 1 80 ? 7.836   2.040   1.780   1.00 2.62  ? 80  TYR B CA  1 
ATOM   1321 C  C   . TYR B 1 80 ? 9.265   2.305   2.230   1.00 2.98  ? 80  TYR B C   1 
ATOM   1322 O  O   . TYR B 1 80 ? 10.218  1.860   1.595   1.00 4.88  ? 80  TYR B O   1 
ATOM   1323 C  CB  . TYR B 1 80 ? 7.477   0.616   2.257   1.00 3.27  ? 80  TYR B CB  1 
ATOM   1324 C  CG  . TYR B 1 80 ? 6.113   0.135   1.838   1.00 4.06  ? 80  TYR B CG  1 
ATOM   1325 C  CD1 . TYR B 1 80 ? 5.958   -0.705  0.749   1.00 7.36  ? 80  TYR B CD1 1 
ATOM   1326 C  CD2 . TYR B 1 80 ? 4.985   0.464   2.582   1.00 8.08  ? 80  TYR B CD2 1 
ATOM   1327 C  CE1 . TYR B 1 80 ? 4.709   -1.188  0.395   1.00 7.30  ? 80  TYR B CE1 1 
ATOM   1328 C  CE2 . TYR B 1 80 ? 3.728   0.056   2.193   1.00 7.51  ? 80  TYR B CE2 1 
ATOM   1329 C  CZ  . TYR B 1 80 ? 3.598   -0.800  1.120   1.00 10.27 ? 80  TYR B CZ  1 
ATOM   1330 O  OH  . TYR B 1 80 ? 2.342   -1.275  0.769   1.00 6.50  ? 80  TYR B OH  1 
ATOM   1331 N  N   . PRO B 1 81 ? 9.441   2.973   3.379   1.00 2.70  ? 81  PRO B N   1 
ATOM   1332 C  CA  . PRO B 1 81 ? 10.802  3.098   3.858   1.00 3.91  ? 81  PRO B CA  1 
ATOM   1333 C  C   . PRO B 1 81 ? 11.303  1.736   4.400   1.00 4.26  ? 81  PRO B C   1 
ATOM   1334 O  O   . PRO B 1 81 ? 10.498  0.914   4.893   1.00 5.11  ? 81  PRO B O   1 
ATOM   1335 C  CB  . PRO B 1 81 ? 10.656  4.087   5.018   1.00 3.22  ? 81  PRO B CB  1 
ATOM   1336 C  CG  . PRO B 1 81 ? 9.302   3.716   5.579   1.00 3.09  ? 81  PRO B CG  1 
ATOM   1337 C  CD  . PRO B 1 81 ? 8.460   3.508   4.342   1.00 4.27  ? 81  PRO B CD  1 
ATOM   1338 N  N   . THR B 1 82 ? 12.589  1.448   4.191   1.00 3.54  ? 82  THR B N   1 
ATOM   1339 C  CA  . THR B 1 82 ? 13.207  0.247   4.819   1.00 5.28  ? 82  THR B CA  1 
ATOM   1340 C  C   . THR B 1 82 ? 14.398  0.630   5.691   1.00 6.19  ? 82  THR B C   1 
ATOM   1341 O  O   . THR B 1 82 ? 15.101  -0.233  6.243   1.00 6.73  ? 82  THR B O   1 
ATOM   1342 C  CB  . THR B 1 82 ? 13.641  -0.857  3.777   1.00 6.29  ? 82  THR B CB  1 
ATOM   1343 O  OG1 . THR B 1 82 ? 14.494  -0.324  2.774   1.00 7.30  ? 82  THR B OG1 1 
ATOM   1344 C  CG2 . THR B 1 82 ? 12.417  -1.490  3.067   1.00 8.49  ? 82  THR B CG2 1 
ATOM   1345 N  N   . SER B 1 83 ? 14.710  1.914   5.676   1.00 4.34  ? 83  SER B N   1 
ATOM   1346 C  CA  . SER B 1 83 ? 15.583  2.520   6.676   1.00 5.60  ? 83  SER B CA  1 
ATOM   1347 C  C   . SER B 1 83 ? 15.201  3.970   6.926   1.00 6.54  ? 83  SER B C   1 
ATOM   1348 O  O   . SER B 1 83 ? 14.297  4.520   6.265   1.00 7.95  ? 83  SER B O   1 
ATOM   1349 C  CB  . SER B 1 83 ? 17.049  2.409   6.194   1.00 8.69  ? 83  SER B CB  1 
ATOM   1350 O  OG  . SER B 1 83 ? 17.365  3.416   5.238   1.00 9.01  ? 83  SER B OG  1 
ATOM   1351 N  N   . ASP B 1 84 ? 15.904  4.640   7.828   1.00 7.96  ? 84  ASP B N   1 
ATOM   1352 C  CA  . ASP B 1 84 ? 15.806  6.119   7.819   1.00 8.31  ? 84  ASP B CA  1 
ATOM   1353 C  C   . ASP B 1 84 ? 16.269  6.526   6.443   1.00 9.79  ? 84  ASP B C   1 
ATOM   1354 O  O   . ASP B 1 84 ? 17.335  6.108   6.005   1.00 9.38  ? 84  ASP B O   1 
ATOM   1355 C  CB  . ASP B 1 84 ? 16.690  6.763   8.889   1.00 6.84  ? 84  ASP B CB  1 
ATOM   1356 C  CG  . ASP B 1 84 ? 16.138  6.592   10.290  1.00 10.66 ? 84  ASP B CG  1 
ATOM   1357 O  OD1 . ASP B 1 84 ? 16.847  6.998   11.238  1.00 11.22 ? 84  ASP B OD1 1 
ATOM   1358 O  OD2 . ASP B 1 84 ? 15.062  5.996   10.489  1.00 9.95  ? 84  ASP B OD2 1 
ATOM   1359 N  N   . VAL B 1 85 ? 15.551  7.471   5.822   1.00 5.12  ? 85  VAL B N   1 
ATOM   1360 C  CA  . VAL B 1 85 ? 15.743  7.730   4.407   1.00 6.18  ? 85  VAL B CA  1 
ATOM   1361 C  C   . VAL B 1 85 ? 15.574  9.226   4.132   1.00 7.15  ? 85  VAL B C   1 
ATOM   1362 O  O   . VAL B 1 85 ? 14.851  9.929   4.880   1.00 8.39  ? 85  VAL B O   1 
ATOM   1363 C  CB  . VAL B 1 85 ? 14.814  6.846   3.528   1.00 6.51  ? 85  VAL B CB  1 
ATOM   1364 C  CG1 . VAL B 1 85 ? 13.332  7.231   3.729   1.00 3.94  ? 85  VAL B CG1 1 
ATOM   1365 C  CG2 . VAL B 1 85 ? 15.182  6.957   2.046   1.00 5.79  ? 85  VAL B CG2 1 
ATOM   1366 N  N   . VAL B 1 86 ? 16.409  9.734   3.229   1.00 5.62  ? 86  VAL B N   1 
ATOM   1367 C  CA  . VAL B 1 86 ? 16.324  11.136  2.799   1.00 4.04  ? 86  VAL B CA  1 
ATOM   1368 C  C   . VAL B 1 86 ? 15.989  11.144  1.311   1.00 5.26  ? 86  VAL B C   1 
ATOM   1369 O  O   . VAL B 1 86 ? 16.641  10.473  0.515   1.00 4.80  ? 86  VAL B O   1 
ATOM   1370 C  CB  . VAL B 1 86 ? 17.680  11.862  3.014   1.00 8.26  ? 86  VAL B CB  1 
ATOM   1371 C  CG1 . VAL B 1 86 ? 17.530  13.329  2.654   1.00 3.87  ? 86  VAL B CG1 1 
ATOM   1372 C  CG2 . VAL B 1 86 ? 18.191  11.737  4.496   1.00 4.54  ? 86  VAL B CG2 1 
ATOM   1373 N  N   . ILE B 1 87 ? 14.980  11.921  0.931   1.00 4.64  ? 87  ILE B N   1 
ATOM   1374 C  CA  . ILE B 1 87 ? 14.421  11.871  -0.418  1.00 5.06  ? 87  ILE B CA  1 
ATOM   1375 C  C   . ILE B 1 87 ? 14.136  13.312  -0.889  1.00 4.98  ? 87  ILE B C   1 
ATOM   1376 O  O   . ILE B 1 87 ? 13.391  14.062  -0.258  1.00 4.33  ? 87  ILE B O   1 
ATOM   1377 C  CB  . ILE B 1 87 ? 13.092  11.118  -0.467  1.00 2.00  ? 87  ILE B CB  1 
ATOM   1378 C  CG1 . ILE B 1 87 ? 13.288  9.632   -0.174  1.00 8.52  ? 87  ILE B CG1 1 
ATOM   1379 C  CG2 . ILE B 1 87 ? 12.516  11.201  -1.896  1.00 4.40  ? 87  ILE B CG2 1 
ATOM   1380 C  CD1 . ILE B 1 87 ? 11.951  8.906   0.094   1.00 7.55  ? 87  ILE B CD1 1 
ATOM   1381 N  N   . GLU B 1 88 ? 14.733  13.685  -2.000  1.00 6.73  ? 88  GLU B N   1 
ATOM   1382 C  CA  . GLU B 1 88 ? 14.351  14.956  -2.617  1.00 6.02  ? 88  GLU B CA  1 
ATOM   1383 C  C   . GLU B 1 88 ? 13.047  14.714  -3.402  1.00 8.81  ? 88  GLU B C   1 
ATOM   1384 O  O   . GLU B 1 88 ? 13.010  13.852  -4.306  1.00 8.82  ? 88  GLU B O   1 
ATOM   1385 C  CB  . GLU B 1 88 ? 15.456  15.445  -3.568  1.00 7.14  ? 88  GLU B CB  1 
ATOM   1386 C  CG  . GLU B 1 88 ? 16.834  15.597  -2.905  1.00 9.18  ? 88  GLU B CG  1 
ATOM   1387 C  CD  . GLU B 1 88 ? 17.940  15.618  -3.932  1.00 13.32 ? 88  GLU B CD  1 
ATOM   1388 O  OE1 . GLU B 1 88 ? 17.677  15.165  -5.075  1.00 15.88 ? 88  GLU B OE1 1 
ATOM   1389 O  OE2 . GLU B 1 88 ? 19.065  16.069  -3.592  1.00 15.23 ? 88  GLU B OE2 1 
ATOM   1390 N  N   . THR B 1 89 ? 12.045  15.566  -3.180  1.00 8.17  ? 89  THR B N   1 
ATOM   1391 C  CA  . THR B 1 89 ? 10.731  15.403  -3.819  1.00 10.55 ? 89  THR B CA  1 
ATOM   1392 C  C   . THR B 1 89 ? 10.541  16.379  -5.019  1.00 9.22  ? 89  THR B C   1 
ATOM   1393 O  O   . THR B 1 89 ? 11.400  17.229  -5.290  1.00 8.13  ? 89  THR B O   1 
ATOM   1394 C  CB  . THR B 1 89 ? 9.605   15.644  -2.801  1.00 12.82 ? 89  THR B CB  1 
ATOM   1395 O  OG1 . THR B 1 89 ? 9.614   17.018  -2.375  1.00 10.04 ? 89  THR B OG1 1 
ATOM   1396 C  CG2 . THR B 1 89 ? 9.799   14.767  -1.567  1.00 11.56 ? 89  THR B CG2 1 
ATOM   1397 N  N   . HIS B 1 90 ? 9.426   16.234  -5.735  1.00 9.69  ? 90  HIS B N   1 
ATOM   1398 C  CA  . HIS B 1 90 ? 9.118   17.113  -6.873  1.00 9.31  ? 90  HIS B CA  1 
ATOM   1399 C  C   . HIS B 1 90 ? 10.163  17.053  -7.972  1.00 8.46  ? 90  HIS B C   1 
ATOM   1400 O  O   . HIS B 1 90 ? 10.571  18.086  -8.524  1.00 7.67  ? 90  HIS B O   1 
ATOM   1401 C  CB  . HIS B 1 90 ? 8.915   18.553  -6.439  1.00 8.29  ? 90  HIS B CB  1 
ATOM   1402 C  CG  . HIS B 1 90 ? 7.803   18.751  -5.464  1.00 8.88  ? 90  HIS B CG  1 
ATOM   1403 N  ND1 . HIS B 1 90 ? 7.880   18.332  -4.148  1.00 6.52  ? 90  HIS B ND1 1 
ATOM   1404 C  CD2 . HIS B 1 90 ? 6.613   19.388  -5.588  1.00 13.86 ? 90  HIS B CD2 1 
ATOM   1405 C  CE1 . HIS B 1 90 ? 6.825   18.779  -3.492  1.00 11.18 ? 90  HIS B CE1 1 
ATOM   1406 N  NE2 . HIS B 1 90 ? 6.058   19.447  -4.339  1.00 10.13 ? 90  HIS B NE2 1 
ATOM   1407 N  N   . LYS B 1 91 ? 10.592  15.840  -8.295  1.00 9.54  ? 91  LYS B N   1 
ATOM   1408 C  CA  . LYS B 1 91 ? 11.686  15.618  -9.241  1.00 7.64  ? 91  LYS B CA  1 
ATOM   1409 C  C   . LYS B 1 91 ? 11.259  15.160  -10.635 1.00 8.09  ? 91  LYS B C   1 
ATOM   1410 O  O   . LYS B 1 91 ? 12.108  14.754  -11.441 1.00 12.04 ? 91  LYS B O   1 
ATOM   1411 C  CB  . LYS B 1 91 ? 12.685  14.614  -8.668  1.00 8.93  ? 91  LYS B CB  1 
ATOM   1412 C  CG  . LYS B 1 91 ? 13.156  14.962  -7.278  1.00 14.73 ? 91  LYS B CG  1 
ATOM   1413 C  CD  . LYS B 1 91 ? 14.650  15.192  -7.311  1.00 25.09 ? 91  LYS B CD  1 
ATOM   1414 C  CE  . LYS B 1 91 ? 14.974  16.350  -8.223  1.00 18.18 ? 91  LYS B CE  1 
ATOM   1415 N  NZ  . LYS B 1 91 ? 15.445  17.500  -7.408  1.00 19.93 ? 91  LYS B NZ  1 
ATOM   1416 N  N   . GLU B 1 92 ? 9.966   15.178  -10.914 1.00 11.40 ? 92  GLU B N   1 
ATOM   1417 C  CA  . GLU B 1 92 ? 9.500   14.697  -12.220 1.00 13.71 ? 92  GLU B CA  1 
ATOM   1418 C  C   . GLU B 1 92 ? 10.209  15.412  -13.385 1.00 17.24 ? 92  GLU B C   1 
ATOM   1419 O  O   . GLU B 1 92 ? 10.595  14.776  -14.374 1.00 17.18 ? 92  GLU B O   1 
ATOM   1420 C  CB  . GLU B 1 92 ? 7.978   14.836  -12.351 1.00 14.83 ? 92  GLU B CB  1 
ATOM   1421 C  CG  . GLU B 1 92 ? 7.417   14.265  -13.673 1.00 9.18  ? 92  GLU B CG  1 
ATOM   1422 C  CD  . GLU B 1 92 ? 5.960   14.533  -13.833 1.00 18.50 ? 92  GLU B CD  1 
ATOM   1423 O  OE1 . GLU B 1 92 ? 5.487   15.586  -13.343 1.00 17.04 ? 92  GLU B OE1 1 
ATOM   1424 O  OE2 . GLU B 1 92 ? 5.266   13.649  -14.393 1.00 25.71 ? 92  GLU B OE2 1 
ATOM   1425 N  N   . GLU B 1 93 ? 10.327  16.734  -13.290 1.00 17.46 ? 93  GLU B N   1 
ATOM   1426 C  CA  . GLU B 1 93 ? 11.037  17.503  -14.334 1.00 20.49 ? 93  GLU B CA  1 
ATOM   1427 C  C   . GLU B 1 93 ? 12.470  17.010  -14.627 1.00 19.80 ? 93  GLU B C   1 
ATOM   1428 O  O   . GLU B 1 93 ? 12.892  16.891  -15.796 1.00 21.31 ? 93  GLU B O   1 
ATOM   1429 C  CB  . GLU B 1 93 ? 11.051  18.983  -13.945 1.00 22.19 ? 93  GLU B CB  1 
ATOM   1430 C  CG  . GLU B 1 93 ? 10.549  19.918  -15.032 1.00 33.23 ? 93  GLU B CG  1 
ATOM   1431 C  CD  . GLU B 1 93 ? 11.682  20.558  -15.799 1.00 41.14 ? 93  GLU B CD  1 
ATOM   1432 O  OE1 . GLU B 1 93 ? 12.625  19.826  -16.165 1.00 41.88 ? 93  GLU B OE1 1 
ATOM   1433 O  OE2 . GLU B 1 93 ? 11.615  21.785  -16.050 1.00 43.40 ? 93  GLU B OE2 1 
ATOM   1434 N  N   . GLU B 1 94 ? 13.217  16.726  -13.568 1.00 18.34 ? 94  GLU B N   1 
ATOM   1435 C  CA  . GLU B 1 94 ? 14.607  16.276  -13.668 1.00 17.50 ? 94  GLU B CA  1 
ATOM   1436 C  C   . GLU B 1 94 ? 14.699  14.834  -14.185 1.00 18.09 ? 94  GLU B C   1 
ATOM   1437 O  O   . GLU B 1 94 ? 15.708  14.444  -14.765 1.00 18.11 ? 94  GLU B O   1 
ATOM   1438 C  CB  . GLU B 1 94 ? 15.294  16.422  -12.306 1.00 16.00 ? 94  GLU B CB  1 
ATOM   1439 C  CG  . GLU B 1 94 ? 16.567  15.567  -12.114 1.00 15.43 ? 94  GLU B CG  1 
ATOM   1440 C  CD  . GLU B 1 94 ? 17.290  15.853  -10.824 1.00 21.38 ? 94  GLU B CD  1 
ATOM   1441 O  OE1 . GLU B 1 94 ? 18.046  14.967  -10.362 1.00 24.00 ? 94  GLU B OE1 1 
ATOM   1442 O  OE2 . GLU B 1 94 ? 17.229  17.002  -10.332 1.00 21.34 ? 94  GLU B OE2 1 
ATOM   1443 N  N   . LEU B 1 95 ? 13.657  14.038  -13.934 1.00 20.58 ? 95  LEU B N   1 
ATOM   1444 C  CA  . LEU B 1 95 ? 13.499  12.712  -14.553 1.00 23.67 ? 95  LEU B CA  1 
ATOM   1445 C  C   . LEU B 1 95 ? 13.284  12.804  -16.067 1.00 24.54 ? 95  LEU B C   1 
ATOM   1446 O  O   . LEU B 1 95 ? 13.917  12.086  -16.832 1.00 27.66 ? 95  LEU B O   1 
ATOM   1447 C  CB  . LEU B 1 95 ? 12.309  11.963  -13.911 1.00 21.34 ? 95  LEU B CB  1 
ATOM   1448 C  CG  . LEU B 1 95 ? 12.176  10.449  -14.155 1.00 21.62 ? 95  LEU B CG  1 
ATOM   1449 C  CD1 . LEU B 1 95 ? 13.433  9.744   -13.744 1.00 18.44 ? 95  LEU B CD1 1 
ATOM   1450 C  CD2 . LEU B 1 95 ? 10.973  9.896   -13.378 1.00 18.64 ? 95  LEU B CD2 1 
ATOM   1451 N  N   . THR B 1 96 ? 12.445  13.749  -16.474 1.00 28.76 ? 96  THR B N   1 
ATOM   1452 C  CA  . THR B 1 96 ? 11.458  13.560  -17.538 1.00 28.25 ? 96  THR B CA  1 
ATOM   1453 C  C   . THR B 1 96 ? 11.463  14.719  -18.552 1.00 30.10 ? 96  THR B C   1 
ATOM   1454 O  O   . THR B 1 96 ? 11.656  15.897  -18.199 1.00 31.54 ? 96  THR B O   1 
ATOM   1455 C  CB  . THR B 1 96 ? 10.057  13.400  -16.919 1.00 27.26 ? 96  THR B CB  1 
ATOM   1456 O  OG1 . THR B 1 96 ? 9.832   12.019  -16.588 1.00 28.66 ? 96  THR B OG1 1 
ATOM   1457 C  CG2 . THR B 1 96 ? 8.960   13.881  -17.854 1.00 31.49 ? 96  THR B CG2 1 
HETATM 1458 FE FE1 . FES C 2 .  ? -3.332  -10.714 -3.364  1.00 6.05  ? 99  FES A FE1 1 
HETATM 1459 FE FE2 . FES C 2 .  ? -2.111  -12.057 -5.402  1.00 7.87  ? 99  FES A FE2 1 
HETATM 1460 S  S1  . FES C 2 .  ? -3.775  -10.622 -5.472  1.00 6.52  ? 99  FES A S1  1 
HETATM 1461 S  S2  . FES C 2 .  ? -1.793  -12.215 -3.202  1.00 7.53  ? 99  FES A S2  1 
HETATM 1462 FE FE1 . FES D 2 .  ? 3.228   7.658   -8.287  1.00 5.89  ? 99  FES B FE1 1 
HETATM 1463 FE FE2 . FES D 2 .  ? 1.940   7.864   -10.709 1.00 7.46  ? 99  FES B FE2 1 
HETATM 1464 S  S1  . FES D 2 .  ? 3.599   6.576   -10.099 1.00 5.47  ? 99  FES B S1  1 
HETATM 1465 S  S2  . FES D 2 .  ? 1.700   9.086   -8.880  1.00 5.93  ? 99  FES B S2  1 
HETATM 1466 O  O   . HOH E 3 .  ? -8.171  -14.501 2.495   1.00 7.75  ? 100 HOH A O   1 
HETATM 1467 O  O   . HOH E 3 .  ? -3.183  -17.492 11.870  1.00 24.37 ? 101 HOH A O   1 
HETATM 1468 O  O   . HOH E 3 .  ? -12.558 -21.188 -0.631  1.00 18.43 ? 102 HOH A O   1 
HETATM 1469 O  O   . HOH E 3 .  ? -11.157 6.688   6.326   1.00 19.89 ? 103 HOH A O   1 
HETATM 1470 O  O   . HOH E 3 .  ? 4.477   -7.522  -0.054  1.00 23.77 ? 104 HOH A O   1 
HETATM 1471 O  O   . HOH E 3 .  ? -12.584 -0.717  -4.074  1.00 12.68 ? 105 HOH A O   1 
HETATM 1472 O  O   . HOH E 3 .  ? -0.821  3.560   9.794   1.00 11.67 ? 106 HOH A O   1 
HETATM 1473 O  O   . HOH E 3 .  ? -4.713  -4.971  15.195  1.00 24.78 ? 107 HOH A O   1 
HETATM 1474 O  O   . HOH E 3 .  ? -5.125  -19.329 -1.056  1.00 15.72 ? 108 HOH A O   1 
HETATM 1475 O  O   . HOH E 3 .  ? -15.186 -3.914  -2.661  1.00 15.53 ? 109 HOH A O   1 
HETATM 1476 O  O   . HOH E 3 .  ? 0.002   -6.697  0.791   1.00 12.89 ? 110 HOH A O   1 
HETATM 1477 O  O   . HOH E 3 .  ? -14.078 7.566   9.205   1.00 20.02 ? 111 HOH A O   1 
HETATM 1478 O  O   . HOH E 3 .  ? -4.012  3.049   -5.539  1.00 16.54 ? 112 HOH A O   1 
HETATM 1479 O  O   . HOH E 3 .  ? -6.348  3.044   -2.921  1.00 23.66 ? 113 HOH A O   1 
HETATM 1480 O  O   . HOH E 3 .  ? -19.255 -4.293  9.393   1.00 8.81  ? 114 HOH A O   1 
HETATM 1481 O  O   . HOH E 3 .  ? -8.938  3.465   3.275   1.00 7.34  ? 115 HOH A O   1 
HETATM 1482 O  O   . HOH E 3 .  ? 3.860   -5.832  -3.734  1.00 23.67 ? 116 HOH A O   1 
HETATM 1483 O  O   . HOH E 3 .  ? -16.401 -6.445  -3.027  1.00 7.71  ? 117 HOH A O   1 
HETATM 1484 O  O   . HOH E 3 .  ? -9.047  -4.878  17.714  1.00 23.59 ? 118 HOH A O   1 
HETATM 1485 O  O   . HOH E 3 .  ? -18.822 -3.523  0.495   1.00 10.71 ? 119 HOH A O   1 
HETATM 1486 O  O   . HOH E 3 .  ? -5.500  -13.551 2.416   1.00 9.20  ? 120 HOH A O   1 
HETATM 1487 O  O   . HOH E 3 .  ? -15.487 2.432   0.112   1.00 21.49 ? 121 HOH A O   1 
HETATM 1488 O  O   . HOH E 3 .  ? -4.611  -9.591  -12.963 1.00 22.58 ? 122 HOH A O   1 
HETATM 1489 O  O   . HOH E 3 .  ? -21.018 -12.562 2.527   1.00 26.21 ? 123 HOH A O   1 
HETATM 1490 O  O   . HOH E 3 .  ? -9.268  -21.550 -0.617  1.00 23.79 ? 124 HOH A O   1 
HETATM 1491 O  O   . HOH E 3 .  ? -18.027 -8.608  -14.693 1.00 17.33 ? 125 HOH A O   1 
HETATM 1492 O  O   . HOH E 3 .  ? -14.978 -18.124 16.000  1.00 21.70 ? 126 HOH A O   1 
HETATM 1493 O  O   . HOH E 3 .  ? -17.855 1.823   10.462  1.00 18.36 ? 127 HOH A O   1 
HETATM 1494 O  O   . HOH E 3 .  ? -7.800  -16.940 -0.218  1.00 13.89 ? 128 HOH A O   1 
HETATM 1495 O  O   . HOH E 3 .  ? -8.746  -27.587 -5.016  1.00 26.46 ? 129 HOH A O   1 
HETATM 1496 O  O   . HOH E 3 .  ? 1.205   -5.490  -1.216  1.00 22.02 ? 130 HOH A O   1 
HETATM 1497 O  O   . HOH E 3 .  ? -16.358 -2.503  -0.497  1.00 7.89  ? 131 HOH A O   1 
HETATM 1498 O  O   . HOH E 3 .  ? 0.247   -13.466 5.372   1.00 18.12 ? 132 HOH A O   1 
HETATM 1499 O  O   . HOH E 3 .  ? -1.981  0.851   -9.811  1.00 16.63 ? 133 HOH A O   1 
HETATM 1500 O  O   . HOH E 3 .  ? -14.790 -5.746  -14.855 1.00 11.03 ? 134 HOH A O   1 
HETATM 1501 O  O   . HOH E 3 .  ? -3.426  -19.940 7.348   1.00 21.72 ? 135 HOH A O   1 
HETATM 1502 O  O   . HOH E 3 .  ? -13.095 -12.311 -15.001 1.00 13.97 ? 136 HOH A O   1 
HETATM 1503 O  O   . HOH E 3 .  ? -5.697  4.263   1.513   1.00 15.69 ? 137 HOH A O   1 
HETATM 1504 O  O   . HOH E 3 .  ? -11.626 -15.212 -11.465 1.00 21.93 ? 138 HOH A O   1 
HETATM 1505 O  O   . HOH E 3 .  ? 4.774   -8.234  -4.164  1.00 20.35 ? 139 HOH A O   1 
HETATM 1506 O  O   . HOH E 3 .  ? -22.249 -10.516 -9.240  1.00 22.40 ? 140 HOH A O   1 
HETATM 1507 O  O   . HOH E 3 .  ? 4.327   -10.489 -7.377  1.00 20.72 ? 141 HOH A O   1 
HETATM 1508 O  O   . HOH E 3 .  ? -15.937 -5.140  12.310  1.00 14.57 ? 142 HOH A O   1 
HETATM 1509 O  O   . HOH E 3 .  ? -0.101  -2.070  -7.736  1.00 21.81 ? 143 HOH A O   1 
HETATM 1510 O  O   . HOH E 3 .  ? -13.082 -18.364 6.052   1.00 18.10 ? 144 HOH A O   1 
HETATM 1511 O  O   . HOH E 3 .  ? 3.807   -15.033 -7.346  1.00 22.52 ? 145 HOH A O   1 
HETATM 1512 O  O   . HOH E 3 .  ? -2.552  2.642   -2.374  1.00 22.84 ? 146 HOH A O   1 
HETATM 1513 O  O   . HOH E 3 .  ? -12.571 -24.403 12.693  1.00 23.20 ? 147 HOH A O   1 
HETATM 1514 O  O   . HOH E 3 .  ? -7.442  -20.182 0.353   1.00 15.90 ? 148 HOH A O   1 
HETATM 1515 O  O   . HOH E 3 .  ? -6.005  6.431   12.642  1.00 22.63 ? 149 HOH A O   1 
HETATM 1516 O  O   . HOH E 3 .  ? -3.050  -20.356 -1.207  1.00 21.24 ? 150 HOH A O   1 
HETATM 1517 O  O   . HOH E 3 .  ? -7.205  -21.859 2.579   1.00 22.83 ? 151 HOH A O   1 
HETATM 1518 O  O   . HOH E 3 .  ? -6.268  -0.623  -2.999  1.00 14.69 ? 152 HOH A O   1 
HETATM 1519 O  O   . HOH E 3 .  ? -3.339  0.493   -3.604  1.00 19.39 ? 153 HOH A O   1 
HETATM 1520 O  O   . HOH E 3 .  ? -1.850  4.191   12.203  1.00 22.20 ? 154 HOH A O   1 
HETATM 1521 O  O   . HOH E 3 .  ? -19.361 -11.621 12.698  1.00 17.48 ? 155 HOH A O   1 
HETATM 1522 O  O   . HOH E 3 .  ? -4.242  -16.338 -10.115 1.00 19.62 ? 156 HOH A O   1 
HETATM 1523 O  O   . HOH E 3 .  ? 6.261   -13.958 2.435   1.00 18.73 ? 157 HOH A O   1 
HETATM 1524 O  O   . HOH E 3 .  ? -13.944 1.473   14.758  1.00 14.93 ? 158 HOH A O   1 
HETATM 1525 O  O   . HOH E 3 .  ? -21.772 -8.309  9.921   1.00 27.29 ? 161 HOH A O   1 
HETATM 1526 O  O   . HOH E 3 .  ? -11.294 -12.399 -12.655 1.00 18.18 ? 165 HOH A O   1 
HETATM 1527 O  O   . HOH E 3 .  ? -0.084  3.097   2.421   1.00 6.09  ? 166 HOH A O   1 
HETATM 1528 O  O   . HOH E 3 .  ? -22.518 -12.211 9.394   1.00 6.11  ? 167 HOH A O   1 
HETATM 1529 O  O   . HOH E 3 .  ? -21.336 -10.659 11.389  1.00 5.34  ? 168 HOH A O   1 
HETATM 1530 O  O   . HOH F 3 .  ? 15.437  -2.222  1.075   1.00 17.51 ? 100 HOH B O   1 
HETATM 1531 O  O   . HOH F 3 .  ? 2.391   14.953  -13.388 1.00 26.60 ? 101 HOH B O   1 
HETATM 1532 O  O   . HOH F 3 .  ? 19.476  8.095   5.600   1.00 8.20  ? 102 HOH B O   1 
HETATM 1533 O  O   . HOH F 3 .  ? 8.199   13.770  -5.210  1.00 5.50  ? 103 HOH B O   1 
HETATM 1534 O  O   . HOH F 3 .  ? 0.169   -1.477  3.659   1.00 5.98  ? 104 HOH B O   1 
HETATM 1535 O  O   . HOH F 3 .  ? -4.355  6.258   -3.498  1.00 24.39 ? 105 HOH B O   1 
HETATM 1536 O  O   . HOH F 3 .  ? 14.423  -2.315  -16.353 1.00 19.68 ? 106 HOH B O   1 
HETATM 1537 O  O   . HOH F 3 .  ? -0.175  16.687  -7.860  1.00 15.01 ? 107 HOH B O   1 
HETATM 1538 O  O   . HOH F 3 .  ? 0.028   0.300   1.405   1.00 8.08  ? 108 HOH B O   1 
HETATM 1539 O  O   . HOH F 3 .  ? 1.142   1.653   10.294  1.00 9.52  ? 109 HOH B O   1 
HETATM 1540 O  O   . HOH F 3 .  ? 2.815   11.901  -15.702 1.00 32.61 ? 110 HOH B O   1 
HETATM 1541 O  O   . HOH F 3 .  ? 12.535  18.208  -11.082 1.00 13.31 ? 111 HOH B O   1 
HETATM 1542 O  O   . HOH F 3 .  ? 23.368  7.673   -8.317  1.00 23.11 ? 112 HOH B O   1 
HETATM 1543 O  O   . HOH F 3 .  ? 6.238   -1.079  -2.941  1.00 13.90 ? 113 HOH B O   1 
HETATM 1544 O  O   . HOH F 3 .  ? -0.016  6.406   -2.616  1.00 17.29 ? 114 HOH B O   1 
HETATM 1545 O  O   . HOH F 3 .  ? 17.519  -0.135  -17.385 1.00 22.63 ? 115 HOH B O   1 
HETATM 1546 O  O   . HOH F 3 .  ? 5.571   12.878  -4.703  1.00 6.30  ? 116 HOH B O   1 
HETATM 1547 O  O   . HOH F 3 .  ? 11.423  7.835   -17.568 1.00 17.88 ? 117 HOH B O   1 
HETATM 1548 O  O   . HOH F 3 .  ? 12.639  -1.594  -4.164  1.00 12.24 ? 118 HOH B O   1 
HETATM 1549 O  O   . HOH F 3 .  ? 16.258  10.541  7.842   1.00 17.33 ? 119 HOH B O   1 
HETATM 1550 O  O   . HOH F 3 .  ? 18.542  9.933   7.714   1.00 23.59 ? 120 HOH B O   1 
HETATM 1551 O  O   . HOH F 3 .  ? 19.954  17.172  -1.260  1.00 13.49 ? 121 HOH B O   1 
HETATM 1552 O  O   . HOH F 3 .  ? 15.129  1.985   -4.594  1.00 11.12 ? 122 HOH B O   1 
HETATM 1553 O  O   . HOH F 3 .  ? 16.275  3.927   -6.223  1.00 8.67  ? 123 HOH B O   1 
HETATM 1554 O  O   . HOH F 3 .  ? 16.246  1.786   -2.143  1.00 8.21  ? 124 HOH B O   1 
HETATM 1555 O  O   . HOH F 3 .  ? 10.923  4.608   -17.278 1.00 16.75 ? 125 HOH B O   1 
HETATM 1556 O  O   . HOH F 3 .  ? 11.459  -2.908  8.625   1.00 17.42 ? 126 HOH B O   1 
HETATM 1557 O  O   . HOH F 3 .  ? 10.648  1.416   14.635  1.00 18.18 ? 127 HOH B O   1 
HETATM 1558 O  O   . HOH F 3 .  ? 4.268   4.312   13.548  1.00 21.79 ? 128 HOH B O   1 
HETATM 1559 O  O   . HOH F 3 .  ? 7.727   14.694  -8.820  1.00 15.40 ? 129 HOH B O   1 
HETATM 1560 O  O   . HOH F 3 .  ? 6.044   16.180  9.541   1.00 24.70 ? 130 HOH B O   1 
HETATM 1561 O  O   . HOH F 3 .  ? 2.565   -3.509  -0.770  1.00 18.44 ? 131 HOH B O   1 
HETATM 1562 O  O   . HOH F 3 .  ? 9.094   -1.455  4.436   1.00 13.50 ? 132 HOH B O   1 
HETATM 1563 O  O   . HOH F 3 .  ? -0.194  6.335   8.971   1.00 19.83 ? 133 HOH B O   1 
HETATM 1564 O  O   . HOH F 3 .  ? 22.033  12.143  4.195   1.00 21.67 ? 134 HOH B O   1 
HETATM 1565 O  O   . HOH F 3 .  ? 1.447   14.992  -0.410  1.00 19.36 ? 135 HOH B O   1 
HETATM 1566 O  O   . HOH F 3 .  ? 10.842  -5.043  2.391   1.00 18.97 ? 136 HOH B O   1 
HETATM 1567 O  O   . HOH F 3 .  ? 13.992  -2.895  6.634   1.00 29.13 ? 137 HOH B O   1 
HETATM 1568 O  O   . HOH F 3 .  ? 13.589  2.648   13.320  1.00 25.21 ? 138 HOH B O   1 
HETATM 1569 O  O   . HOH F 3 .  ? 18.818  3.020   -1.701  1.00 11.20 ? 139 HOH B O   1 
HETATM 1570 O  O   . HOH F 3 .  ? 10.527  3.942   16.157  1.00 27.41 ? 140 HOH B O   1 
HETATM 1571 O  O   . HOH F 3 .  ? 5.148   16.163  -10.712 1.00 17.32 ? 141 HOH B O   1 
HETATM 1572 O  O   . HOH F 3 .  ? 16.141  8.530   -16.393 1.00 27.85 ? 142 HOH B O   1 
HETATM 1573 O  O   . HOH F 3 .  ? 8.815   -3.449  2.528   1.00 21.00 ? 143 HOH B O   1 
HETATM 1574 O  O   . HOH F 3 .  ? 6.345   -4.383  -0.971  1.00 20.35 ? 144 HOH B O   1 
HETATM 1575 O  O   . HOH F 3 .  ? 21.921  4.692   -13.689 1.00 26.61 ? 145 HOH B O   1 
HETATM 1576 O  O   . HOH F 3 .  ? 3.642   21.088  -3.661  1.00 23.89 ? 146 HOH B O   1 
HETATM 1577 O  O   . HOH F 3 .  ? 0.566   -1.042  11.204  1.00 18.81 ? 147 HOH B O   1 
HETATM 1578 O  O   . HOH F 3 .  ? 5.541   -3.429  3.235   1.00 25.97 ? 148 HOH B O   1 
HETATM 1579 O  O   . HOH F 3 .  ? 8.317   -6.458  -0.728  1.00 24.45 ? 149 HOH B O   1 
HETATM 1580 O  O   . HOH F 3 .  ? 17.927  3.329   9.719   1.00 21.63 ? 150 HOH B O   1 
HETATM 1581 O  O   . HOH F 3 .  ? 6.532   0.493   13.946  1.00 21.04 ? 151 HOH B O   1 
HETATM 1582 O  O   . HOH F 3 .  ? 9.272   6.951   15.499  1.00 22.71 ? 152 HOH B O   1 
HETATM 1583 O  O   . HOH F 3 .  ? 9.225   18.402  -11.421 1.00 17.68 ? 153 HOH B O   1 
HETATM 1584 O  O   . HOH F 3 .  ? -1.222  4.047   -3.602  1.00 20.37 ? 154 HOH B O   1 
HETATM 1585 O  O   . HOH F 3 .  ? -4.722  5.699   -11.519 1.00 18.68 ? 155 HOH B O   1 
HETATM 1586 O  O   . HOH F 3 .  ? -0.270  14.330  -1.976  1.00 24.74 ? 156 HOH B O   1 
HETATM 1587 O  O   . HOH F 3 .  ? 18.667  7.198   -14.345 1.00 25.44 ? 157 HOH B O   1 
HETATM 1588 O  O   . HOH F 3 .  ? 7.409   17.762  -9.694  1.00 11.06 ? 158 HOH B O   1 
HETATM 1589 O  O   . HOH F 3 .  ? 6.375   8.610   15.982  1.00 23.16 ? 159 HOH B O   1 
HETATM 1590 O  O   . HOH F 3 .  ? 22.764  14.898  -2.497  1.00 28.73 ? 160 HOH B O   1 
HETATM 1591 O  O   . HOH F 3 .  ? 1.915   2.723   12.750  1.00 22.65 ? 161 HOH B O   1 
HETATM 1592 O  O   . HOH F 3 .  ? 21.494  16.380  0.140   1.00 26.28 ? 162 HOH B O   1 
HETATM 1593 O  O   . HOH F 3 .  ? 14.500  5.008   12.955  1.00 21.70 ? 163 HOH B O   1 
HETATM 1594 O  O   . HOH F 3 .  ? 1.075   17.982  -9.318  1.00 14.12 ? 164 HOH B O   1 
# 
